data_2VHX
#
_entry.id   2VHX
#
_cell.length_a   176.247
_cell.length_b   171.767
_cell.length_c   98.254
_cell.angle_alpha   90.00
_cell.angle_beta   90.00
_cell.angle_gamma   90.00
#
_symmetry.space_group_name_H-M   'P 21 21 2'
#
loop_
_entity.id
_entity.type
_entity.pdbx_description
1 polymer 'ALANINE DEHYDROGENASE'
2 non-polymer 'MAGNESIUM ION'
3 non-polymer 'PYRUVIC ACID'
4 non-polymer NICOTINAMIDE-ADENINE-DINUCLEOTIDE
5 water water
#
_entity_poly.entity_id   1
_entity_poly.type   'polypeptide(L)'
_entity_poly.pdbx_seq_one_letter_code
;MRVGIPTETKNNEFRVAITPAGVAELTRRGHEVLIQAGAGEGSAITDADFKAAGAQLVGTADQVWADADLLLKVKEPIAA
EYGRLRHGQILFTFLHLAASRACTDALLDSGTTSIAYETVQTADGALPLLAPMSEVAGRLAAQVGAYHLMRTQGGRGVLM
GGVPGVEPADVVVIGAGTAGYNAARIANGMGATVTVLDINIDKLRQLDAEFCGRIHTRYSSAYELEGAVKRADLVIGAVL
VPGAKAPKLVSNSLVAHMKPGAVLVDIAIDQGGCFEGSRPTTYDHPTFAVHDTLFYCVANMPASVPKTSTYALTNATMPY
VLELADHGWRAACRSNPALAKGLSTHEGALLSERVATDLGVPFTEPASVLAHHHHHH
;
_entity_poly.pdbx_strand_id   A,B,C,D,E,F
#
# COMPACT_ATOMS: atom_id res chain seq x y z
N MET A 1 11.15 41.86 23.71
CA MET A 1 12.03 42.56 22.75
C MET A 1 11.39 42.74 21.40
N ARG A 2 12.06 43.47 20.52
CA ARG A 2 11.59 43.77 19.17
C ARG A 2 12.22 42.82 18.13
N VAL A 3 11.36 42.10 17.41
CA VAL A 3 11.80 41.16 16.39
C VAL A 3 11.49 41.73 15.01
N GLY A 4 12.51 41.86 14.18
CA GLY A 4 12.36 42.48 12.88
C GLY A 4 12.63 41.54 11.74
N ILE A 5 11.76 41.57 10.73
CA ILE A 5 11.93 40.74 9.54
C ILE A 5 11.85 41.66 8.31
N PRO A 6 13.00 41.91 7.62
CA PRO A 6 13.01 42.72 6.41
C PRO A 6 12.70 41.88 5.18
N THR A 7 12.35 42.56 4.09
CA THR A 7 12.13 41.89 2.82
C THR A 7 13.48 41.29 2.40
N GLU A 8 13.51 40.01 1.96
CA GLU A 8 14.72 39.45 1.35
C GLU A 8 15.08 40.28 0.11
N THR A 9 16.36 40.59 -0.05
CA THR A 9 16.81 41.35 -1.19
C THR A 9 17.61 40.60 -2.23
N LYS A 10 17.93 39.33 -2.01
CA LYS A 10 18.67 38.61 -3.06
C LYS A 10 17.81 38.40 -4.33
N ASN A 11 18.41 38.59 -5.51
CA ASN A 11 17.76 38.34 -6.80
C ASN A 11 17.07 36.96 -6.73
N ASN A 12 15.78 36.92 -7.05
CA ASN A 12 14.92 35.73 -6.96
C ASN A 12 14.65 35.06 -5.60
N GLU A 13 14.92 35.78 -4.51
CA GLU A 13 14.63 35.22 -3.20
C GLU A 13 13.24 35.66 -2.77
N PHE A 14 12.31 34.72 -2.69
CA PHE A 14 10.92 35.08 -2.41
C PHE A 14 10.45 34.63 -1.03
N ARG A 15 11.28 33.90 -0.30
CA ARG A 15 10.89 33.45 1.03
C ARG A 15 10.94 34.60 2.03
N VAL A 16 10.36 34.39 3.21
CA VAL A 16 10.42 35.38 4.25
C VAL A 16 10.70 34.66 5.56
N ALA A 17 11.32 35.34 6.52
CA ALA A 17 11.80 34.65 7.73
C ALA A 17 10.77 34.43 8.83
N ILE A 18 9.51 34.76 8.57
CA ILE A 18 8.43 34.50 9.53
C ILE A 18 7.10 34.36 8.81
N THR A 19 6.13 33.69 9.44
CA THR A 19 4.77 33.65 8.99
C THR A 19 3.86 34.23 10.07
N PRO A 20 2.57 34.44 9.76
CA PRO A 20 1.64 34.94 10.78
C PRO A 20 1.52 34.06 12.04
N ALA A 21 1.57 32.74 11.88
CA ALA A 21 1.62 31.83 13.03
C ALA A 21 2.74 32.27 13.97
N GLY A 22 3.91 32.57 13.42
CA GLY A 22 5.06 32.97 14.19
C GLY A 22 4.87 34.32 14.83
N VAL A 23 4.28 35.24 14.07
CA VAL A 23 4.04 36.59 14.54
C VAL A 23 3.09 36.46 15.73
N ALA A 24 2.02 35.68 15.56
CA ALA A 24 1.03 35.52 16.62
C ALA A 24 1.65 35.01 17.91
N GLU A 25 2.60 34.09 17.81
CA GLU A 25 3.18 33.48 19.01
C GLU A 25 4.14 34.42 19.76
N LEU A 26 4.95 35.17 19.01
CA LEU A 26 5.85 36.19 19.55
C LEU A 26 5.05 37.27 20.25
N THR A 27 4.07 37.81 19.53
CA THR A 27 3.13 38.81 20.02
C THR A 27 2.42 38.37 21.29
N ARG A 28 1.97 37.11 21.33
CA ARG A 28 1.29 36.57 22.50
C ARG A 28 2.20 36.60 23.73
N ARG A 29 3.50 36.46 23.50
CA ARG A 29 4.49 36.44 24.58
C ARG A 29 5.00 37.81 24.94
N GLY A 30 4.43 38.85 24.33
CA GLY A 30 4.76 40.23 24.66
C GLY A 30 5.98 40.73 23.91
N HIS A 31 6.29 40.09 22.78
CA HIS A 31 7.27 40.66 21.87
C HIS A 31 6.58 41.49 20.82
N GLU A 32 7.26 42.54 20.39
CA GLU A 32 6.80 43.41 19.33
C GLU A 32 7.47 42.89 18.06
N VAL A 33 6.70 42.76 16.99
CA VAL A 33 7.22 42.24 15.73
C VAL A 33 7.12 43.32 14.63
N LEU A 34 8.25 43.61 13.99
CA LEU A 34 8.36 44.64 12.98
C LEU A 34 8.63 44.03 11.65
N ILE A 35 7.74 44.20 10.69
CA ILE A 35 7.93 43.58 9.38
C ILE A 35 7.92 44.64 8.28
N GLN A 36 8.87 44.56 7.38
CA GLN A 36 8.88 45.48 6.25
C GLN A 36 7.69 45.20 5.31
N ALA A 37 7.04 46.28 4.89
CA ALA A 37 5.88 46.23 3.99
C ALA A 37 6.22 45.45 2.74
N GLY A 38 5.47 44.38 2.47
CA GLY A 38 5.69 43.62 1.25
C GLY A 38 6.56 42.36 1.45
N ALA A 39 7.11 42.18 2.65
CA ALA A 39 8.09 41.13 2.94
C ALA A 39 7.59 39.73 2.62
N GLY A 40 6.30 39.50 2.84
CA GLY A 40 5.67 38.17 2.69
C GLY A 40 4.94 37.96 1.35
N GLU A 41 4.91 39.00 0.52
CA GLU A 41 4.23 38.97 -0.79
C GLU A 41 4.71 37.81 -1.68
N GLY A 42 6.02 37.57 -1.75
CA GLY A 42 6.54 36.37 -2.45
C GLY A 42 6.02 35.04 -1.99
N SER A 43 5.60 34.97 -0.73
CA SER A 43 5.22 33.71 -0.09
C SER A 43 3.72 33.61 0.06
N ALA A 44 3.07 34.59 -0.57
CA ALA A 44 1.63 34.72 -0.55
C ALA A 44 1.11 35.05 0.84
N ILE A 45 1.92 35.75 1.63
CA ILE A 45 1.44 36.42 2.85
C ILE A 45 1.35 37.94 2.66
N THR A 46 0.15 38.49 2.77
CA THR A 46 -0.11 39.93 2.63
C THR A 46 0.25 40.71 3.88
N ASP A 47 0.44 42.02 3.73
CA ASP A 47 0.67 42.88 4.87
C ASP A 47 -0.51 42.75 5.86
N ALA A 48 -1.72 42.66 5.32
CA ALA A 48 -2.93 42.50 6.13
C ALA A 48 -2.86 41.26 7.02
N ASP A 49 -2.45 40.13 6.45
CA ASP A 49 -2.26 38.87 7.18
C ASP A 49 -1.30 39.01 8.36
N PHE A 50 -0.20 39.73 8.13
CA PHE A 50 0.85 39.91 9.13
C PHE A 50 0.37 40.88 10.25
N LYS A 51 -0.28 41.96 9.85
CA LYS A 51 -0.89 42.88 10.78
C LYS A 51 -2.00 42.27 11.65
N ALA A 52 -2.82 41.41 11.05
CA ALA A 52 -3.84 40.69 11.82
C ALA A 52 -3.22 39.84 12.92
N ALA A 53 -2.10 39.18 12.62
CA ALA A 53 -1.36 38.37 13.59
C ALA A 53 -0.67 39.19 14.67
N GLY A 54 -0.51 40.50 14.45
CA GLY A 54 0.05 41.38 15.47
C GLY A 54 1.23 42.26 15.12
N ALA A 55 1.68 42.23 13.87
CA ALA A 55 2.91 42.92 13.47
C ALA A 55 2.71 44.42 13.28
N GLN A 56 3.79 45.18 13.48
CA GLN A 56 3.80 46.54 13.00
C GLN A 56 4.44 46.47 11.62
N LEU A 57 3.76 47.00 10.61
CA LEU A 57 4.33 47.06 9.27
C LEU A 57 5.06 48.39 9.06
N VAL A 58 6.29 48.29 8.57
CA VAL A 58 7.16 49.45 8.44
C VAL A 58 7.51 49.62 6.96
N GLY A 59 7.60 50.87 6.53
CA GLY A 59 7.87 51.22 5.14
C GLY A 59 9.24 50.79 4.66
N THR A 60 10.24 50.92 5.52
CA THR A 60 11.61 50.88 5.09
C THR A 60 12.40 49.71 5.63
N ALA A 61 13.38 49.30 4.86
CA ALA A 61 14.29 48.30 5.31
C ALA A 61 15.10 48.85 6.48
N ASP A 62 15.55 50.10 6.41
CA ASP A 62 16.46 50.49 7.49
C ASP A 62 15.76 50.69 8.84
N GLN A 63 14.45 50.93 8.81
CA GLN A 63 13.76 51.08 10.08
C GLN A 63 13.64 49.74 10.79
N VAL A 64 13.42 48.69 10.02
CA VAL A 64 13.37 47.35 10.58
C VAL A 64 14.73 47.02 11.19
N TRP A 65 15.80 47.40 10.50
CA TRP A 65 17.13 46.96 10.93
C TRP A 65 17.55 47.81 12.12
N ALA A 66 17.18 49.10 12.09
CA ALA A 66 17.54 50.04 13.12
C ALA A 66 16.80 49.79 14.44
N ASP A 67 15.56 49.30 14.36
CA ASP A 67 14.71 49.10 15.55
C ASP A 67 14.68 47.65 16.12
N ALA A 68 15.08 46.64 15.36
CA ALA A 68 14.96 45.27 15.86
C ALA A 68 16.12 44.89 16.78
N ASP A 69 15.81 44.11 17.82
CA ASP A 69 16.84 43.52 18.69
C ASP A 69 17.21 42.16 18.16
N LEU A 70 16.21 41.48 17.59
CA LEU A 70 16.43 40.25 16.91
C LEU A 70 16.03 40.47 15.44
N LEU A 71 16.97 40.21 14.54
CA LEU A 71 16.74 40.30 13.12
C LEU A 71 16.71 38.94 12.44
N LEU A 72 15.54 38.54 11.93
CA LEU A 72 15.37 37.26 11.22
C LEU A 72 15.41 37.43 9.71
N LYS A 73 16.19 36.58 9.05
CA LYS A 73 16.25 36.60 7.60
C LYS A 73 16.28 35.18 7.12
N VAL A 74 16.25 35.01 5.81
CA VAL A 74 16.39 33.68 5.22
C VAL A 74 17.81 33.49 4.71
N LYS A 75 18.28 34.45 3.94
CA LYS A 75 19.63 34.48 3.39
C LYS A 75 20.60 35.41 4.13
N GLU A 76 21.87 35.33 3.75
CA GLU A 76 22.93 36.13 4.36
C GLU A 76 22.75 37.55 3.86
N PRO A 77 23.10 38.57 4.67
CA PRO A 77 23.10 39.93 4.15
C PRO A 77 24.01 40.13 2.94
N ILE A 78 23.58 40.99 2.01
CA ILE A 78 24.37 41.31 0.82
C ILE A 78 24.95 42.72 0.97
N ALA A 79 25.72 43.17 -0.02
CA ALA A 79 26.51 44.40 0.11
C ALA A 79 25.66 45.59 0.49
N ALA A 80 24.49 45.72 -0.15
CA ALA A 80 23.55 46.82 0.09
C ALA A 80 23.07 46.90 1.55
N GLU A 81 23.28 45.83 2.32
CA GLU A 81 22.81 45.70 3.71
C GLU A 81 23.91 45.81 4.74
N TYR A 82 25.16 45.78 4.28
CA TYR A 82 26.28 45.71 5.21
C TYR A 82 26.27 46.89 6.17
N GLY A 83 25.81 48.04 5.67
CA GLY A 83 25.80 49.27 6.43
C GLY A 83 24.65 49.25 7.43
N ARG A 84 23.80 48.22 7.34
CA ARG A 84 22.64 48.06 8.24
C ARG A 84 22.96 47.18 9.47
N LEU A 85 24.02 46.38 9.37
CA LEU A 85 24.49 45.53 10.48
C LEU A 85 24.89 46.38 11.69
N ARG A 86 24.63 45.90 12.91
CA ARG A 86 24.97 46.68 14.13
C ARG A 86 25.29 45.86 15.40
N HIS A 87 26.19 46.39 16.24
CA HIS A 87 26.49 45.95 17.63
C HIS A 87 25.16 45.85 18.35
N GLY A 88 24.95 44.80 19.15
CA GLY A 88 23.76 44.73 20.02
C GLY A 88 22.51 44.17 19.36
N GLN A 89 22.64 43.70 18.14
CA GLN A 89 21.56 43.06 17.41
C GLN A 89 21.98 41.63 17.21
N ILE A 90 21.01 40.72 17.29
CA ILE A 90 21.20 39.31 17.01
C ILE A 90 20.63 39.06 15.62
N LEU A 91 21.48 38.54 14.73
CA LEU A 91 21.09 38.16 13.36
C LEU A 91 20.98 36.66 13.29
N PHE A 92 19.85 36.17 12.79
CA PHE A 92 19.56 34.74 12.73
C PHE A 92 19.07 34.45 11.30
N THR A 93 19.90 33.76 10.53
CA THR A 93 19.67 33.56 9.09
C THR A 93 20.61 32.43 8.56
N PHE A 94 20.47 32.04 7.30
CA PHE A 94 21.48 31.15 6.67
C PHE A 94 22.65 32.04 6.33
N LEU A 95 23.85 31.70 6.78
CA LEU A 95 24.98 32.59 6.61
C LEU A 95 26.00 32.12 5.58
N HIS A 96 26.34 30.83 5.62
CA HIS A 96 27.38 30.24 4.75
C HIS A 96 28.64 31.07 4.72
N LEU A 97 29.17 31.35 5.91
CA LEU A 97 30.30 32.25 6.06
C LEU A 97 31.57 31.78 5.31
N ALA A 98 31.80 30.47 5.24
CA ALA A 98 33.00 29.93 4.59
C ALA A 98 33.06 30.31 3.11
N ALA A 99 31.88 30.53 2.52
CA ALA A 99 31.70 30.86 1.11
C ALA A 99 31.88 32.37 0.81
N SER A 100 31.95 33.20 1.85
CA SER A 100 32.07 34.63 1.64
C SER A 100 32.88 35.36 2.71
N ARG A 101 34.11 35.73 2.37
CA ARG A 101 34.86 36.58 3.26
C ARG A 101 34.23 37.96 3.42
N ALA A 102 33.58 38.47 2.38
CA ALA A 102 33.00 39.80 2.44
C ALA A 102 31.90 39.83 3.48
N CYS A 103 31.01 38.84 3.42
CA CYS A 103 29.97 38.70 4.44
C CYS A 103 30.53 38.60 5.86
N THR A 104 31.44 37.64 6.07
CA THR A 104 32.08 37.39 7.38
C THR A 104 32.73 38.67 7.91
N ASP A 105 33.54 39.31 7.07
CA ASP A 105 34.19 40.54 7.47
C ASP A 105 33.18 41.66 7.74
N ALA A 106 32.09 41.71 6.99
CA ALA A 106 31.08 42.73 7.27
C ALA A 106 30.47 42.48 8.64
N LEU A 107 30.27 41.21 8.98
CA LEU A 107 29.66 40.88 10.27
C LEU A 107 30.62 41.13 11.41
N LEU A 108 31.88 40.75 11.22
CA LEU A 108 32.91 40.96 12.22
C LEU A 108 33.13 42.45 12.45
N ASP A 109 33.30 43.22 11.38
CA ASP A 109 33.56 44.66 11.53
C ASP A 109 32.40 45.42 12.17
N SER A 110 31.17 45.00 11.92
CA SER A 110 29.97 45.62 12.52
C SER A 110 29.80 45.41 14.04
N GLY A 111 30.46 44.38 14.57
CA GLY A 111 30.31 44.01 15.97
C GLY A 111 29.07 43.15 16.25
N THR A 112 28.30 42.84 15.21
CA THR A 112 27.01 42.16 15.42
C THR A 112 27.16 40.73 15.97
N THR A 113 26.09 40.25 16.60
CA THR A 113 26.00 38.87 17.06
C THR A 113 25.20 38.15 16.01
N SER A 114 25.78 37.11 15.41
CA SER A 114 25.09 36.35 14.39
C SER A 114 25.10 34.86 14.69
N ILE A 115 24.06 34.18 14.26
CA ILE A 115 23.88 32.76 14.48
C ILE A 115 23.39 32.23 13.14
N ALA A 116 23.99 31.15 12.65
CA ALA A 116 23.70 30.61 11.34
C ALA A 116 22.70 29.45 11.44
N TYR A 117 21.61 29.52 10.68
CA TYR A 117 20.65 28.40 10.67
C TYR A 117 21.33 27.05 10.41
N GLU A 118 22.24 27.01 9.42
CA GLU A 118 22.74 25.78 8.87
C GLU A 118 23.70 25.03 9.78
N THR A 119 24.19 25.69 10.84
CA THR A 119 25.11 25.00 11.75
C THR A 119 24.51 24.74 13.11
N VAL A 120 23.27 25.17 13.34
CA VAL A 120 22.50 24.70 14.49
C VAL A 120 22.41 23.17 14.38
N GLN A 121 22.77 22.46 15.44
CA GLN A 121 22.97 21.01 15.29
C GLN A 121 22.73 20.27 16.58
N THR A 122 21.76 19.36 16.57
CA THR A 122 21.44 18.56 17.74
C THR A 122 22.51 17.49 18.00
N ALA A 123 22.45 16.87 19.17
CA ALA A 123 23.55 16.04 19.66
C ALA A 123 23.74 14.81 18.79
N ASP A 124 22.67 14.40 18.11
CA ASP A 124 22.73 13.25 17.21
C ASP A 124 23.32 13.63 15.86
N GLY A 125 23.72 14.90 15.73
CA GLY A 125 24.44 15.37 14.55
C GLY A 125 23.53 15.96 13.46
N ALA A 126 22.22 15.86 13.63
CA ALA A 126 21.25 16.37 12.65
C ALA A 126 21.28 17.89 12.61
N LEU A 127 20.88 18.44 11.47
CA LEU A 127 20.79 19.87 11.27
C LEU A 127 19.33 20.27 11.10
N PRO A 128 18.63 20.61 12.21
CA PRO A 128 17.18 20.74 12.13
C PRO A 128 16.65 21.93 11.33
N LEU A 129 17.46 22.95 11.09
CA LEU A 129 16.97 24.08 10.27
C LEU A 129 17.34 23.90 8.82
N LEU A 130 18.39 23.15 8.56
CA LEU A 130 18.70 22.80 7.20
C LEU A 130 17.77 21.69 6.69
N ALA A 131 17.41 20.74 7.55
CA ALA A 131 16.53 19.61 7.19
C ALA A 131 15.31 19.99 6.32
N PRO A 132 14.48 20.95 6.75
CA PRO A 132 13.37 21.21 5.84
C PRO A 132 13.75 21.72 4.44
N MET A 133 14.85 22.46 4.32
CA MET A 133 15.30 22.94 3.01
C MET A 133 15.79 21.70 2.18
N SER A 134 16.41 20.70 2.83
CA SER A 134 16.83 19.52 2.13
C SER A 134 15.63 18.73 1.60
N GLU A 135 14.55 18.65 2.40
CA GLU A 135 13.30 17.96 1.99
C GLU A 135 12.68 18.62 0.77
N VAL A 136 12.60 19.93 0.78
CA VAL A 136 12.02 20.66 -0.31
C VAL A 136 12.88 20.50 -1.57
N ALA A 137 14.18 20.76 -1.49
CA ALA A 137 15.09 20.53 -2.61
C ALA A 137 14.97 19.10 -3.14
N GLY A 138 14.92 18.13 -2.26
CA GLY A 138 14.82 16.71 -2.74
C GLY A 138 13.55 16.51 -3.56
N ARG A 139 12.44 16.93 -2.99
CA ARG A 139 11.19 16.87 -3.70
C ARG A 139 11.19 17.65 -4.98
N LEU A 140 11.78 18.83 -5.01
CA LEU A 140 11.82 19.60 -6.24
C LEU A 140 12.70 18.97 -7.29
N ALA A 141 13.84 18.43 -6.90
CA ALA A 141 14.70 17.72 -7.84
C ALA A 141 13.92 16.77 -8.74
N ALA A 142 12.97 16.04 -8.18
CA ALA A 142 12.24 15.02 -8.93
C ALA A 142 11.32 15.62 -9.98
N GLN A 143 10.61 16.69 -9.58
CA GLN A 143 9.69 17.44 -10.44
C GLN A 143 10.40 18.19 -11.54
N VAL A 144 11.53 18.79 -11.20
CA VAL A 144 12.28 19.60 -12.12
C VAL A 144 13.01 18.68 -13.12
N GLY A 145 13.45 17.51 -12.63
CA GLY A 145 14.07 16.51 -13.46
C GLY A 145 13.08 15.86 -14.44
N ALA A 146 11.92 15.45 -13.98
CA ALA A 146 10.85 15.03 -14.88
C ALA A 146 10.55 16.03 -16.01
N TYR A 147 10.54 17.32 -15.69
CA TYR A 147 10.19 18.36 -16.65
C TYR A 147 11.28 18.54 -17.70
N HIS A 148 12.53 18.59 -17.27
CA HIS A 148 13.63 18.73 -18.22
C HIS A 148 13.96 17.47 -19.02
N LEU A 149 13.40 16.32 -18.58
CA LEU A 149 13.41 15.12 -19.39
C LEU A 149 12.59 15.24 -20.69
N MET A 150 11.64 16.16 -20.73
CA MET A 150 10.92 16.50 -21.95
C MET A 150 11.85 16.93 -23.07
N ARG A 151 11.56 16.50 -24.29
CA ARG A 151 12.45 16.73 -25.40
C ARG A 151 12.39 18.21 -25.79
N THR A 152 11.27 18.86 -25.45
CA THR A 152 11.14 20.29 -25.74
C THR A 152 12.02 21.12 -24.81
N GLN A 153 12.57 20.49 -23.78
CA GLN A 153 13.46 21.15 -22.84
C GLN A 153 14.93 20.73 -23.08
N GLY A 154 15.19 19.97 -24.14
CA GLY A 154 16.55 19.45 -24.39
C GLY A 154 16.81 18.07 -23.77
N GLY A 155 15.83 17.50 -23.09
CA GLY A 155 15.97 16.16 -22.49
C GLY A 155 15.79 15.03 -23.47
N ARG A 156 15.99 13.79 -23.00
CA ARG A 156 15.88 12.57 -23.82
C ARG A 156 14.48 12.30 -24.37
N GLY A 157 13.46 12.85 -23.71
CA GLY A 157 12.10 12.76 -24.18
C GLY A 157 11.39 11.56 -23.56
N VAL A 158 11.65 11.32 -22.28
CA VAL A 158 11.12 10.17 -21.59
C VAL A 158 10.18 10.64 -20.46
N LEU A 159 8.93 10.17 -20.47
CA LEU A 159 8.01 10.41 -19.36
C LEU A 159 8.38 9.59 -18.13
N MET A 160 8.34 10.20 -16.95
CA MET A 160 8.78 9.55 -15.68
C MET A 160 8.20 8.18 -15.54
N GLY A 161 6.88 8.06 -15.61
CA GLY A 161 6.28 6.79 -15.25
C GLY A 161 5.94 5.89 -16.42
N GLY A 162 6.37 6.26 -17.62
CA GLY A 162 5.90 5.63 -18.85
C GLY A 162 4.40 5.55 -18.87
N VAL A 163 3.86 4.57 -19.60
CA VAL A 163 2.43 4.26 -19.67
C VAL A 163 2.36 2.72 -19.86
N PRO A 164 1.21 2.07 -19.59
CA PRO A 164 1.20 0.61 -19.74
C PRO A 164 1.82 0.05 -21.04
N GLY A 165 2.71 -0.94 -20.89
CA GLY A 165 3.36 -1.57 -22.06
C GLY A 165 4.68 -0.89 -22.40
N VAL A 166 4.99 0.23 -21.74
CA VAL A 166 6.10 1.15 -22.11
C VAL A 166 6.96 1.48 -20.90
N GLU A 167 8.25 1.43 -21.13
CA GLU A 167 9.24 1.60 -20.10
C GLU A 167 9.26 3.02 -19.48
N PRO A 168 9.22 3.11 -18.14
CA PRO A 168 9.34 4.28 -17.28
C PRO A 168 10.75 4.81 -17.33
N ALA A 169 10.94 6.05 -16.93
CA ALA A 169 12.28 6.62 -16.75
C ALA A 169 13.07 5.83 -15.75
N ASP A 170 14.38 5.74 -15.98
CA ASP A 170 15.28 5.07 -15.04
C ASP A 170 15.94 6.18 -14.25
N VAL A 171 15.64 6.24 -12.96
CA VAL A 171 16.12 7.30 -12.12
C VAL A 171 17.11 6.86 -11.06
N VAL A 172 18.25 7.55 -11.02
CA VAL A 172 19.29 7.24 -10.07
C VAL A 172 19.51 8.39 -9.12
N VAL A 173 19.38 8.11 -7.82
CA VAL A 173 19.56 9.14 -6.81
C VAL A 173 20.85 8.80 -6.09
N ILE A 174 21.81 9.73 -6.08
CA ILE A 174 23.07 9.50 -5.40
C ILE A 174 22.94 10.10 -3.98
N GLY A 175 22.90 9.25 -2.94
CA GLY A 175 22.68 9.76 -1.58
C GLY A 175 21.32 9.42 -1.02
N ALA A 176 21.30 8.83 0.18
CA ALA A 176 20.05 8.39 0.83
C ALA A 176 19.78 9.24 2.08
N GLY A 177 20.40 10.41 2.17
CA GLY A 177 20.09 11.29 3.30
C GLY A 177 18.74 11.96 3.05
N THR A 178 18.53 13.12 3.66
CA THR A 178 17.21 13.76 3.63
C THR A 178 16.79 14.13 2.21
N ALA A 179 17.59 14.94 1.51
CA ALA A 179 17.27 15.34 0.14
C ALA A 179 17.05 14.07 -0.73
N GLY A 180 18.04 13.19 -0.66
CA GLY A 180 18.08 12.00 -1.48
C GLY A 180 16.83 11.21 -1.28
N TYR A 181 16.44 10.99 -0.04
CA TYR A 181 15.28 10.10 0.27
C TYR A 181 14.05 10.80 -0.30
N ASN A 182 14.00 12.15 -0.19
CA ASN A 182 12.81 12.86 -0.67
C ASN A 182 12.72 12.86 -2.22
N ALA A 183 13.87 12.98 -2.86
CA ALA A 183 13.90 12.93 -4.32
C ALA A 183 13.45 11.56 -4.78
N ALA A 184 13.91 10.50 -4.11
CA ALA A 184 13.51 9.18 -4.51
C ALA A 184 12.03 8.93 -4.29
N ARG A 185 11.46 9.45 -3.19
CA ARG A 185 10.09 9.08 -2.90
C ARG A 185 9.18 9.72 -3.93
N ILE A 186 9.54 10.93 -4.41
CA ILE A 186 8.66 11.60 -5.36
C ILE A 186 8.86 11.06 -6.76
N ALA A 187 10.09 10.70 -7.11
CA ALA A 187 10.34 10.19 -8.44
C ALA A 187 9.63 8.85 -8.53
N ASN A 188 9.66 8.10 -7.44
CA ASN A 188 8.88 6.82 -7.34
C ASN A 188 7.38 7.02 -7.43
N GLY A 189 6.82 8.03 -6.75
CA GLY A 189 5.39 8.34 -6.83
C GLY A 189 5.01 8.73 -8.26
N MET A 190 5.97 9.20 -9.04
CA MET A 190 5.70 9.53 -10.45
C MET A 190 5.79 8.32 -11.38
N GLY A 191 6.11 7.13 -10.85
CA GLY A 191 6.09 5.86 -11.60
C GLY A 191 7.46 5.52 -12.18
N ALA A 192 8.48 6.35 -11.93
CA ALA A 192 9.84 6.08 -12.41
C ALA A 192 10.40 4.84 -11.72
N THR A 193 11.30 4.09 -12.37
CA THR A 193 12.13 3.05 -11.69
C THR A 193 13.34 3.74 -11.00
N VAL A 194 13.32 3.75 -9.68
CA VAL A 194 14.26 4.55 -8.90
C VAL A 194 15.28 3.64 -8.23
N THR A 195 16.56 3.98 -8.38
CA THR A 195 17.60 3.28 -7.65
C THR A 195 18.34 4.31 -6.83
N VAL A 196 18.55 4.03 -5.54
CA VAL A 196 19.22 4.96 -4.65
C VAL A 196 20.57 4.36 -4.26
N LEU A 197 21.66 5.14 -4.35
CA LEU A 197 22.92 4.54 -3.93
C LEU A 197 23.43 5.21 -2.68
N ASP A 198 23.93 4.42 -1.72
CA ASP A 198 24.55 5.00 -0.52
C ASP A 198 25.52 3.98 0.06
N ILE A 199 26.52 4.44 0.79
CA ILE A 199 27.43 3.53 1.48
C ILE A 199 26.93 3.25 2.91
N ASN A 200 25.90 3.97 3.36
CA ASN A 200 25.27 3.69 4.66
C ASN A 200 24.15 2.65 4.48
N ILE A 201 24.45 1.40 4.82
CA ILE A 201 23.54 0.31 4.53
C ILE A 201 22.30 0.42 5.39
N ASP A 202 22.40 1.01 6.57
CA ASP A 202 21.20 1.31 7.38
C ASP A 202 20.20 2.21 6.69
N LYS A 203 20.67 3.21 5.95
CA LYS A 203 19.81 4.12 5.19
C LYS A 203 19.12 3.38 4.06
N LEU A 204 19.79 2.36 3.49
CA LEU A 204 19.25 1.61 2.38
C LEU A 204 18.19 0.63 2.93
N ARG A 205 18.45 0.08 4.12
CA ARG A 205 17.44 -0.69 4.87
C ARG A 205 16.17 0.08 5.14
N GLN A 206 16.28 1.36 5.52
CA GLN A 206 15.10 2.17 5.74
C GLN A 206 14.28 2.30 4.45
N LEU A 207 14.94 2.58 3.34
CA LEU A 207 14.24 2.67 2.06
C LEU A 207 13.59 1.35 1.70
N ASP A 208 14.37 0.29 1.85
CA ASP A 208 13.86 -1.02 1.51
C ASP A 208 12.60 -1.26 2.32
N ALA A 209 12.58 -0.88 3.60
CA ALA A 209 11.43 -1.17 4.46
C ALA A 209 10.28 -0.24 4.10
N GLU A 210 10.57 1.05 3.93
CA GLU A 210 9.50 2.01 3.68
C GLU A 210 8.71 1.86 2.35
N PHE A 211 9.40 1.50 1.28
CA PHE A 211 8.74 1.25 0.01
C PHE A 211 8.59 -0.25 -0.34
N CYS A 212 8.84 -1.10 0.66
CA CYS A 212 8.82 -2.58 0.52
CA CYS A 212 8.74 -2.57 0.46
C CYS A 212 9.53 -3.07 -0.75
N GLY A 213 10.76 -2.60 -0.95
CA GLY A 213 11.56 -3.00 -2.09
C GLY A 213 11.28 -2.29 -3.43
N ARG A 214 10.26 -1.42 -3.48
CA ARG A 214 9.90 -0.79 -4.73
C ARG A 214 11.00 0.15 -5.16
N ILE A 215 11.55 0.90 -4.21
CA ILE A 215 12.73 1.65 -4.50
C ILE A 215 13.99 0.80 -4.37
N HIS A 216 14.69 0.57 -5.47
CA HIS A 216 15.92 -0.24 -5.44
C HIS A 216 17.04 0.43 -4.68
N THR A 217 17.84 -0.38 -4.00
CA THR A 217 18.94 0.25 -3.24
C THR A 217 20.22 -0.48 -3.67
N ARG A 218 21.28 0.28 -3.90
CA ARG A 218 22.55 -0.38 -4.21
C ARG A 218 23.65 0.24 -3.38
N TYR A 219 24.53 -0.61 -2.85
CA TYR A 219 25.72 -0.12 -2.15
C TYR A 219 26.57 0.71 -3.11
N SER A 220 26.92 1.90 -2.68
CA SER A 220 27.53 2.86 -3.58
C SER A 220 29.01 2.63 -3.64
N SER A 221 29.50 2.01 -4.69
CA SER A 221 30.93 1.95 -4.86
C SER A 221 31.10 2.76 -6.13
N ALA A 222 32.33 3.14 -6.46
CA ALA A 222 32.55 3.82 -7.72
C ALA A 222 32.07 2.94 -8.87
N TYR A 223 32.24 1.63 -8.73
CA TYR A 223 31.94 0.68 -9.78
C TYR A 223 30.43 0.59 -10.00
N GLU A 224 29.69 0.48 -8.90
CA GLU A 224 28.24 0.43 -8.96
C GLU A 224 27.63 1.75 -9.47
N LEU A 225 28.21 2.87 -9.07
CA LEU A 225 27.76 4.19 -9.49
C LEU A 225 27.91 4.35 -10.99
N GLU A 226 29.08 4.03 -11.53
CA GLU A 226 29.30 4.12 -12.97
C GLU A 226 28.26 3.31 -13.73
N GLY A 227 27.96 2.11 -13.26
CA GLY A 227 27.05 1.30 -14.02
C GLY A 227 25.66 1.88 -13.94
N ALA A 228 25.24 2.31 -12.76
CA ALA A 228 23.87 2.84 -12.59
C ALA A 228 23.70 4.12 -13.41
N VAL A 229 24.71 4.96 -13.40
CA VAL A 229 24.65 6.28 -14.07
C VAL A 229 24.58 6.12 -15.63
N LYS A 230 25.31 5.18 -16.20
CA LYS A 230 25.23 4.86 -17.62
C LYS A 230 23.85 4.38 -18.08
N ARG A 231 23.05 3.86 -17.16
CA ARG A 231 21.73 3.35 -17.55
C ARG A 231 20.63 4.39 -17.29
N ALA A 232 20.96 5.50 -16.64
CA ALA A 232 19.95 6.43 -16.13
C ALA A 232 19.45 7.41 -17.21
N ASP A 233 18.16 7.71 -17.14
CA ASP A 233 17.56 8.86 -17.84
C ASP A 233 17.69 10.12 -16.98
N LEU A 234 17.62 9.98 -15.65
CA LEU A 234 17.67 11.07 -14.69
C LEU A 234 18.66 10.74 -13.57
N VAL A 235 19.62 11.63 -13.31
CA VAL A 235 20.51 11.44 -12.16
C VAL A 235 20.28 12.58 -11.16
N ILE A 236 20.05 12.23 -9.89
CA ILE A 236 19.89 13.28 -8.87
C ILE A 236 21.05 13.17 -7.87
N GLY A 237 21.88 14.20 -7.87
CA GLY A 237 23.03 14.27 -6.96
C GLY A 237 22.65 14.84 -5.61
N ALA A 238 22.57 13.97 -4.60
CA ALA A 238 22.00 14.35 -3.31
C ALA A 238 22.96 14.04 -2.14
N VAL A 239 24.25 14.16 -2.40
CA VAL A 239 25.23 13.87 -1.38
C VAL A 239 25.46 15.09 -0.48
N LEU A 240 25.05 15.00 0.79
CA LEU A 240 25.43 16.00 1.83
C LEU A 240 26.53 15.54 2.79
N VAL A 241 27.48 16.43 3.02
CA VAL A 241 28.62 16.14 3.88
C VAL A 241 28.71 17.10 5.06
N LYS A 245 32.85 20.53 1.86
CA LYS A 245 32.71 20.44 0.42
C LYS A 245 32.22 19.08 -0.05
N ALA A 246 31.28 19.10 -1.00
CA ALA A 246 30.75 17.89 -1.62
C ALA A 246 31.80 17.22 -2.51
N PRO A 247 31.92 15.89 -2.40
CA PRO A 247 32.87 15.18 -3.27
C PRO A 247 32.32 15.10 -4.70
N LYS A 248 33.19 14.97 -5.70
CA LYS A 248 32.79 14.85 -7.10
C LYS A 248 32.70 13.39 -7.57
N LEU A 249 31.47 12.91 -7.58
CA LEU A 249 31.18 11.49 -7.74
C LEU A 249 30.91 11.12 -9.18
N VAL A 250 30.52 12.11 -9.98
CA VAL A 250 30.25 11.92 -11.41
C VAL A 250 31.22 12.73 -12.23
N SER A 251 32.23 12.05 -12.77
CA SER A 251 33.22 12.70 -13.60
C SER A 251 32.63 13.05 -14.96
N ASN A 252 33.25 14.00 -15.66
CA ASN A 252 32.87 14.32 -17.03
C ASN A 252 33.13 13.16 -18.00
N SER A 253 34.19 12.38 -17.73
CA SER A 253 34.40 11.10 -18.43
C SER A 253 33.19 10.22 -18.37
N LEU A 254 32.57 10.16 -17.20
CA LEU A 254 31.41 9.27 -17.00
C LEU A 254 30.22 9.83 -17.75
N VAL A 255 30.07 11.16 -17.70
CA VAL A 255 28.95 11.80 -18.36
C VAL A 255 28.99 11.50 -19.87
N ALA A 256 30.21 11.36 -20.40
CA ALA A 256 30.43 11.14 -21.82
C ALA A 256 29.86 9.81 -22.25
N HIS A 257 29.77 8.86 -21.33
CA HIS A 257 29.22 7.54 -21.60
C HIS A 257 27.73 7.41 -21.31
N MET A 258 27.11 8.51 -20.88
CA MET A 258 25.67 8.50 -20.59
C MET A 258 24.77 8.50 -21.85
N LYS A 259 23.50 8.13 -21.67
CA LYS A 259 22.49 8.22 -22.72
C LYS A 259 22.33 9.66 -23.14
N PRO A 260 22.31 9.91 -24.46
CA PRO A 260 22.04 11.26 -24.96
C PRO A 260 20.72 11.76 -24.42
N GLY A 261 20.72 13.00 -23.95
CA GLY A 261 19.54 13.61 -23.39
C GLY A 261 19.26 13.30 -21.91
N ALA A 262 20.08 12.45 -21.28
CA ALA A 262 19.98 12.24 -19.83
C ALA A 262 20.04 13.57 -19.09
N VAL A 263 19.23 13.70 -18.04
CA VAL A 263 19.26 14.89 -17.19
C VAL A 263 19.99 14.63 -15.86
N LEU A 264 20.91 15.53 -15.48
CA LEU A 264 21.58 15.47 -14.18
C LEU A 264 21.16 16.65 -13.31
N VAL A 265 20.56 16.34 -12.15
CA VAL A 265 20.09 17.41 -11.26
C VAL A 265 21.01 17.45 -10.02
N ASP A 266 21.76 18.53 -9.84
CA ASP A 266 22.71 18.62 -8.72
C ASP A 266 22.13 19.44 -7.55
N ILE A 267 21.60 18.74 -6.54
CA ILE A 267 21.11 19.38 -5.32
C ILE A 267 22.27 19.85 -4.44
N ALA A 268 23.41 19.15 -4.50
CA ALA A 268 24.59 19.47 -3.66
C ALA A 268 25.30 20.73 -4.14
N ILE A 269 24.60 21.51 -4.94
CA ILE A 269 25.20 22.68 -5.57
C ILE A 269 25.57 23.79 -4.55
N ASP A 270 24.83 23.82 -3.43
CA ASP A 270 25.10 24.77 -2.33
C ASP A 270 26.39 24.43 -1.60
N GLN A 271 27.16 23.49 -2.13
CA GLN A 271 28.49 23.19 -1.61
C GLN A 271 29.41 22.55 -2.62
N GLY A 272 29.39 23.14 -3.80
CA GLY A 272 30.35 22.83 -4.84
C GLY A 272 29.80 21.92 -5.90
N GLY A 273 28.71 21.22 -5.61
CA GLY A 273 28.16 20.26 -6.54
C GLY A 273 28.83 18.92 -6.33
N CYS A 274 28.08 17.84 -6.59
CA CYS A 274 28.69 16.53 -6.57
C CYS A 274 28.99 15.94 -7.97
N PHE A 275 28.77 16.74 -9.02
CA PHE A 275 29.21 16.38 -10.37
C PHE A 275 30.42 17.26 -10.73
N GLU A 276 31.41 16.67 -11.39
CA GLU A 276 32.58 17.41 -11.84
C GLU A 276 32.15 18.61 -12.69
N GLY A 277 31.12 18.43 -13.52
CA GLY A 277 30.75 19.43 -14.49
C GLY A 277 29.80 20.51 -14.00
N SER A 278 29.39 20.42 -12.73
CA SER A 278 28.41 21.34 -12.16
C SER A 278 28.96 22.75 -11.92
N ARG A 279 28.17 23.75 -12.30
CA ARG A 279 28.46 25.17 -11.94
C ARG A 279 27.13 25.87 -11.69
N PRO A 280 27.02 26.63 -10.59
CA PRO A 280 25.69 27.13 -10.16
C PRO A 280 24.95 27.84 -11.29
N THR A 281 23.65 27.56 -11.43
CA THR A 281 22.79 28.27 -12.39
C THR A 281 21.75 29.20 -11.75
N THR A 282 21.00 29.93 -12.58
CA THR A 282 19.88 30.80 -12.12
C THR A 282 18.59 30.36 -12.77
N TYR A 283 17.48 30.91 -12.34
CA TYR A 283 16.20 30.45 -12.84
C TYR A 283 15.95 30.66 -14.33
N ASP A 284 16.49 31.76 -14.85
CA ASP A 284 16.34 32.14 -16.24
C ASP A 284 17.17 31.26 -17.18
N HIS A 285 18.33 30.82 -16.72
CA HIS A 285 19.14 29.90 -17.50
C HIS A 285 19.49 28.66 -16.63
N PRO A 286 18.48 27.80 -16.36
CA PRO A 286 18.61 26.74 -15.33
C PRO A 286 19.59 25.62 -15.69
N THR A 287 19.71 25.34 -16.99
CA THR A 287 20.44 24.17 -17.43
C THR A 287 21.44 24.49 -18.54
N PHE A 288 22.46 23.65 -18.64
CA PHE A 288 23.48 23.76 -19.68
C PHE A 288 23.92 22.36 -20.10
N ALA A 289 24.62 22.26 -21.21
CA ALA A 289 24.96 20.98 -21.77
C ALA A 289 26.31 20.53 -21.27
N VAL A 290 26.43 19.26 -20.87
CA VAL A 290 27.76 18.68 -20.79
C VAL A 290 27.81 17.38 -21.59
N HIS A 291 28.70 17.34 -22.57
CA HIS A 291 28.59 16.33 -23.61
C HIS A 291 27.15 16.34 -24.18
N ASP A 292 26.51 15.17 -24.31
CA ASP A 292 25.15 15.05 -24.90
C ASP A 292 24.09 14.96 -23.81
N THR A 293 24.41 15.54 -22.67
CA THR A 293 23.66 15.38 -21.44
C THR A 293 23.21 16.76 -20.95
N LEU A 294 22.20 16.80 -20.10
CA LEU A 294 21.70 18.09 -19.61
C LEU A 294 21.94 18.28 -18.10
N PHE A 295 22.65 19.35 -17.71
CA PHE A 295 22.86 19.58 -16.27
C PHE A 295 21.89 20.59 -15.77
N TYR A 296 21.23 20.30 -14.65
CA TYR A 296 20.43 21.31 -13.94
C TYR A 296 21.10 21.59 -12.61
N CYS A 297 21.51 22.84 -12.36
CA CYS A 297 22.16 23.18 -11.08
C CYS A 297 21.74 24.51 -10.48
N VAL A 298 20.44 24.78 -10.34
CA VAL A 298 20.10 26.07 -9.78
C VAL A 298 20.28 26.16 -8.28
N ALA A 299 20.93 27.25 -7.87
CA ALA A 299 21.22 27.56 -6.49
C ALA A 299 19.90 27.87 -5.81
N ASN A 300 19.83 27.61 -4.51
CA ASN A 300 18.65 27.93 -3.71
C ASN A 300 17.33 27.40 -4.28
N MET A 301 17.32 26.15 -4.73
CA MET A 301 16.10 25.50 -5.29
C MET A 301 14.83 25.78 -4.47
N PRO A 302 14.89 25.66 -3.13
CA PRO A 302 13.66 25.92 -2.36
C PRO A 302 13.07 27.34 -2.50
N ALA A 303 13.83 28.33 -2.94
CA ALA A 303 13.25 29.65 -3.13
C ALA A 303 12.16 29.68 -4.23
N SER A 304 12.24 28.73 -5.18
CA SER A 304 11.24 28.60 -6.25
C SER A 304 9.85 28.22 -5.78
N VAL A 305 9.71 27.66 -4.57
CA VAL A 305 8.40 27.27 -4.01
C VAL A 305 8.17 28.00 -2.67
N PRO A 306 8.16 29.35 -2.68
CA PRO A 306 8.19 30.16 -1.42
C PRO A 306 7.06 29.81 -0.43
N LYS A 307 5.85 29.57 -0.90
CA LYS A 307 4.76 29.26 0.01
C LYS A 307 5.06 27.99 0.79
N THR A 308 5.50 26.92 0.13
CA THR A 308 5.94 25.70 0.90
C THR A 308 7.21 25.97 1.76
N SER A 309 8.21 26.66 1.19
CA SER A 309 9.55 26.72 1.88
C SER A 309 9.55 27.63 3.08
N THR A 310 8.84 28.74 2.95
CA THR A 310 8.72 29.68 4.03
C THR A 310 8.16 28.99 5.25
N TYR A 311 7.10 28.24 5.05
CA TYR A 311 6.47 27.50 6.13
C TYR A 311 7.36 26.39 6.67
N ALA A 312 7.96 25.60 5.78
CA ALA A 312 8.91 24.58 6.19
C ALA A 312 10.06 25.11 7.00
N LEU A 313 10.66 26.24 6.58
CA LEU A 313 11.81 26.81 7.26
C LEU A 313 11.39 27.37 8.62
N THR A 314 10.38 28.23 8.62
CA THR A 314 9.97 28.90 9.82
C THR A 314 9.30 28.01 10.87
N ASN A 315 8.69 26.88 10.49
CA ASN A 315 8.16 25.95 11.47
C ASN A 315 9.31 25.34 12.27
N ALA A 316 10.45 25.18 11.59
CA ALA A 316 11.66 24.63 12.19
C ALA A 316 12.38 25.68 13.02
N THR A 317 12.49 26.90 12.52
CA THR A 317 13.21 27.93 13.29
C THR A 317 12.41 28.45 14.48
N MET A 318 11.06 28.41 14.41
CA MET A 318 10.19 29.03 15.41
CA MET A 318 10.21 29.03 15.42
C MET A 318 10.59 28.80 16.88
N PRO A 319 10.80 27.53 17.29
CA PRO A 319 11.18 27.35 18.71
C PRO A 319 12.51 28.01 19.11
N TYR A 320 13.48 28.07 18.21
CA TYR A 320 14.73 28.82 18.47
C TYR A 320 14.47 30.30 18.51
N VAL A 321 13.69 30.79 17.55
CA VAL A 321 13.29 32.21 17.54
C VAL A 321 12.67 32.62 18.90
N LEU A 322 11.70 31.84 19.34
CA LEU A 322 11.04 32.08 20.61
C LEU A 322 12.01 32.10 21.79
N GLU A 323 12.97 31.18 21.83
CA GLU A 323 13.94 31.12 22.94
C GLU A 323 14.87 32.34 22.94
N LEU A 324 15.23 32.77 21.74
CA LEU A 324 16.09 33.93 21.58
C LEU A 324 15.37 35.21 22.00
N ALA A 325 14.11 35.37 21.58
CA ALA A 325 13.28 36.49 22.02
C ALA A 325 13.05 36.48 23.54
N ASP A 326 12.71 35.33 24.09
CA ASP A 326 12.45 35.24 25.53
C ASP A 326 13.69 35.44 26.41
N HIS A 327 14.84 34.94 25.96
CA HIS A 327 15.99 34.83 26.86
C HIS A 327 17.27 35.54 26.43
N GLY A 328 17.28 36.13 25.24
CA GLY A 328 18.50 36.75 24.73
C GLY A 328 19.44 35.68 24.19
N TRP A 329 20.47 36.08 23.46
CA TRP A 329 21.34 35.13 22.77
C TRP A 329 22.21 34.30 23.72
N ARG A 330 22.79 34.92 24.74
CA ARG A 330 23.73 34.23 25.62
CA ARG A 330 23.73 34.22 25.61
C ARG A 330 23.03 33.13 26.40
N ALA A 331 21.94 33.49 27.06
CA ALA A 331 21.19 32.55 27.85
C ALA A 331 20.52 31.47 26.97
N ALA A 332 19.93 31.87 25.85
CA ALA A 332 19.40 30.90 24.92
C ALA A 332 20.46 29.90 24.49
N CYS A 333 21.66 30.39 24.15
CA CYS A 333 22.76 29.50 23.73
C CYS A 333 23.29 28.65 24.87
N ARG A 334 23.30 29.21 26.09
CA ARG A 334 23.74 28.41 27.22
CA ARG A 334 23.62 28.53 27.37
C ARG A 334 22.78 27.28 27.57
N SER A 335 21.49 27.46 27.35
CA SER A 335 20.50 26.44 27.65
C SER A 335 20.46 25.36 26.59
N ASN A 336 20.80 25.71 25.36
CA ASN A 336 20.64 24.80 24.23
C ASN A 336 21.91 24.71 23.44
N PRO A 337 22.70 23.67 23.66
CA PRO A 337 23.94 23.54 22.94
C PRO A 337 23.75 23.46 21.42
N ALA A 338 22.60 22.96 20.96
CA ALA A 338 22.28 22.93 19.51
C ALA A 338 22.25 24.34 18.89
N LEU A 339 21.58 25.27 19.57
CA LEU A 339 21.59 26.69 19.18
C LEU A 339 23.00 27.27 19.23
N ALA A 340 23.77 26.92 20.27
CA ALA A 340 25.15 27.43 20.43
C ALA A 340 26.04 26.99 19.28
N LYS A 341 25.77 25.83 18.68
CA LYS A 341 26.58 25.39 17.56
C LYS A 341 26.44 26.29 16.32
N GLY A 342 25.36 27.09 16.26
CA GLY A 342 25.14 28.04 15.17
C GLY A 342 25.82 29.41 15.35
N LEU A 343 26.32 29.67 16.55
CA LEU A 343 26.95 30.97 16.88
C LEU A 343 28.07 31.28 15.92
N SER A 344 28.07 32.48 15.33
CA SER A 344 29.00 32.74 14.26
C SER A 344 29.92 33.94 14.55
N THR A 345 29.32 35.04 15.00
CA THR A 345 30.12 36.21 15.37
C THR A 345 29.56 36.90 16.57
N HIS A 346 30.40 37.66 17.24
CA HIS A 346 29.96 38.49 18.35
C HIS A 346 31.02 39.50 18.67
N GLU A 347 30.67 40.78 18.53
CA GLU A 347 31.56 41.92 18.84
C GLU A 347 32.95 41.72 18.26
N GLY A 348 33.01 41.31 16.98
CA GLY A 348 34.25 41.15 16.25
C GLY A 348 34.95 39.81 16.37
N ALA A 349 34.44 38.94 17.24
CA ALA A 349 35.01 37.61 17.41
C ALA A 349 34.32 36.63 16.47
N LEU A 350 35.14 35.79 15.84
CA LEU A 350 34.67 34.75 14.95
C LEU A 350 34.64 33.49 15.79
N LEU A 351 33.46 32.88 15.85
CA LEU A 351 33.13 31.89 16.88
C LEU A 351 33.01 30.52 16.26
N SER A 352 33.28 30.44 14.96
CA SER A 352 33.22 29.18 14.24
C SER A 352 34.61 28.74 13.79
N GLU A 353 35.05 27.60 14.32
CA GLU A 353 36.37 27.06 14.03
C GLU A 353 36.50 26.64 12.58
N ARG A 354 35.42 26.13 11.99
CA ARG A 354 35.45 25.75 10.58
C ARG A 354 35.66 26.97 9.66
N VAL A 355 34.96 28.06 9.94
CA VAL A 355 35.10 29.29 9.13
C VAL A 355 36.48 29.95 9.35
N ALA A 356 36.91 30.04 10.61
CA ALA A 356 38.20 30.61 10.98
C ALA A 356 39.37 29.91 10.29
N THR A 357 39.30 28.58 10.15
CA THR A 357 40.41 27.88 9.52
C THR A 357 40.33 27.91 7.98
N ASP A 358 39.10 27.96 7.44
CA ASP A 358 38.94 28.13 5.99
C ASP A 358 39.42 29.50 5.55
N LEU A 359 39.19 30.51 6.39
CA LEU A 359 39.52 31.88 6.00
C LEU A 359 40.87 32.42 6.51
N GLY A 360 41.58 31.65 7.31
CA GLY A 360 42.83 32.15 7.89
C GLY A 360 42.60 33.34 8.80
N VAL A 361 41.55 33.22 9.62
CA VAL A 361 41.11 34.24 10.59
C VAL A 361 41.23 33.68 12.01
N PRO A 362 41.68 34.51 12.98
CA PRO A 362 41.68 34.05 14.38
C PRO A 362 40.32 33.49 14.84
N PHE A 363 40.38 32.33 15.51
CA PHE A 363 39.21 31.68 16.08
C PHE A 363 39.07 32.06 17.56
N THR A 364 37.87 32.44 17.95
CA THR A 364 37.55 32.68 19.35
C THR A 364 36.58 31.58 19.80
N GLU A 365 36.96 30.89 20.88
CA GLU A 365 36.18 29.74 21.31
C GLU A 365 34.80 30.21 21.81
N PRO A 366 33.69 29.59 21.34
CA PRO A 366 32.35 30.03 21.75
C PRO A 366 32.17 30.08 23.28
N ALA A 367 32.74 29.09 23.96
CA ALA A 367 32.68 29.01 25.41
C ALA A 367 33.12 30.30 26.12
N SER A 368 34.10 31.00 25.55
CA SER A 368 34.66 32.18 26.22
C SER A 368 33.76 33.41 26.10
N VAL A 369 32.83 33.37 25.15
CA VAL A 369 31.95 34.50 24.92
C VAL A 369 30.62 34.29 25.67
N LEU A 370 30.34 33.03 25.98
CA LEU A 370 29.18 32.64 26.79
C LEU A 370 29.46 32.79 28.30
N ALA A 371 30.72 33.10 28.62
CA ALA A 371 31.15 33.62 29.92
C ALA A 371 31.77 35.02 29.70
N MET B 1 -30.21 -38.10 -6.32
CA MET B 1 -29.38 -39.16 -6.98
C MET B 1 -28.17 -39.62 -6.14
N ARG B 2 -27.47 -40.65 -6.62
CA ARG B 2 -26.23 -41.11 -6.01
C ARG B 2 -25.02 -40.50 -6.67
N VAL B 3 -24.22 -39.73 -5.91
CA VAL B 3 -22.98 -39.12 -6.40
C VAL B 3 -21.78 -39.89 -5.84
N GLY B 4 -20.93 -40.41 -6.74
CA GLY B 4 -19.77 -41.19 -6.36
C GLY B 4 -18.48 -40.43 -6.65
N ILE B 5 -17.55 -40.49 -5.71
CA ILE B 5 -16.20 -39.98 -5.87
C ILE B 5 -15.14 -41.06 -5.53
N PRO B 6 -14.45 -41.60 -6.56
CA PRO B 6 -13.41 -42.60 -6.31
C PRO B 6 -12.06 -41.99 -5.98
N THR B 7 -11.11 -42.82 -5.54
CA THR B 7 -9.77 -42.27 -5.33
C THR B 7 -9.12 -42.03 -6.69
N GLU B 8 -8.39 -40.91 -6.83
CA GLU B 8 -7.58 -40.67 -8.03
C GLU B 8 -6.50 -41.77 -8.09
N THR B 9 -6.26 -42.31 -9.29
CA THR B 9 -5.33 -43.42 -9.41
C THR B 9 -4.12 -43.14 -10.28
N LYS B 10 -4.12 -42.01 -11.00
CA LYS B 10 -2.93 -41.61 -11.76
C LYS B 10 -1.77 -41.39 -10.83
N ASN B 11 -0.55 -41.62 -11.34
CA ASN B 11 0.65 -41.41 -10.52
C ASN B 11 0.80 -39.96 -10.09
N ASN B 12 1.00 -39.79 -8.78
CA ASN B 12 1.11 -38.49 -8.11
C ASN B 12 -0.09 -37.55 -8.12
N GLU B 13 -1.28 -38.09 -8.38
CA GLU B 13 -2.49 -37.29 -8.29
C GLU B 13 -3.06 -37.51 -6.91
N PHE B 14 -3.06 -36.44 -6.10
CA PHE B 14 -3.45 -36.50 -4.69
C PHE B 14 -4.70 -35.69 -4.40
N ARG B 15 -5.20 -34.97 -5.41
CA ARG B 15 -6.45 -34.24 -5.30
C ARG B 15 -7.65 -35.17 -5.26
N VAL B 16 -8.82 -34.60 -4.93
CA VAL B 16 -10.05 -35.37 -4.81
C VAL B 16 -11.16 -34.46 -5.36
N ALA B 17 -12.21 -35.06 -5.92
CA ALA B 17 -13.25 -34.29 -6.65
C ALA B 17 -14.40 -33.72 -5.81
N ILE B 18 -14.28 -33.86 -4.49
CA ILE B 18 -15.24 -33.24 -3.57
C ILE B 18 -14.57 -33.02 -2.21
N THR B 19 -15.03 -31.98 -1.49
CA THR B 19 -14.62 -31.70 -0.10
C THR B 19 -15.83 -32.00 0.85
N PRO B 20 -15.62 -32.01 2.17
CA PRO B 20 -16.74 -32.11 3.12
C PRO B 20 -17.86 -31.11 2.87
N ALA B 21 -17.49 -29.88 2.54
CA ALA B 21 -18.47 -28.85 2.28
C ALA B 21 -19.43 -29.30 1.17
N GLY B 22 -18.85 -29.85 0.11
CA GLY B 22 -19.61 -30.28 -1.06
C GLY B 22 -20.51 -31.44 -0.71
N VAL B 23 -19.98 -32.36 0.09
CA VAL B 23 -20.73 -33.54 0.54
C VAL B 23 -21.94 -33.10 1.35
N ALA B 24 -21.74 -32.11 2.22
CA ALA B 24 -22.83 -31.66 3.09
C ALA B 24 -23.94 -30.99 2.28
N GLU B 25 -23.56 -30.25 1.25
CA GLU B 25 -24.58 -29.56 0.45
C GLU B 25 -25.39 -30.59 -0.36
N LEU B 26 -24.71 -31.59 -0.93
CA LEU B 26 -25.42 -32.61 -1.66
C LEU B 26 -26.33 -33.42 -0.73
N THR B 27 -25.85 -33.68 0.47
CA THR B 27 -26.55 -34.54 1.43
C THR B 27 -27.79 -33.82 1.97
N ARG B 28 -27.66 -32.53 2.22
CA ARG B 28 -28.76 -31.68 2.65
C ARG B 28 -29.85 -31.60 1.60
N ARG B 29 -29.51 -31.75 0.33
CA ARG B 29 -30.53 -31.69 -0.72
C ARG B 29 -31.10 -33.08 -1.01
N GLY B 30 -30.74 -34.09 -0.21
CA GLY B 30 -31.29 -35.43 -0.35
C GLY B 30 -30.53 -36.37 -1.25
N HIS B 31 -29.35 -35.96 -1.71
CA HIS B 31 -28.57 -36.85 -2.56
C HIS B 31 -27.77 -37.79 -1.67
N GLU B 32 -27.40 -38.97 -2.17
CA GLU B 32 -26.50 -39.86 -1.42
C GLU B 32 -25.12 -39.77 -2.00
N VAL B 33 -24.11 -39.57 -1.15
CA VAL B 33 -22.71 -39.40 -1.62
C VAL B 33 -21.89 -40.62 -1.20
N LEU B 34 -21.25 -41.26 -2.18
CA LEU B 34 -20.46 -42.47 -1.93
C LEU B 34 -19.06 -42.16 -2.29
N ILE B 35 -18.16 -42.43 -1.36
CA ILE B 35 -16.76 -42.02 -1.55
C ILE B 35 -15.86 -43.19 -1.24
N GLN B 36 -14.93 -43.52 -2.13
CA GLN B 36 -13.91 -44.49 -1.85
C GLN B 36 -13.10 -44.20 -0.57
N ALA B 37 -13.14 -45.14 0.40
CA ALA B 37 -12.30 -45.09 1.62
C ALA B 37 -10.89 -44.63 1.24
N GLY B 38 -10.47 -43.47 1.77
CA GLY B 38 -9.11 -43.01 1.57
C GLY B 38 -8.94 -41.99 0.45
N ALA B 39 -10.03 -41.58 -0.19
CA ALA B 39 -9.94 -40.74 -1.38
C ALA B 39 -9.40 -39.30 -1.12
N GLY B 40 -9.61 -38.78 0.09
CA GLY B 40 -9.25 -37.36 0.36
C GLY B 40 -7.98 -37.16 1.18
N GLU B 41 -7.39 -38.28 1.60
CA GLU B 41 -6.18 -38.29 2.40
C GLU B 41 -4.97 -37.60 1.80
N GLY B 42 -4.81 -37.63 0.46
CA GLY B 42 -3.83 -36.74 -0.21
C GLY B 42 -4.12 -35.26 -0.05
N SER B 43 -5.40 -34.91 0.04
CA SER B 43 -5.78 -33.50 0.26
C SER B 43 -6.02 -33.23 1.75
N ALA B 44 -5.49 -34.08 2.65
CA ALA B 44 -5.72 -33.93 4.10
C ALA B 44 -7.20 -34.02 4.52
N ILE B 45 -7.96 -34.92 3.89
CA ILE B 45 -9.35 -35.16 4.26
C ILE B 45 -9.46 -36.58 4.64
N THR B 46 -9.74 -36.76 5.91
CA THR B 46 -9.88 -38.07 6.46
C THR B 46 -11.27 -38.59 6.12
N ASP B 47 -11.39 -39.90 6.10
CA ASP B 47 -12.67 -40.54 5.90
C ASP B 47 -13.67 -40.06 6.94
N ALA B 48 -13.19 -39.74 8.14
CA ALA B 48 -14.05 -39.27 9.23
C ALA B 48 -14.67 -37.92 8.85
N ASP B 49 -13.88 -37.06 8.22
CA ASP B 49 -14.38 -35.74 7.80
C ASP B 49 -15.52 -35.87 6.78
N PHE B 50 -15.30 -36.62 5.70
CA PHE B 50 -16.36 -37.02 4.78
C PHE B 50 -17.54 -37.69 5.48
N LYS B 51 -17.28 -38.63 6.39
CA LYS B 51 -18.39 -39.36 7.03
C LYS B 51 -19.26 -38.42 7.84
N ALA B 52 -18.62 -37.46 8.50
CA ALA B 52 -19.30 -36.51 9.34
C ALA B 52 -20.14 -35.58 8.49
N ALA B 53 -19.69 -35.29 7.26
CA ALA B 53 -20.42 -34.44 6.36
C ALA B 53 -21.59 -35.17 5.70
N GLY B 54 -21.70 -36.49 5.91
CA GLY B 54 -22.82 -37.23 5.37
C GLY B 54 -22.52 -38.27 4.31
N ALA B 55 -21.26 -38.43 3.94
CA ALA B 55 -20.87 -39.40 2.92
C ALA B 55 -21.00 -40.83 3.43
N GLN B 56 -21.15 -41.77 2.52
CA GLN B 56 -21.00 -43.15 2.83
C GLN B 56 -19.67 -43.64 2.26
N LEU B 57 -18.75 -44.07 3.14
CA LEU B 57 -17.45 -44.59 2.70
C LEU B 57 -17.52 -46.01 2.22
N VAL B 58 -16.92 -46.29 1.08
CA VAL B 58 -16.99 -47.67 0.57
C VAL B 58 -15.58 -48.22 0.36
N GLY B 59 -15.38 -49.52 0.59
CA GLY B 59 -14.06 -50.11 0.49
C GLY B 59 -13.37 -50.06 -0.87
N THR B 60 -14.14 -50.18 -1.97
CA THR B 60 -13.58 -50.44 -3.31
C THR B 60 -14.00 -49.39 -4.33
N ALA B 61 -13.07 -49.07 -5.25
CA ALA B 61 -13.36 -48.32 -6.43
C ALA B 61 -14.52 -48.93 -7.20
N ASP B 62 -14.52 -50.26 -7.35
CA ASP B 62 -15.54 -50.98 -8.15
C ASP B 62 -16.94 -50.59 -7.69
N GLN B 63 -17.19 -50.67 -6.38
CA GLN B 63 -18.47 -50.27 -5.80
C GLN B 63 -18.83 -48.81 -6.05
N VAL B 64 -17.88 -47.87 -5.95
CA VAL B 64 -18.21 -46.49 -6.25
C VAL B 64 -18.71 -46.37 -7.70
N TRP B 65 -17.97 -46.97 -8.66
CA TRP B 65 -18.35 -46.79 -10.05
C TRP B 65 -19.69 -47.45 -10.37
N ALA B 66 -19.92 -48.61 -9.77
CA ALA B 66 -21.12 -49.38 -10.00
C ALA B 66 -22.40 -48.69 -9.51
N ASP B 67 -22.33 -47.96 -8.39
CA ASP B 67 -23.53 -47.43 -7.72
C ASP B 67 -23.79 -45.91 -7.97
N ALA B 68 -22.80 -45.21 -8.47
CA ALA B 68 -22.94 -43.79 -8.71
C ALA B 68 -23.72 -43.51 -9.99
N ASP B 69 -24.72 -42.64 -9.91
CA ASP B 69 -25.36 -42.08 -11.11
C ASP B 69 -24.57 -40.88 -11.64
N LEU B 70 -23.85 -40.20 -10.75
CA LEU B 70 -22.96 -39.11 -11.18
C LEU B 70 -21.59 -39.39 -10.58
N LEU B 71 -20.58 -39.52 -11.44
CA LEU B 71 -19.26 -39.87 -10.97
C LEU B 71 -18.32 -38.66 -11.10
N LEU B 72 -17.85 -38.14 -9.97
CA LEU B 72 -16.96 -36.95 -10.02
C LEU B 72 -15.53 -37.39 -9.91
N LYS B 73 -14.68 -36.87 -10.80
CA LYS B 73 -13.26 -37.09 -10.74
C LYS B 73 -12.43 -35.80 -10.99
N VAL B 74 -11.13 -35.91 -10.79
CA VAL B 74 -10.25 -34.82 -11.07
C VAL B 74 -9.60 -35.06 -12.42
N LYS B 75 -9.02 -36.26 -12.60
CA LYS B 75 -8.35 -36.59 -13.85
C LYS B 75 -9.16 -37.56 -14.74
N GLU B 76 -8.73 -37.72 -15.99
CA GLU B 76 -9.47 -38.56 -16.93
C GLU B 76 -9.28 -40.00 -16.51
N PRO B 77 -10.26 -40.86 -16.81
CA PRO B 77 -10.11 -42.31 -16.52
C PRO B 77 -8.88 -42.88 -17.22
N ILE B 78 -8.12 -43.72 -16.54
CA ILE B 78 -6.96 -44.34 -17.17
C ILE B 78 -7.31 -45.76 -17.58
N ALA B 79 -6.42 -46.43 -18.32
CA ALA B 79 -6.65 -47.79 -18.85
C ALA B 79 -7.33 -48.77 -17.88
N ALA B 80 -6.79 -48.91 -16.66
CA ALA B 80 -7.35 -49.80 -15.62
C ALA B 80 -8.79 -49.49 -15.18
N GLU B 81 -9.25 -48.25 -15.44
CA GLU B 81 -10.60 -47.81 -15.12
C GLU B 81 -11.56 -47.87 -16.31
N TYR B 82 -11.08 -48.21 -17.49
CA TYR B 82 -11.95 -48.24 -18.67
C TYR B 82 -13.14 -49.20 -18.54
N GLY B 83 -12.91 -50.36 -17.93
CA GLY B 83 -13.96 -51.35 -17.71
C GLY B 83 -14.97 -50.97 -16.64
N ARG B 84 -14.73 -49.85 -15.95
CA ARG B 84 -15.64 -49.34 -14.92
C ARG B 84 -16.64 -48.30 -15.48
N LEU B 85 -16.30 -47.73 -16.63
CA LEU B 85 -17.18 -46.84 -17.40
C LEU B 85 -18.48 -47.54 -17.75
N ARG B 86 -19.60 -46.81 -17.73
CA ARG B 86 -20.92 -47.40 -18.04
C ARG B 86 -21.97 -46.43 -18.60
N HIS B 87 -22.86 -47.04 -19.43
CA HIS B 87 -24.15 -46.53 -19.94
C HIS B 87 -24.96 -46.07 -18.74
N GLY B 88 -25.61 -44.92 -18.83
CA GLY B 88 -26.52 -44.50 -17.76
C GLY B 88 -25.86 -43.73 -16.60
N GLN B 89 -24.54 -43.64 -16.63
CA GLN B 89 -23.82 -42.87 -15.63
C GLN B 89 -23.35 -41.56 -16.25
N ILE B 90 -23.31 -40.51 -15.44
CA ILE B 90 -22.71 -39.26 -15.87
C ILE B 90 -21.30 -39.17 -15.24
N LEU B 91 -20.28 -38.94 -16.08
CA LEU B 91 -18.90 -38.71 -15.64
C LEU B 91 -18.49 -37.23 -15.82
N PHE B 92 -17.95 -36.62 -14.77
CA PHE B 92 -17.69 -35.17 -14.77
C PHE B 92 -16.27 -34.97 -14.21
N THR B 93 -15.34 -34.60 -15.07
CA THR B 93 -13.92 -34.59 -14.73
C THR B 93 -13.11 -33.88 -15.80
N PHE B 94 -11.80 -33.67 -15.58
CA PHE B 94 -10.92 -33.12 -16.64
C PHE B 94 -10.71 -34.24 -17.64
N LEU B 95 -11.01 -34.01 -18.92
CA LEU B 95 -10.92 -35.09 -19.91
C LEU B 95 -9.77 -34.98 -20.92
N HIS B 96 -9.59 -33.78 -21.48
CA HIS B 96 -8.59 -33.52 -22.50
C HIS B 96 -8.61 -34.57 -23.60
N LEU B 97 -9.80 -34.82 -24.13
CA LEU B 97 -9.97 -35.97 -25.01
C LEU B 97 -9.11 -35.94 -26.28
N ALA B 98 -8.82 -34.73 -26.77
CA ALA B 98 -7.98 -34.59 -27.97
C ALA B 98 -6.58 -35.15 -27.74
N ALA B 99 -6.11 -35.11 -26.50
CA ALA B 99 -4.78 -35.63 -26.18
C ALA B 99 -4.80 -37.15 -26.02
N SER B 100 -5.98 -37.77 -26.10
CA SER B 100 -6.11 -39.22 -25.90
C SER B 100 -7.20 -39.91 -26.71
N ARG B 101 -6.80 -40.58 -27.79
CA ARG B 101 -7.72 -41.42 -28.54
C ARG B 101 -8.16 -42.62 -27.71
N ALA B 102 -7.27 -43.18 -26.89
CA ALA B 102 -7.61 -44.35 -26.08
C ALA B 102 -8.73 -44.01 -25.08
N CYS B 103 -8.63 -42.85 -24.44
CA CYS B 103 -9.67 -42.38 -23.50
C CYS B 103 -11.00 -42.08 -24.19
N THR B 104 -10.91 -41.33 -25.28
CA THR B 104 -12.09 -40.97 -26.09
C THR B 104 -12.81 -42.22 -26.52
N ASP B 105 -12.10 -43.16 -27.11
CA ASP B 105 -12.73 -44.40 -27.57
C ASP B 105 -13.40 -45.23 -26.46
N ALA B 106 -12.71 -45.38 -25.33
CA ALA B 106 -13.26 -45.95 -24.10
C ALA B 106 -14.57 -45.31 -23.68
N LEU B 107 -14.63 -43.97 -23.63
CA LEU B 107 -15.87 -43.29 -23.29
C LEU B 107 -16.97 -43.63 -24.29
N LEU B 108 -16.66 -43.55 -25.57
CA LEU B 108 -17.62 -43.88 -26.61
C LEU B 108 -18.07 -45.35 -26.57
N ASP B 109 -17.13 -46.27 -26.48
CA ASP B 109 -17.47 -47.70 -26.45
C ASP B 109 -18.40 -48.05 -25.28
N SER B 110 -18.15 -47.44 -24.12
CA SER B 110 -18.96 -47.67 -22.90
C SER B 110 -20.38 -47.07 -22.93
N GLY B 111 -20.59 -46.06 -23.77
CA GLY B 111 -21.88 -45.37 -23.85
C GLY B 111 -22.10 -44.33 -22.76
N THR B 112 -21.10 -44.11 -21.92
CA THR B 112 -21.26 -43.21 -20.80
C THR B 112 -21.50 -41.78 -21.28
N THR B 113 -22.17 -40.97 -20.46
CA THR B 113 -22.35 -39.56 -20.70
C THR B 113 -21.21 -38.85 -19.96
N SER B 114 -20.39 -38.12 -20.68
CA SER B 114 -19.30 -37.43 -20.02
C SER B 114 -19.29 -35.92 -20.27
N ILE B 115 -18.82 -35.18 -19.27
CA ILE B 115 -18.73 -33.71 -19.36
C ILE B 115 -17.33 -33.31 -18.90
N ALA B 116 -16.64 -32.47 -19.69
CA ALA B 116 -15.27 -32.08 -19.43
C ALA B 116 -15.22 -30.79 -18.65
N TYR B 117 -14.58 -30.77 -17.47
CA TYR B 117 -14.37 -29.52 -16.72
C TYR B 117 -13.80 -28.41 -17.62
N GLU B 118 -12.81 -28.74 -18.45
CA GLU B 118 -11.99 -27.77 -19.11
C GLU B 118 -12.70 -27.08 -20.28
N THR B 119 -13.79 -27.65 -20.77
CA THR B 119 -14.56 -27.05 -21.85
C THR B 119 -15.88 -26.36 -21.36
N VAL B 120 -16.23 -26.51 -20.09
CA VAL B 120 -17.31 -25.70 -19.50
C VAL B 120 -16.92 -24.22 -19.65
N GLN B 121 -17.81 -23.42 -20.22
CA GLN B 121 -17.40 -22.12 -20.65
C GLN B 121 -18.56 -21.11 -20.65
N THR B 122 -18.36 -19.98 -19.98
CA THR B 122 -19.38 -18.95 -19.93
C THR B 122 -19.33 -18.05 -21.17
N ALA B 123 -20.31 -17.15 -21.28
CA ALA B 123 -20.62 -16.51 -22.54
C ALA B 123 -19.66 -15.37 -22.84
N ASP B 124 -18.90 -14.96 -21.82
CA ASP B 124 -17.76 -14.06 -22.02
C ASP B 124 -16.53 -14.84 -22.48
N GLY B 125 -16.65 -16.16 -22.56
CA GLY B 125 -15.59 -17.00 -23.06
C GLY B 125 -14.72 -17.57 -21.95
N ALA B 126 -14.91 -17.11 -20.72
CA ALA B 126 -14.07 -17.56 -19.60
C ALA B 126 -14.28 -19.06 -19.36
N LEU B 127 -13.27 -19.69 -18.79
CA LEU B 127 -13.30 -21.12 -18.47
C LEU B 127 -13.28 -21.30 -16.95
N PRO B 128 -14.46 -21.22 -16.32
CA PRO B 128 -14.48 -21.07 -14.86
C PRO B 128 -14.00 -22.31 -14.07
N LEU B 129 -13.89 -23.46 -14.71
CA LEU B 129 -13.45 -24.62 -13.92
C LEU B 129 -11.99 -24.89 -14.12
N LEU B 130 -11.46 -24.32 -15.20
CA LEU B 130 -10.06 -24.32 -15.44
C LEU B 130 -9.37 -23.17 -14.68
N ALA B 131 -10.04 -22.03 -14.57
CA ALA B 131 -9.51 -20.83 -13.89
C ALA B 131 -8.79 -21.07 -12.54
N PRO B 132 -9.43 -21.78 -11.57
CA PRO B 132 -8.81 -22.06 -10.28
C PRO B 132 -7.48 -22.81 -10.47
N MET B 133 -7.39 -23.75 -11.42
CA MET B 133 -6.14 -24.50 -11.62
C MET B 133 -5.06 -23.59 -12.20
N SER B 134 -5.44 -22.67 -13.10
CA SER B 134 -4.46 -21.66 -13.58
C SER B 134 -3.98 -20.76 -12.46
N GLU B 135 -4.88 -20.43 -11.53
CA GLU B 135 -4.49 -19.56 -10.41
C GLU B 135 -3.43 -20.26 -9.60
N VAL B 136 -3.71 -21.51 -9.23
CA VAL B 136 -2.75 -22.30 -8.49
C VAL B 136 -1.45 -22.43 -9.27
N ALA B 137 -1.49 -22.91 -10.52
CA ALA B 137 -0.25 -23.10 -11.30
C ALA B 137 0.58 -21.82 -11.34
N GLY B 138 -0.07 -20.70 -11.56
CA GLY B 138 0.69 -19.45 -11.65
C GLY B 138 1.38 -19.18 -10.32
N ARG B 139 0.66 -19.25 -9.20
CA ARG B 139 1.27 -18.95 -7.93
C ARG B 139 2.42 -19.91 -7.61
N LEU B 140 2.23 -21.19 -7.93
CA LEU B 140 3.28 -22.18 -7.73
C LEU B 140 4.50 -21.90 -8.53
N ALA B 141 4.32 -21.39 -9.77
CA ALA B 141 5.45 -21.16 -10.67
C ALA B 141 6.51 -20.15 -10.10
N ALA B 142 6.00 -19.10 -9.48
CA ALA B 142 6.79 -18.18 -8.69
C ALA B 142 7.54 -18.91 -7.59
N GLN B 143 6.89 -19.85 -6.87
CA GLN B 143 7.57 -20.46 -5.71
C GLN B 143 8.62 -21.49 -6.15
N VAL B 144 8.28 -22.33 -7.14
CA VAL B 144 9.26 -23.27 -7.65
C VAL B 144 10.41 -22.57 -8.41
N GLY B 145 10.07 -21.48 -9.11
CA GLY B 145 11.08 -20.67 -9.80
C GLY B 145 12.10 -20.17 -8.78
N ALA B 146 11.62 -19.67 -7.66
CA ALA B 146 12.48 -19.17 -6.58
C ALA B 146 13.42 -20.21 -6.05
N TYR B 147 12.88 -21.42 -5.84
CA TYR B 147 13.62 -22.53 -5.31
C TYR B 147 14.72 -23.02 -6.24
N HIS B 148 14.40 -23.23 -7.52
CA HIS B 148 15.38 -23.70 -8.49
C HIS B 148 16.36 -22.61 -8.94
N LEU B 149 16.08 -21.34 -8.65
CA LEU B 149 17.11 -20.29 -8.77
C LEU B 149 18.27 -20.45 -7.77
N MET B 150 18.10 -21.27 -6.73
CA MET B 150 19.22 -21.56 -5.82
C MET B 150 20.33 -22.35 -6.51
N ARG B 151 21.58 -21.93 -6.28
CA ARG B 151 22.73 -22.57 -6.95
C ARG B 151 22.80 -24.06 -6.65
N THR B 152 22.31 -24.44 -5.47
CA THR B 152 22.28 -25.84 -5.06
C THR B 152 21.28 -26.70 -5.84
N GLN B 153 20.36 -26.03 -6.53
CA GLN B 153 19.40 -26.71 -7.42
C GLN B 153 19.85 -26.62 -8.89
N GLY B 154 21.02 -26.03 -9.11
CA GLY B 154 21.54 -25.88 -10.48
C GLY B 154 21.28 -24.50 -11.08
N GLY B 155 20.54 -23.64 -10.37
CA GLY B 155 20.23 -22.32 -10.88
C GLY B 155 21.34 -21.31 -10.65
N ARG B 156 21.08 -20.07 -11.02
CA ARG B 156 22.12 -19.03 -11.04
C ARG B 156 22.54 -18.61 -9.62
N GLY B 157 21.67 -18.87 -8.66
CA GLY B 157 21.99 -18.61 -7.24
C GLY B 157 21.59 -17.18 -6.83
N VAL B 158 20.39 -16.74 -7.24
CA VAL B 158 19.89 -15.35 -7.02
C VAL B 158 18.63 -15.41 -6.13
N LEU B 159 18.64 -14.72 -4.99
CA LEU B 159 17.46 -14.63 -4.14
C LEU B 159 16.39 -13.77 -4.83
N MET B 160 15.12 -14.19 -4.80
CA MET B 160 14.07 -13.36 -5.43
C MET B 160 14.11 -11.90 -5.11
N GLY B 161 14.16 -11.58 -3.82
CA GLY B 161 13.98 -10.20 -3.40
C GLY B 161 15.27 -9.44 -3.20
N GLY B 162 16.42 -10.10 -3.38
CA GLY B 162 17.71 -9.50 -2.98
C GLY B 162 17.62 -9.14 -1.51
N VAL B 163 18.49 -8.21 -1.09
CA VAL B 163 18.51 -7.67 0.24
C VAL B 163 19.01 -6.22 0.06
N PRO B 164 18.80 -5.36 1.07
CA PRO B 164 19.15 -3.94 0.86
C PRO B 164 20.56 -3.81 0.33
N GLY B 165 20.69 -3.09 -0.77
CA GLY B 165 22.01 -2.79 -1.32
C GLY B 165 22.32 -3.73 -2.45
N VAL B 166 21.53 -4.82 -2.56
CA VAL B 166 21.77 -5.89 -3.49
C VAL B 166 20.62 -6.12 -4.46
N GLU B 167 20.95 -6.42 -5.70
CA GLU B 167 19.98 -6.54 -6.78
C GLU B 167 19.05 -7.73 -6.65
N PRO B 168 17.70 -7.52 -6.76
CA PRO B 168 16.74 -8.64 -6.80
C PRO B 168 16.80 -9.43 -8.08
N ALA B 169 16.19 -10.62 -8.09
CA ALA B 169 15.99 -11.32 -9.32
C ALA B 169 15.19 -10.48 -10.34
N ASP B 170 15.55 -10.61 -11.62
CA ASP B 170 14.76 -10.07 -12.72
C ASP B 170 13.90 -11.25 -13.22
N VAL B 171 12.59 -11.09 -13.12
CA VAL B 171 11.62 -12.11 -13.47
C VAL B 171 10.80 -11.59 -14.64
N VAL B 172 10.68 -12.40 -15.68
CA VAL B 172 9.86 -12.10 -16.86
C VAL B 172 8.69 -13.06 -16.92
N VAL B 173 7.47 -12.52 -16.94
CA VAL B 173 6.30 -13.37 -17.07
C VAL B 173 5.74 -13.19 -18.49
N ILE B 174 5.63 -14.29 -19.23
CA ILE B 174 5.14 -14.19 -20.61
C ILE B 174 3.66 -14.54 -20.64
N GLY B 175 2.82 -13.52 -20.83
CA GLY B 175 1.38 -13.71 -20.81
C GLY B 175 0.77 -13.17 -19.55
N ALA B 176 -0.30 -12.40 -19.72
CA ALA B 176 -0.96 -11.76 -18.59
C ALA B 176 -2.36 -12.39 -18.34
N GLY B 177 -2.57 -13.64 -18.74
CA GLY B 177 -3.83 -14.33 -18.43
C GLY B 177 -3.85 -14.66 -16.94
N THR B 178 -4.73 -15.59 -16.54
CA THR B 178 -4.94 -15.89 -15.14
C THR B 178 -3.68 -16.43 -14.50
N ALA B 179 -3.01 -17.37 -15.19
CA ALA B 179 -1.79 -17.96 -14.64
C ALA B 179 -0.69 -16.90 -14.53
N GLY B 180 -0.49 -16.15 -15.60
CA GLY B 180 0.58 -15.15 -15.65
C GLY B 180 0.38 -14.04 -14.64
N TYR B 181 -0.87 -13.55 -14.50
CA TYR B 181 -1.15 -12.51 -13.51
C TYR B 181 -0.75 -13.07 -12.13
N ASN B 182 -1.17 -14.29 -11.84
CA ASN B 182 -0.87 -14.85 -10.52
C ASN B 182 0.60 -15.05 -10.23
N ALA B 183 1.37 -15.37 -11.25
CA ALA B 183 2.81 -15.59 -11.07
C ALA B 183 3.50 -14.27 -10.86
N ALA B 184 3.07 -13.26 -11.60
CA ALA B 184 3.64 -11.93 -11.52
C ALA B 184 3.38 -11.46 -10.11
N ARG B 185 2.19 -11.78 -9.59
CA ARG B 185 1.81 -11.27 -8.29
C ARG B 185 2.65 -11.85 -7.16
N ILE B 186 2.85 -13.18 -7.16
CA ILE B 186 3.62 -13.76 -6.11
C ILE B 186 5.10 -13.39 -6.27
N ALA B 187 5.61 -13.42 -7.50
CA ALA B 187 7.02 -13.16 -7.70
C ALA B 187 7.31 -11.70 -7.24
N ASN B 188 6.37 -10.82 -7.48
CA ASN B 188 6.51 -9.39 -7.02
C ASN B 188 6.44 -9.27 -5.48
N GLY B 189 5.57 -10.10 -4.87
CA GLY B 189 5.45 -10.11 -3.40
C GLY B 189 6.71 -10.66 -2.77
N MET B 190 7.49 -11.41 -3.55
CA MET B 190 8.68 -12.05 -2.98
C MET B 190 9.83 -11.04 -3.11
N GLY B 191 9.56 -9.92 -3.74
CA GLY B 191 10.53 -8.85 -3.89
C GLY B 191 11.21 -8.81 -5.25
N ALA B 192 10.90 -9.76 -6.15
CA ALA B 192 11.57 -9.75 -7.48
C ALA B 192 11.17 -8.49 -8.28
N THR B 193 11.97 -8.14 -9.29
CA THR B 193 11.57 -7.10 -10.28
C THR B 193 10.87 -7.84 -11.41
N VAL B 194 9.57 -7.60 -11.57
CA VAL B 194 8.76 -8.36 -12.49
C VAL B 194 8.33 -7.53 -13.67
N THR B 195 8.50 -8.11 -14.85
CA THR B 195 8.03 -7.57 -16.12
C THR B 195 7.05 -8.57 -16.72
N VAL B 196 5.88 -8.10 -17.11
CA VAL B 196 4.90 -8.96 -17.76
C VAL B 196 4.77 -8.57 -19.21
N LEU B 197 4.81 -9.56 -20.10
CA LEU B 197 4.64 -9.29 -21.55
C LEU B 197 3.29 -9.80 -22.03
N ASP B 198 2.52 -8.98 -22.76
CA ASP B 198 1.28 -9.47 -23.36
C ASP B 198 0.94 -8.53 -24.51
N ILE B 199 0.14 -9.00 -25.45
CA ILE B 199 -0.27 -8.18 -26.56
C ILE B 199 -1.60 -7.55 -26.30
N ASN B 200 -2.22 -7.90 -25.18
CA ASN B 200 -3.49 -7.31 -24.80
C ASN B 200 -3.21 -6.11 -23.86
N ILE B 201 -3.29 -4.92 -24.42
CA ILE B 201 -2.89 -3.75 -23.65
C ILE B 201 -3.83 -3.54 -22.47
N ASP B 202 -5.09 -3.98 -22.57
CA ASP B 202 -6.00 -3.80 -21.44
C ASP B 202 -5.63 -4.70 -20.26
N LYS B 203 -5.00 -5.84 -20.53
CA LYS B 203 -4.43 -6.69 -19.45
C LYS B 203 -3.23 -6.07 -18.75
N LEU B 204 -2.39 -5.38 -19.55
CA LEU B 204 -1.28 -4.57 -19.04
C LEU B 204 -1.75 -3.35 -18.26
N ARG B 205 -2.79 -2.65 -18.76
CA ARG B 205 -3.45 -1.59 -17.98
C ARG B 205 -3.94 -2.05 -16.60
N GLN B 206 -4.59 -3.22 -16.54
CA GLN B 206 -5.00 -3.81 -15.27
C GLN B 206 -3.87 -4.10 -14.32
N LEU B 207 -2.74 -4.60 -14.82
CA LEU B 207 -1.58 -4.85 -13.95
C LEU B 207 -0.97 -3.55 -13.44
N ASP B 208 -0.97 -2.56 -14.34
CA ASP B 208 -0.39 -1.29 -14.01
C ASP B 208 -1.23 -0.63 -12.92
N ALA B 209 -2.53 -0.77 -12.99
CA ALA B 209 -3.37 -0.17 -11.98
C ALA B 209 -3.33 -0.97 -10.66
N GLU B 210 -3.34 -2.29 -10.73
CA GLU B 210 -3.42 -3.13 -9.55
C GLU B 210 -2.17 -3.05 -8.65
N PHE B 211 -1.01 -2.91 -9.29
CA PHE B 211 0.24 -2.79 -8.55
C PHE B 211 0.86 -1.40 -8.64
N CYS B 212 0.14 -0.46 -9.20
CA CYS B 212 0.60 0.93 -9.27
C CYS B 212 1.94 1.13 -9.99
N GLY B 213 2.15 0.50 -11.14
CA GLY B 213 3.44 0.64 -11.79
C GLY B 213 4.51 -0.33 -11.28
N ARG B 214 4.38 -0.89 -10.08
CA ARG B 214 5.44 -1.78 -9.56
C ARG B 214 5.77 -3.01 -10.46
N ILE B 215 4.75 -3.65 -11.00
CA ILE B 215 4.97 -4.73 -11.94
C ILE B 215 5.10 -4.04 -13.30
N HIS B 216 6.26 -4.18 -13.91
CA HIS B 216 6.48 -3.57 -15.22
C HIS B 216 5.67 -4.28 -16.32
N THR B 217 5.22 -3.53 -17.29
CA THR B 217 4.49 -4.10 -18.39
C THR B 217 5.13 -3.68 -19.70
N ARG B 218 5.27 -4.66 -20.58
CA ARG B 218 5.77 -4.42 -21.94
C ARG B 218 4.88 -5.10 -22.96
N TYR B 219 4.53 -4.35 -23.98
CA TYR B 219 3.87 -4.87 -25.16
C TYR B 219 4.72 -5.97 -25.77
N SER B 220 4.09 -7.11 -25.98
CA SER B 220 4.80 -8.30 -26.39
C SER B 220 5.02 -8.36 -27.91
N SER B 221 6.26 -8.45 -28.30
CA SER B 221 6.60 -8.68 -29.68
C SER B 221 7.79 -9.55 -29.50
N ALA B 222 8.19 -10.25 -30.55
CA ALA B 222 9.32 -11.15 -30.45
C ALA B 222 10.58 -10.40 -30.03
N TYR B 223 10.70 -9.15 -30.49
CA TYR B 223 11.84 -8.29 -30.24
C TYR B 223 11.94 -7.86 -28.77
N GLU B 224 10.84 -7.34 -28.22
CA GLU B 224 10.73 -7.08 -26.80
C GLU B 224 10.93 -8.35 -25.98
N LEU B 225 10.27 -9.43 -26.39
CA LEU B 225 10.41 -10.68 -25.68
C LEU B 225 11.89 -11.18 -25.62
N GLU B 226 12.61 -11.15 -26.72
CA GLU B 226 14.04 -11.52 -26.74
C GLU B 226 14.89 -10.73 -25.75
N GLY B 227 14.73 -9.41 -25.79
CA GLY B 227 15.44 -8.52 -24.89
C GLY B 227 15.15 -8.84 -23.43
N ALA B 228 13.87 -9.00 -23.09
CA ALA B 228 13.47 -9.26 -21.72
C ALA B 228 14.04 -10.60 -21.23
N VAL B 229 13.94 -11.63 -22.07
CA VAL B 229 14.40 -12.97 -21.73
C VAL B 229 15.92 -13.04 -21.55
N LYS B 230 16.66 -12.33 -22.38
CA LYS B 230 18.10 -12.18 -22.21
C LYS B 230 18.56 -11.48 -20.91
N ARG B 231 17.69 -10.70 -20.28
CA ARG B 231 18.04 -10.09 -19.00
C ARG B 231 17.55 -10.87 -17.78
N ALA B 232 16.69 -11.86 -18.00
CA ALA B 232 15.96 -12.53 -16.92
C ALA B 232 16.82 -13.53 -16.13
N ASP B 233 16.60 -13.60 -14.83
CA ASP B 233 17.07 -14.70 -14.01
C ASP B 233 16.03 -15.81 -14.07
N LEU B 234 14.75 -15.45 -14.21
CA LEU B 234 13.63 -16.40 -14.19
C LEU B 234 12.61 -16.00 -15.25
N VAL B 235 12.21 -16.97 -16.08
CA VAL B 235 11.18 -16.75 -17.10
C VAL B 235 10.02 -17.67 -16.81
N ILE B 236 8.83 -17.08 -16.71
CA ILE B 236 7.62 -17.89 -16.55
C ILE B 236 6.76 -17.88 -17.82
N GLY B 237 6.57 -19.04 -18.45
CA GLY B 237 5.78 -19.15 -19.67
C GLY B 237 4.36 -19.44 -19.32
N ALA B 238 3.48 -18.46 -19.56
CA ALA B 238 2.08 -18.49 -19.08
C ALA B 238 1.05 -18.11 -20.19
N VAL B 239 1.37 -18.51 -21.40
CA VAL B 239 0.50 -18.35 -22.54
C VAL B 239 -0.60 -19.45 -22.62
N LEU B 240 -1.88 -19.09 -22.50
CA LEU B 240 -2.98 -20.07 -22.71
C LEU B 240 -3.65 -19.95 -24.09
N ALA B 244 -6.71 -25.36 -27.92
CA ALA B 244 -5.69 -24.92 -28.86
C ALA B 244 -4.26 -25.01 -28.28
N LYS B 245 -3.33 -25.54 -29.09
CA LYS B 245 -1.93 -25.70 -28.69
C LYS B 245 -1.20 -24.38 -28.48
N ALA B 246 -0.30 -24.39 -27.49
CA ALA B 246 0.52 -23.24 -27.15
C ALA B 246 1.63 -22.97 -28.19
N PRO B 247 1.83 -21.68 -28.54
CA PRO B 247 2.89 -21.24 -29.48
C PRO B 247 4.29 -21.28 -28.86
N LYS B 248 5.30 -21.58 -29.67
CA LYS B 248 6.68 -21.61 -29.21
C LYS B 248 7.30 -20.24 -29.26
N LEU B 249 7.35 -19.60 -28.11
CA LEU B 249 7.69 -18.19 -28.03
C LEU B 249 9.15 -17.95 -27.65
N VAL B 250 9.75 -18.94 -27.00
CA VAL B 250 11.16 -18.88 -26.67
C VAL B 250 11.89 -20.03 -27.39
N SER B 251 12.69 -19.70 -28.39
CA SER B 251 13.44 -20.71 -29.13
C SER B 251 14.66 -21.19 -28.33
N ASN B 252 15.17 -22.37 -28.66
CA ASN B 252 16.41 -22.85 -28.07
C ASN B 252 17.57 -21.93 -28.41
N SER B 253 17.45 -21.24 -29.54
CA SER B 253 18.44 -20.30 -29.98
C SER B 253 18.51 -19.10 -29.03
N LEU B 254 17.34 -18.59 -28.63
CA LEU B 254 17.26 -17.51 -27.66
C LEU B 254 17.77 -17.97 -26.31
N VAL B 255 17.38 -19.18 -25.90
CA VAL B 255 17.89 -19.75 -24.64
C VAL B 255 19.42 -19.75 -24.60
N ALA B 256 20.04 -19.96 -25.76
CA ALA B 256 21.51 -19.96 -25.87
C ALA B 256 22.14 -18.63 -25.44
N HIS B 257 21.41 -17.53 -25.61
CA HIS B 257 21.88 -16.20 -25.24
C HIS B 257 21.48 -15.76 -23.84
N MET B 258 20.85 -16.66 -23.10
CA MET B 258 20.41 -16.33 -21.75
C MET B 258 21.57 -16.35 -20.74
N LYS B 259 21.31 -15.80 -19.55
CA LYS B 259 22.26 -15.85 -18.44
C LYS B 259 22.50 -17.27 -17.94
N PRO B 260 23.76 -17.65 -17.69
CA PRO B 260 24.01 -18.98 -17.16
C PRO B 260 23.27 -19.19 -15.85
N GLY B 261 22.55 -20.31 -15.74
CA GLY B 261 21.83 -20.62 -14.54
C GLY B 261 20.44 -20.01 -14.45
N ALA B 262 19.99 -19.37 -15.51
CA ALA B 262 18.60 -18.86 -15.58
C ALA B 262 17.64 -20.04 -15.53
N VAL B 263 16.48 -19.81 -14.91
CA VAL B 263 15.48 -20.82 -14.75
C VAL B 263 14.26 -20.45 -15.61
N LEU B 264 13.72 -21.42 -16.35
CA LEU B 264 12.51 -21.16 -17.13
C LEU B 264 11.44 -22.14 -16.67
N VAL B 265 10.29 -21.62 -16.23
CA VAL B 265 9.19 -22.46 -15.77
C VAL B 265 8.09 -22.41 -16.81
N ASP B 266 7.73 -23.56 -17.35
CA ASP B 266 6.72 -23.62 -18.40
C ASP B 266 5.41 -24.12 -17.81
N ILE B 267 4.48 -23.17 -17.59
CA ILE B 267 3.15 -23.47 -17.11
C ILE B 267 2.28 -24.03 -18.27
N ALA B 268 2.66 -23.77 -19.51
CA ALA B 268 1.84 -24.20 -20.66
C ALA B 268 2.13 -25.65 -21.08
N ILE B 269 2.91 -26.35 -20.27
CA ILE B 269 3.42 -27.66 -20.62
C ILE B 269 2.25 -28.63 -20.89
N ASP B 270 1.13 -28.39 -20.22
CA ASP B 270 -0.05 -29.23 -20.40
C ASP B 270 -0.86 -28.90 -21.66
N GLN B 271 -0.23 -28.16 -22.58
CA GLN B 271 -0.68 -28.06 -23.97
C GLN B 271 0.48 -27.86 -24.93
N GLY B 272 1.54 -28.63 -24.69
CA GLY B 272 2.71 -28.60 -25.53
C GLY B 272 3.87 -27.78 -25.01
N GLY B 273 3.62 -26.85 -24.10
CA GLY B 273 4.64 -25.93 -23.60
C GLY B 273 4.78 -24.72 -24.49
N CYS B 274 5.28 -23.61 -23.99
CA CYS B 274 5.51 -22.46 -24.87
C CYS B 274 6.99 -22.16 -25.05
N PHE B 275 7.86 -23.10 -24.65
CA PHE B 275 9.29 -22.96 -24.93
C PHE B 275 9.58 -24.00 -25.94
N GLU B 276 10.45 -23.72 -26.91
CA GLU B 276 10.86 -24.75 -27.86
C GLU B 276 11.40 -25.99 -27.14
N GLY B 277 12.22 -25.80 -26.11
CA GLY B 277 12.86 -26.91 -25.44
C GLY B 277 12.04 -27.67 -24.41
N SER B 278 10.80 -27.26 -24.18
CA SER B 278 9.98 -27.90 -23.15
C SER B 278 9.64 -29.34 -23.53
N ARG B 279 9.60 -30.20 -22.50
CA ARG B 279 9.05 -31.56 -22.56
C ARG B 279 8.54 -31.90 -21.14
N PRO B 280 7.41 -32.61 -21.02
CA PRO B 280 6.80 -32.68 -19.67
C PRO B 280 7.72 -33.45 -18.72
N THR B 281 7.78 -33.03 -17.45
CA THR B 281 8.62 -33.67 -16.42
C THR B 281 7.76 -34.20 -15.24
N THR B 282 8.44 -34.74 -14.22
CA THR B 282 7.75 -35.31 -13.07
C THR B 282 8.37 -34.74 -11.82
N TYR B 283 7.73 -34.95 -10.68
CA TYR B 283 8.12 -34.26 -9.45
C TYR B 283 9.53 -34.53 -8.96
N ASP B 284 9.92 -35.79 -9.10
CA ASP B 284 11.25 -36.33 -8.74
C ASP B 284 12.40 -36.01 -9.71
N HIS B 285 12.08 -35.79 -10.99
CA HIS B 285 13.08 -35.25 -11.91
C HIS B 285 12.53 -33.99 -12.59
N PRO B 286 12.28 -32.97 -11.80
CA PRO B 286 11.46 -31.84 -12.28
C PRO B 286 12.13 -30.96 -13.34
N THR B 287 13.47 -30.92 -13.31
CA THR B 287 14.24 -29.98 -14.17
C THR B 287 15.23 -30.68 -15.09
N PHE B 288 15.56 -30.03 -16.21
CA PHE B 288 16.64 -30.47 -17.09
C PHE B 288 17.30 -29.26 -17.74
N ALA B 289 18.50 -29.46 -18.25
CA ALA B 289 19.30 -28.38 -18.80
C ALA B 289 18.95 -28.09 -20.25
N VAL B 290 18.79 -26.81 -20.58
CA VAL B 290 18.90 -26.48 -21.99
C VAL B 290 19.92 -25.38 -22.18
N HIS B 291 20.94 -25.72 -22.96
CA HIS B 291 22.17 -24.95 -23.01
C HIS B 291 22.61 -24.70 -21.55
N ASP B 292 22.82 -23.45 -21.15
CA ASP B 292 23.33 -23.20 -19.79
C ASP B 292 22.23 -22.78 -18.88
N THR B 293 21.07 -23.39 -19.07
CA THR B 293 19.84 -22.91 -18.49
C THR B 293 19.12 -24.10 -17.90
N LEU B 294 18.17 -23.86 -17.02
CA LEU B 294 17.43 -24.92 -16.34
C LEU B 294 15.95 -24.76 -16.64
N PHE B 295 15.35 -25.80 -17.16
CA PHE B 295 13.93 -25.79 -17.51
C PHE B 295 13.19 -26.58 -16.44
N TYR B 296 12.03 -26.07 -16.03
CA TYR B 296 11.13 -26.74 -15.10
C TYR B 296 9.83 -26.94 -15.87
N CYS B 297 9.46 -28.19 -16.06
CA CYS B 297 8.32 -28.53 -16.94
C CYS B 297 7.33 -29.56 -16.35
N VAL B 298 7.05 -29.50 -15.04
CA VAL B 298 6.24 -30.57 -14.46
C VAL B 298 4.78 -30.45 -14.83
N ALA B 299 4.24 -31.56 -15.31
CA ALA B 299 2.86 -31.56 -15.70
C ALA B 299 2.03 -31.51 -14.42
N ASN B 300 0.88 -30.82 -14.51
CA ASN B 300 -0.16 -30.87 -13.44
C ASN B 300 0.37 -30.31 -12.13
N MET B 301 1.01 -29.15 -12.22
CA MET B 301 1.56 -28.49 -11.05
C MET B 301 0.62 -28.42 -9.84
N PRO B 302 -0.68 -28.12 -10.07
CA PRO B 302 -1.62 -28.04 -8.93
C PRO B 302 -1.79 -29.28 -8.13
N ALA B 303 -1.40 -30.42 -8.72
CA ALA B 303 -1.41 -31.67 -7.93
C ALA B 303 -0.40 -31.59 -6.75
N SER B 304 0.63 -30.74 -6.87
N SER B 304 0.62 -30.73 -6.87
CA SER B 304 1.69 -30.58 -5.82
CA SER B 304 1.68 -30.58 -5.83
C SER B 304 1.16 -30.02 -4.50
C SER B 304 1.17 -30.01 -4.51
N VAL B 305 -0.02 -29.41 -4.55
CA VAL B 305 -0.61 -28.76 -3.39
C VAL B 305 -2.09 -29.13 -3.34
N PRO B 306 -2.38 -30.43 -3.12
CA PRO B 306 -3.73 -30.94 -3.17
C PRO B 306 -4.65 -30.26 -2.16
N LYS B 307 -4.19 -29.86 -0.98
CA LYS B 307 -5.12 -29.25 -0.06
C LYS B 307 -5.66 -27.96 -0.66
N THR B 308 -4.76 -27.13 -1.19
CA THR B 308 -5.20 -25.93 -1.84
C THR B 308 -6.02 -26.23 -3.09
N SER B 309 -5.54 -27.18 -3.89
CA SER B 309 -6.14 -27.37 -5.22
C SER B 309 -7.44 -28.08 -5.18
N THR B 310 -7.54 -29.11 -4.32
CA THR B 310 -8.84 -29.74 -4.15
C THR B 310 -9.90 -28.67 -3.88
N TYR B 311 -9.61 -27.74 -2.98
CA TYR B 311 -10.68 -26.82 -2.59
C TYR B 311 -10.94 -25.80 -3.67
N ALA B 312 -9.88 -25.32 -4.34
CA ALA B 312 -10.05 -24.31 -5.40
C ALA B 312 -10.91 -24.90 -6.50
N LEU B 313 -10.61 -26.13 -6.86
CA LEU B 313 -11.35 -26.78 -7.93
C LEU B 313 -12.78 -27.09 -7.58
N THR B 314 -12.98 -27.78 -6.46
CA THR B 314 -14.32 -28.18 -6.06
C THR B 314 -15.21 -26.96 -5.63
N ASN B 315 -14.59 -25.86 -5.19
CA ASN B 315 -15.39 -24.64 -5.06
C ASN B 315 -15.99 -24.27 -6.38
N ALA B 316 -15.18 -24.32 -7.45
CA ALA B 316 -15.58 -24.03 -8.84
C ALA B 316 -16.61 -25.02 -9.37
N THR B 317 -16.35 -26.31 -9.19
CA THR B 317 -17.29 -27.27 -9.80
C THR B 317 -18.61 -27.35 -9.06
N MET B 318 -18.62 -26.97 -7.78
CA MET B 318 -19.79 -27.26 -6.90
C MET B 318 -21.16 -26.85 -7.44
N PRO B 319 -21.31 -25.60 -7.92
CA PRO B 319 -22.62 -25.26 -8.47
C PRO B 319 -23.06 -26.15 -9.63
N TYR B 320 -22.12 -26.58 -10.48
CA TYR B 320 -22.41 -27.44 -11.60
C TYR B 320 -22.83 -28.86 -11.17
N VAL B 321 -22.11 -29.42 -10.21
CA VAL B 321 -22.39 -30.70 -9.56
C VAL B 321 -23.81 -30.65 -8.96
N LEU B 322 -24.14 -29.55 -8.29
CA LEU B 322 -25.43 -29.39 -7.66
C LEU B 322 -26.53 -29.45 -8.71
N GLU B 323 -26.31 -28.81 -9.87
CA GLU B 323 -27.34 -28.88 -10.92
C GLU B 323 -27.47 -30.23 -11.59
N LEU B 324 -26.35 -30.90 -11.83
CA LEU B 324 -26.39 -32.22 -12.42
C LEU B 324 -27.15 -33.17 -11.51
N ALA B 325 -26.82 -33.08 -10.22
CA ALA B 325 -27.48 -33.88 -9.20
C ALA B 325 -28.96 -33.54 -9.10
N ASP B 326 -29.31 -32.26 -8.99
CA ASP B 326 -30.73 -31.88 -8.83
C ASP B 326 -31.54 -32.23 -10.06
N HIS B 327 -30.94 -32.07 -11.23
CA HIS B 327 -31.72 -32.03 -12.44
C HIS B 327 -31.39 -33.04 -13.51
N GLY B 328 -30.34 -33.83 -13.31
CA GLY B 328 -29.87 -34.74 -14.33
C GLY B 328 -29.17 -34.01 -15.48
N TRP B 329 -28.49 -34.76 -16.33
CA TRP B 329 -27.57 -34.13 -17.28
C TRP B 329 -28.30 -33.36 -18.37
N ARG B 330 -29.44 -33.89 -18.82
CA ARG B 330 -30.15 -33.31 -19.96
C ARG B 330 -30.75 -31.96 -19.59
N ALA B 331 -31.48 -31.91 -18.48
CA ALA B 331 -32.12 -30.66 -18.04
C ALA B 331 -31.08 -29.65 -17.56
N ALA B 332 -30.02 -30.11 -16.91
CA ALA B 332 -28.95 -29.23 -16.44
C ALA B 332 -28.28 -28.57 -17.63
N CYS B 333 -27.99 -29.35 -18.67
CA CYS B 333 -27.32 -28.83 -19.86
C CYS B 333 -28.21 -27.88 -20.67
N ARG B 334 -29.51 -28.16 -20.72
CA ARG B 334 -30.45 -27.30 -21.44
C ARG B 334 -30.57 -25.94 -20.79
N SER B 335 -30.57 -25.95 -19.45
CA SER B 335 -30.73 -24.76 -18.66
C SER B 335 -29.47 -23.95 -18.53
N ASN B 336 -28.32 -24.57 -18.72
CA ASN B 336 -27.06 -23.88 -18.49
C ASN B 336 -26.13 -24.09 -19.67
N PRO B 337 -26.16 -23.15 -20.62
CA PRO B 337 -25.31 -23.28 -21.82
C PRO B 337 -23.80 -23.44 -21.53
N ALA B 338 -23.33 -23.00 -20.36
CA ALA B 338 -21.92 -23.14 -19.98
C ALA B 338 -21.56 -24.59 -19.73
N LEU B 339 -22.40 -25.25 -18.94
CA LEU B 339 -22.29 -26.69 -18.68
C LEU B 339 -22.38 -27.48 -19.97
N ALA B 340 -23.34 -27.10 -20.81
CA ALA B 340 -23.57 -27.80 -22.07
C ALA B 340 -22.32 -27.78 -22.95
N LYS B 341 -21.55 -26.69 -22.90
CA LYS B 341 -20.30 -26.61 -23.66
C LYS B 341 -19.29 -27.68 -23.23
N GLY B 342 -19.38 -28.17 -22.00
CA GLY B 342 -18.51 -29.24 -21.54
C GLY B 342 -18.86 -30.63 -22.05
N LEU B 343 -20.09 -30.80 -22.55
CA LEU B 343 -20.56 -32.07 -23.11
C LEU B 343 -19.59 -32.69 -24.09
N SER B 344 -19.21 -33.94 -23.83
CA SER B 344 -18.19 -34.64 -24.61
C SER B 344 -18.67 -35.94 -25.27
N THR B 345 -19.31 -36.80 -24.49
CA THR B 345 -19.82 -38.06 -25.01
C THR B 345 -21.19 -38.34 -24.44
N HIS B 346 -21.98 -39.12 -25.19
CA HIS B 346 -23.23 -39.69 -24.73
C HIS B 346 -23.66 -40.80 -25.65
N GLU B 347 -23.82 -42.01 -25.09
CA GLU B 347 -24.25 -43.20 -25.83
C GLU B 347 -23.48 -43.42 -27.13
N GLY B 348 -22.17 -43.20 -27.10
CA GLY B 348 -21.32 -43.50 -28.26
C GLY B 348 -21.20 -42.37 -29.26
N ALA B 349 -21.88 -41.25 -29.00
CA ALA B 349 -21.75 -40.03 -29.81
C ALA B 349 -20.66 -39.11 -29.23
N LEU B 350 -19.85 -38.53 -30.11
CA LEU B 350 -18.81 -37.60 -29.72
C LEU B 350 -19.34 -36.20 -29.93
N LEU B 351 -19.40 -35.43 -28.87
CA LEU B 351 -20.16 -34.19 -28.89
C LEU B 351 -19.31 -32.94 -28.97
N SER B 352 -17.98 -33.11 -29.00
CA SER B 352 -17.05 -32.01 -29.19
C SER B 352 -16.56 -31.94 -30.64
N GLU B 353 -16.78 -30.82 -31.29
CA GLU B 353 -16.38 -30.66 -32.69
C GLU B 353 -14.86 -30.57 -32.82
N ARG B 354 -14.22 -29.85 -31.90
CA ARG B 354 -12.76 -29.79 -31.89
C ARG B 354 -12.12 -31.17 -31.78
N VAL B 355 -12.59 -31.98 -30.83
CA VAL B 355 -12.06 -33.35 -30.63
C VAL B 355 -12.36 -34.22 -31.83
N ALA B 356 -13.59 -34.15 -32.34
CA ALA B 356 -14.01 -34.88 -33.52
C ALA B 356 -13.11 -34.60 -34.71
N THR B 357 -12.87 -33.31 -35.00
CA THR B 357 -12.02 -32.99 -36.13
C THR B 357 -10.56 -33.38 -35.86
N ASP B 358 -10.11 -33.20 -34.63
CA ASP B 358 -8.73 -33.56 -34.30
C ASP B 358 -8.44 -35.07 -34.42
N LEU B 359 -9.40 -35.90 -34.01
CA LEU B 359 -9.23 -37.35 -34.09
C LEU B 359 -9.78 -37.97 -35.38
N GLY B 360 -10.58 -37.23 -36.15
CA GLY B 360 -11.17 -37.77 -37.37
C GLY B 360 -12.29 -38.76 -37.10
N VAL B 361 -13.12 -38.42 -36.10
CA VAL B 361 -14.27 -39.21 -35.66
C VAL B 361 -15.51 -38.42 -36.07
N PRO B 362 -16.64 -39.11 -36.37
CA PRO B 362 -17.89 -38.37 -36.58
C PRO B 362 -18.28 -37.43 -35.41
N PHE B 363 -18.68 -36.21 -35.75
CA PHE B 363 -19.15 -35.21 -34.79
C PHE B 363 -20.65 -35.23 -34.74
N THR B 364 -21.18 -35.48 -33.54
CA THR B 364 -22.62 -35.45 -33.29
C THR B 364 -22.94 -34.16 -32.57
N GLU B 365 -23.87 -33.41 -33.16
CA GLU B 365 -24.26 -32.10 -32.65
C GLU B 365 -24.86 -32.25 -31.26
N PRO B 366 -24.34 -31.49 -30.27
CA PRO B 366 -24.83 -31.53 -28.88
C PRO B 366 -26.35 -31.26 -28.82
N ALA B 367 -26.81 -30.35 -29.66
CA ALA B 367 -28.23 -30.02 -29.78
C ALA B 367 -29.12 -31.23 -30.14
N SER B 368 -28.63 -32.11 -31.00
CA SER B 368 -29.38 -33.30 -31.43
C SER B 368 -29.61 -34.29 -30.29
N VAL B 369 -28.70 -34.29 -29.33
CA VAL B 369 -28.72 -35.20 -28.19
C VAL B 369 -29.54 -34.58 -27.03
N LEU B 370 -29.54 -33.25 -27.00
CA LEU B 370 -30.31 -32.47 -26.04
C LEU B 370 -31.77 -32.29 -26.49
N ALA B 371 -32.37 -33.35 -27.04
CA ALA B 371 -33.76 -33.31 -27.54
C ALA B 371 -34.35 -34.71 -27.85
N MET C 1 4.51 -6.86 -48.91
CA MET C 1 4.40 -5.50 -49.47
C MET C 1 5.48 -4.58 -48.87
N ARG C 2 5.59 -3.37 -49.38
CA ARG C 2 6.57 -2.43 -48.84
C ARG C 2 5.90 -1.47 -47.90
N VAL C 3 6.44 -1.38 -46.69
CA VAL C 3 5.91 -0.47 -45.68
C VAL C 3 6.94 0.63 -45.50
N GLY C 4 6.48 1.89 -45.56
CA GLY C 4 7.34 3.06 -45.60
C GLY C 4 7.02 3.99 -44.46
N ILE C 5 8.07 4.54 -43.85
CA ILE C 5 7.92 5.42 -42.68
C ILE C 5 8.86 6.59 -42.89
N PRO C 6 8.30 7.78 -43.23
CA PRO C 6 9.16 8.93 -43.40
C PRO C 6 9.38 9.71 -42.07
N THR C 7 10.38 10.55 -42.01
CA THR C 7 10.53 11.43 -40.86
C THR C 7 9.34 12.39 -40.81
N GLU C 8 8.83 12.63 -39.60
CA GLU C 8 7.84 13.67 -39.32
C GLU C 8 8.46 15.04 -39.59
N THR C 9 7.68 15.91 -40.21
CA THR C 9 8.16 17.20 -40.66
C THR C 9 7.39 18.36 -40.01
N LYS C 10 6.32 18.10 -39.27
CA LYS C 10 5.61 19.19 -38.58
C LYS C 10 6.51 19.76 -37.49
N ASN C 11 6.44 21.08 -37.30
CA ASN C 11 7.27 21.75 -36.33
C ASN C 11 7.07 21.17 -34.93
N ASN C 12 8.17 20.78 -34.31
CA ASN C 12 8.15 20.18 -32.97
C ASN C 12 7.58 18.77 -32.87
N GLU C 13 7.33 18.13 -34.00
CA GLU C 13 6.93 16.74 -33.94
C GLU C 13 8.20 15.89 -34.01
N PHE C 14 8.44 15.08 -32.99
CA PHE C 14 9.64 14.23 -32.97
C PHE C 14 9.38 12.73 -32.86
N ARG C 15 8.09 12.36 -32.81
CA ARG C 15 7.74 10.94 -32.79
C ARG C 15 7.98 10.34 -34.17
N VAL C 16 7.88 9.03 -34.24
CA VAL C 16 8.05 8.28 -35.45
C VAL C 16 6.98 7.17 -35.42
N ALA C 17 6.53 6.70 -36.57
CA ALA C 17 5.35 5.83 -36.63
C ALA C 17 5.67 4.32 -36.56
N ILE C 18 6.92 3.95 -36.25
CA ILE C 18 7.26 2.54 -36.06
C ILE C 18 8.46 2.44 -35.11
N THR C 19 8.63 1.31 -34.44
CA THR C 19 9.84 1.08 -33.69
C THR C 19 10.54 -0.13 -34.25
N PRO C 20 11.78 -0.42 -33.81
CA PRO C 20 12.44 -1.68 -34.22
C PRO C 20 11.61 -2.99 -33.98
N ALA C 21 10.90 -3.08 -32.86
CA ALA C 21 9.94 -4.15 -32.65
C ALA C 21 8.99 -4.38 -33.83
N GLY C 22 8.36 -3.31 -34.28
CA GLY C 22 7.43 -3.32 -35.43
C GLY C 22 8.11 -3.64 -36.74
N VAL C 23 9.33 -3.13 -36.94
CA VAL C 23 10.03 -3.52 -38.17
C VAL C 23 10.40 -5.00 -38.17
N ALA C 24 10.86 -5.53 -37.03
CA ALA C 24 11.21 -6.97 -36.96
C ALA C 24 10.01 -7.85 -37.27
N GLU C 25 8.85 -7.52 -36.73
CA GLU C 25 7.64 -8.28 -37.03
C GLU C 25 7.18 -8.19 -38.47
N LEU C 26 7.22 -7.00 -39.06
CA LEU C 26 6.91 -6.86 -40.47
C LEU C 26 7.88 -7.69 -41.29
N THR C 27 9.16 -7.65 -40.93
CA THR C 27 10.22 -8.36 -41.65
C THR C 27 10.07 -9.87 -41.52
N ARG C 28 9.90 -10.34 -40.28
CA ARG C 28 9.59 -11.75 -40.01
C ARG C 28 8.52 -12.29 -40.97
N ARG C 29 7.55 -11.45 -41.32
CA ARG C 29 6.41 -11.80 -42.16
C ARG C 29 6.65 -11.58 -43.66
N GLY C 30 7.88 -11.19 -44.02
CA GLY C 30 8.28 -11.03 -45.42
C GLY C 30 7.98 -9.69 -46.07
N HIS C 31 7.52 -8.71 -45.30
CA HIS C 31 7.35 -7.37 -45.85
C HIS C 31 8.69 -6.65 -45.84
N GLU C 32 8.84 -5.68 -46.74
CA GLU C 32 10.01 -4.81 -46.76
C GLU C 32 9.69 -3.52 -46.05
N VAL C 33 10.60 -3.07 -45.20
CA VAL C 33 10.37 -1.85 -44.46
C VAL C 33 11.41 -0.83 -44.90
N LEU C 34 10.92 0.33 -45.32
CA LEU C 34 11.73 1.44 -45.78
C LEU C 34 11.54 2.62 -44.83
N ILE C 35 12.64 3.18 -44.32
CA ILE C 35 12.55 4.25 -43.35
C ILE C 35 13.50 5.35 -43.79
N GLN C 36 13.03 6.59 -43.77
CA GLN C 36 13.88 7.72 -44.05
C GLN C 36 14.98 7.83 -42.99
N ALA C 37 16.22 8.05 -43.41
CA ALA C 37 17.34 8.14 -42.47
C ALA C 37 17.12 9.33 -41.54
N GLY C 38 17.32 9.09 -40.24
CA GLY C 38 17.05 10.08 -39.20
C GLY C 38 15.63 10.11 -38.66
N ALA C 39 14.73 9.32 -39.23
CA ALA C 39 13.33 9.35 -38.84
C ALA C 39 13.10 9.06 -37.35
N GLY C 40 13.91 8.19 -36.75
CA GLY C 40 13.72 7.78 -35.35
C GLY C 40 14.47 8.65 -34.35
N GLU C 41 15.30 9.56 -34.84
CA GLU C 41 16.21 10.27 -33.96
C GLU C 41 15.55 11.17 -32.88
N GLY C 42 14.44 11.81 -33.20
CA GLY C 42 13.70 12.56 -32.19
C GLY C 42 13.17 11.65 -31.07
N SER C 43 12.98 10.37 -31.37
CA SER C 43 12.53 9.34 -30.41
C SER C 43 13.65 8.44 -29.84
N ALA C 44 14.88 8.87 -30.06
CA ALA C 44 16.06 8.18 -29.59
C ALA C 44 16.17 6.79 -30.19
N ILE C 45 15.69 6.63 -31.42
CA ILE C 45 15.91 5.39 -32.15
C ILE C 45 16.87 5.72 -33.28
N THR C 46 18.05 5.11 -33.28
CA THR C 46 19.03 5.36 -34.34
C THR C 46 18.76 4.56 -35.62
N ASP C 47 19.36 5.00 -36.72
CA ASP C 47 19.30 4.30 -37.99
C ASP C 47 19.82 2.88 -37.84
N ALA C 48 20.83 2.71 -36.98
CA ALA C 48 21.41 1.39 -36.79
C ALA C 48 20.48 0.45 -36.04
N ASP C 49 19.70 0.98 -35.09
CA ASP C 49 18.67 0.22 -34.38
C ASP C 49 17.65 -0.33 -35.38
N PHE C 50 17.17 0.55 -36.27
CA PHE C 50 16.18 0.20 -37.26
C PHE C 50 16.73 -0.81 -38.26
N LYS C 51 17.98 -0.64 -38.64
CA LYS C 51 18.62 -1.48 -39.64
C LYS C 51 18.83 -2.89 -39.08
N ALA C 52 19.25 -2.99 -37.82
CA ALA C 52 19.46 -4.29 -37.21
C ALA C 52 18.14 -5.08 -37.11
N ALA C 53 17.04 -4.35 -37.08
CA ALA C 53 15.72 -4.97 -37.00
C ALA C 53 15.23 -5.46 -38.38
N GLY C 54 15.86 -4.97 -39.44
CA GLY C 54 15.49 -5.35 -40.79
C GLY C 54 15.12 -4.25 -41.77
N ALA C 55 15.15 -3.00 -41.33
CA ALA C 55 14.74 -1.89 -42.21
C ALA C 55 15.81 -1.60 -43.29
N GLN C 56 15.34 -1.09 -44.43
CA GLN C 56 16.22 -0.43 -45.38
C GLN C 56 16.12 1.06 -45.15
N LEU C 57 17.27 1.69 -44.92
CA LEU C 57 17.32 3.12 -44.64
C LEU C 57 17.60 3.86 -45.93
N VAL C 58 16.64 4.68 -46.35
CA VAL C 58 16.76 5.38 -47.62
C VAL C 58 17.02 6.85 -47.32
N GLY C 59 17.73 7.53 -48.21
CA GLY C 59 18.18 8.89 -47.97
C GLY C 59 17.14 10.00 -48.02
N THR C 60 16.11 9.86 -48.84
CA THR C 60 15.11 10.91 -49.05
C THR C 60 13.70 10.52 -48.69
N ALA C 61 12.93 11.51 -48.26
CA ALA C 61 11.50 11.33 -48.02
C ALA C 61 10.76 10.94 -49.32
N ASP C 62 11.16 11.55 -50.43
CA ASP C 62 10.52 11.31 -51.72
C ASP C 62 10.52 9.82 -52.08
N GLN C 63 11.62 9.13 -51.82
CA GLN C 63 11.76 7.70 -52.14
C GLN C 63 10.89 6.81 -51.25
N VAL C 64 10.79 7.15 -49.97
CA VAL C 64 9.93 6.42 -49.03
C VAL C 64 8.47 6.46 -49.51
N TRP C 65 7.99 7.66 -49.82
CA TRP C 65 6.64 7.89 -50.29
C TRP C 65 6.38 7.20 -51.63
N ALA C 66 7.34 7.30 -52.54
CA ALA C 66 7.19 6.71 -53.87
C ALA C 66 7.03 5.19 -53.78
N ASP C 67 7.81 4.56 -52.91
CA ASP C 67 7.95 3.10 -52.95
C ASP C 67 7.07 2.32 -51.95
N ALA C 68 6.48 2.99 -50.96
CA ALA C 68 5.67 2.35 -49.94
C ALA C 68 4.26 2.05 -50.44
N ASP C 69 3.80 0.83 -50.20
CA ASP C 69 2.42 0.45 -50.41
C ASP C 69 1.56 0.88 -49.22
N LEU C 70 2.18 0.86 -48.04
CA LEU C 70 1.56 1.27 -46.81
C LEU C 70 2.48 2.33 -46.22
N LEU C 71 1.91 3.47 -45.93
CA LEU C 71 2.70 4.60 -45.47
C LEU C 71 2.26 4.98 -44.05
N LEU C 72 3.11 4.69 -43.05
CA LEU C 72 2.83 4.97 -41.66
C LEU C 72 3.35 6.34 -41.23
N LYS C 73 2.50 7.16 -40.63
CA LYS C 73 2.94 8.44 -40.08
C LYS C 73 2.31 8.67 -38.73
N VAL C 74 2.75 9.73 -38.07
CA VAL C 74 2.18 10.14 -36.80
C VAL C 74 1.16 11.25 -37.07
N LYS C 75 1.57 12.28 -37.82
CA LYS C 75 0.74 13.48 -38.06
C LYS C 75 0.24 13.59 -39.49
N GLU C 76 -0.81 14.39 -39.68
CA GLU C 76 -1.37 14.59 -41.01
C GLU C 76 -0.31 15.17 -41.94
N PRO C 77 -0.39 14.81 -43.24
CA PRO C 77 0.54 15.38 -44.21
C PRO C 77 0.35 16.88 -44.24
N ILE C 78 1.42 17.65 -44.39
CA ILE C 78 1.33 19.10 -44.46
C ILE C 78 1.61 19.54 -45.90
N ALA C 79 1.51 20.84 -46.18
CA ALA C 79 1.56 21.36 -47.54
C ALA C 79 2.73 20.84 -48.40
N ALA C 80 3.95 20.93 -47.86
CA ALA C 80 5.17 20.44 -48.51
C ALA C 80 5.15 18.95 -48.89
N GLU C 81 4.21 18.23 -48.31
CA GLU C 81 4.07 16.76 -48.48
C GLU C 81 2.95 16.38 -49.43
N TYR C 82 2.10 17.36 -49.79
CA TYR C 82 0.93 17.12 -50.62
C TYR C 82 1.30 16.49 -51.95
N GLY C 83 2.36 16.99 -52.58
CA GLY C 83 2.90 16.42 -53.80
C GLY C 83 3.34 14.96 -53.70
N ARG C 84 3.55 14.45 -52.49
CA ARG C 84 3.97 13.05 -52.30
C ARG C 84 2.81 12.05 -52.25
N LEU C 85 1.62 12.55 -51.94
CA LEU C 85 0.45 11.68 -51.81
C LEU C 85 0.17 10.98 -53.15
N ARG C 86 -0.23 9.70 -53.09
CA ARG C 86 -0.41 8.93 -54.31
C ARG C 86 -1.48 7.85 -54.23
N HIS C 87 -2.16 7.62 -55.36
CA HIS C 87 -3.10 6.51 -55.56
C HIS C 87 -2.45 5.13 -55.32
N GLY C 88 -3.19 4.18 -54.75
CA GLY C 88 -2.65 2.85 -54.57
C GLY C 88 -1.65 2.75 -53.43
N GLN C 89 -1.67 3.73 -52.56
CA GLN C 89 -0.87 3.69 -51.38
C GLN C 89 -1.88 3.83 -50.27
N ILE C 90 -1.68 3.10 -49.17
CA ILE C 90 -2.49 3.26 -47.97
C ILE C 90 -1.71 4.19 -47.03
N LEU C 91 -2.31 5.36 -46.70
CA LEU C 91 -1.78 6.24 -45.65
C LEU C 91 -2.48 5.95 -44.32
N PHE C 92 -1.70 5.71 -43.28
CA PHE C 92 -2.22 5.35 -41.95
C PHE C 92 -1.56 6.31 -40.94
N THR C 93 -2.36 7.22 -40.36
CA THR C 93 -1.88 8.28 -39.49
C THR C 93 -3.00 9.05 -38.76
N PHE C 94 -2.66 9.93 -37.82
CA PHE C 94 -3.64 10.86 -37.26
C PHE C 94 -3.95 11.89 -38.35
N LEU C 95 -5.23 12.15 -38.65
CA LEU C 95 -5.56 13.03 -39.78
C LEU C 95 -6.33 14.30 -39.41
N HIS C 96 -7.38 14.13 -38.60
CA HIS C 96 -8.20 15.24 -38.12
C HIS C 96 -8.70 16.07 -39.28
N LEU C 97 -9.37 15.39 -40.21
CA LEU C 97 -9.79 16.00 -41.48
C LEU C 97 -10.79 17.16 -41.31
N ALA C 98 -11.68 17.00 -40.34
CA ALA C 98 -12.70 18.00 -40.04
C ALA C 98 -12.08 19.31 -39.58
N ALA C 99 -10.79 19.29 -39.25
CA ALA C 99 -10.09 20.53 -38.86
C ALA C 99 -9.28 21.14 -40.00
N SER C 100 -9.28 20.50 -41.18
CA SER C 100 -8.50 21.02 -42.33
C SER C 100 -9.05 20.64 -43.71
N ARG C 101 -9.75 21.57 -44.37
CA ARG C 101 -10.21 21.26 -45.72
C ARG C 101 -9.04 21.09 -46.68
N ALA C 102 -7.97 21.84 -46.42
CA ALA C 102 -6.77 21.81 -47.27
C ALA C 102 -6.21 20.40 -47.29
N CYS C 103 -6.06 19.79 -46.11
CA CYS C 103 -5.57 18.43 -46.02
C CYS C 103 -6.56 17.45 -46.65
N THR C 104 -7.85 17.65 -46.40
CA THR C 104 -8.87 16.78 -46.99
C THR C 104 -8.81 16.85 -48.51
N ASP C 105 -8.79 18.08 -49.05
CA ASP C 105 -8.69 18.32 -50.51
C ASP C 105 -7.45 17.66 -51.10
N ALA C 106 -6.31 17.78 -50.40
CA ALA C 106 -5.06 17.15 -50.80
C ALA C 106 -5.17 15.63 -50.94
N LEU C 107 -5.76 14.98 -49.95
CA LEU C 107 -5.93 13.52 -49.95
C LEU C 107 -6.92 13.09 -51.03
N LEU C 108 -7.98 13.86 -51.21
CA LEU C 108 -8.93 13.60 -52.28
C LEU C 108 -8.31 13.74 -53.66
N ASP C 109 -7.61 14.86 -53.88
CA ASP C 109 -7.00 15.16 -55.16
C ASP C 109 -5.92 14.13 -55.50
N SER C 110 -5.29 13.56 -54.47
CA SER C 110 -4.20 12.61 -54.71
C SER C 110 -4.68 11.23 -55.09
N GLY C 111 -5.93 10.92 -54.76
CA GLY C 111 -6.47 9.57 -54.96
C GLY C 111 -6.06 8.53 -53.93
N THR C 112 -5.34 8.93 -52.88
CA THR C 112 -4.78 7.95 -51.95
C THR C 112 -5.88 7.23 -51.12
N THR C 113 -5.54 6.08 -50.57
CA THR C 113 -6.38 5.41 -49.57
C THR C 113 -5.85 5.82 -48.19
N SER C 114 -6.71 6.36 -47.33
CA SER C 114 -6.25 6.77 -46.00
C SER C 114 -7.20 6.35 -44.90
N ILE C 115 -6.60 6.02 -43.76
CA ILE C 115 -7.28 5.58 -42.57
C ILE C 115 -6.77 6.45 -41.40
N ALA C 116 -7.67 7.00 -40.60
CA ALA C 116 -7.29 7.94 -39.54
C ALA C 116 -7.12 7.19 -38.25
N TYR C 117 -5.99 7.32 -37.57
CA TYR C 117 -5.78 6.62 -36.26
C TYR C 117 -6.90 6.93 -35.31
N GLU C 118 -7.31 8.19 -35.28
CA GLU C 118 -8.20 8.70 -34.23
C GLU C 118 -9.68 8.27 -34.35
N THR C 119 -10.09 7.79 -35.52
CA THR C 119 -11.46 7.33 -35.67
C THR C 119 -11.56 5.80 -35.76
N VAL C 120 -10.43 5.13 -35.62
CA VAL C 120 -10.46 3.70 -35.41
C VAL C 120 -11.13 3.47 -34.04
N GLN C 121 -12.14 2.60 -34.00
CA GLN C 121 -13.05 2.61 -32.86
C GLN C 121 -13.63 1.23 -32.65
N THR C 122 -13.41 0.67 -31.47
CA THR C 122 -13.90 -0.67 -31.15
C THR C 122 -15.36 -0.64 -30.73
N ALA C 123 -15.98 -1.82 -30.67
CA ALA C 123 -17.43 -1.93 -30.60
C ALA C 123 -17.97 -1.27 -29.33
N ASP C 124 -17.15 -1.25 -28.29
CA ASP C 124 -17.54 -0.66 -27.01
C ASP C 124 -17.49 0.87 -27.08
N GLY C 125 -17.10 1.40 -28.23
CA GLY C 125 -17.06 2.84 -28.44
C GLY C 125 -15.70 3.47 -28.19
N ALA C 126 -14.77 2.68 -27.66
CA ALA C 126 -13.40 3.15 -27.36
C ALA C 126 -12.57 3.42 -28.61
N LEU C 127 -11.62 4.35 -28.47
CA LEU C 127 -10.69 4.72 -29.53
C LEU C 127 -9.30 4.22 -29.16
N PRO C 128 -8.94 3.00 -29.63
CA PRO C 128 -7.73 2.36 -29.10
C PRO C 128 -6.42 3.05 -29.50
N LEU C 129 -6.46 3.89 -30.54
CA LEU C 129 -5.24 4.52 -31.02
C LEU C 129 -5.09 5.89 -30.39
N LEU C 130 -6.17 6.50 -29.95
CA LEU C 130 -6.07 7.74 -29.19
C LEU C 130 -5.74 7.51 -27.73
N ALA C 131 -6.20 6.38 -27.22
CA ALA C 131 -6.07 6.01 -25.81
C ALA C 131 -4.68 6.18 -25.22
N PRO C 132 -3.63 5.60 -25.83
CA PRO C 132 -2.27 5.81 -25.32
C PRO C 132 -1.91 7.30 -25.27
N MET C 133 -2.41 8.10 -26.22
CA MET C 133 -2.05 9.53 -26.23
C MET C 133 -2.74 10.26 -25.08
N SER C 134 -3.96 9.84 -24.74
CA SER C 134 -4.63 10.39 -23.57
C SER C 134 -3.90 9.97 -22.28
N GLU C 135 -3.41 8.72 -22.21
CA GLU C 135 -2.62 8.23 -21.04
C GLU C 135 -1.37 9.13 -20.85
N VAL C 136 -0.57 9.25 -21.90
CA VAL C 136 0.60 10.12 -21.88
C VAL C 136 0.24 11.52 -21.46
N ALA C 137 -0.78 12.11 -22.08
CA ALA C 137 -1.14 13.53 -21.83
C ALA C 137 -1.60 13.74 -20.38
N GLY C 138 -2.35 12.75 -19.84
CA GLY C 138 -2.75 12.86 -18.44
C GLY C 138 -1.57 12.86 -17.50
N ARG C 139 -0.64 11.90 -17.69
CA ARG C 139 0.56 11.86 -16.84
C ARG C 139 1.36 13.20 -16.97
N LEU C 140 1.58 13.65 -18.20
CA LEU C 140 2.32 14.90 -18.38
C LEU C 140 1.62 16.04 -17.70
N ALA C 141 0.29 16.08 -17.75
CA ALA C 141 -0.42 17.25 -17.18
C ALA C 141 -0.01 17.44 -15.70
N ALA C 142 0.20 16.33 -14.98
CA ALA C 142 0.64 16.36 -13.57
C ALA C 142 2.05 16.96 -13.46
N GLN C 143 2.95 16.56 -14.35
CA GLN C 143 4.36 16.95 -14.23
C GLN C 143 4.47 18.42 -14.54
N VAL C 144 3.74 18.85 -15.55
CA VAL C 144 3.85 20.19 -16.09
C VAL C 144 3.08 21.15 -15.13
N GLY C 145 1.96 20.69 -14.58
CA GLY C 145 1.26 21.41 -13.54
C GLY C 145 2.20 21.78 -12.41
N ALA C 146 2.89 20.77 -11.93
CA ALA C 146 3.84 20.90 -10.82
C ALA C 146 4.93 21.91 -11.09
N TYR C 147 5.43 21.95 -12.33
CA TYR C 147 6.54 22.85 -12.69
C TYR C 147 6.05 24.27 -12.78
N HIS C 148 4.88 24.49 -13.35
CA HIS C 148 4.47 25.90 -13.46
C HIS C 148 3.83 26.44 -12.17
N LEU C 149 3.58 25.56 -11.20
CA LEU C 149 3.24 25.98 -9.84
C LEU C 149 4.37 26.71 -9.11
N MET C 150 5.59 26.66 -9.66
CA MET C 150 6.74 27.27 -9.02
C MET C 150 6.63 28.76 -9.25
N ARG C 151 7.05 29.50 -8.25
CA ARG C 151 6.91 30.98 -8.32
C ARG C 151 7.75 31.56 -9.48
N THR C 152 8.90 30.94 -9.72
CA THR C 152 9.77 31.33 -10.81
C THR C 152 9.12 31.17 -12.17
N GLN C 153 8.15 30.26 -12.31
CA GLN C 153 7.31 30.16 -13.54
C GLN C 153 6.06 31.06 -13.54
N GLY C 154 5.91 31.85 -12.48
CA GLY C 154 4.73 32.71 -12.33
C GLY C 154 3.53 32.00 -11.68
N GLY C 155 3.73 30.79 -11.19
CA GLY C 155 2.68 30.16 -10.40
C GLY C 155 2.79 30.60 -8.96
N ARG C 156 1.88 30.11 -8.13
CA ARG C 156 1.72 30.52 -6.75
C ARG C 156 2.89 30.23 -5.81
N GLY C 157 3.67 29.17 -6.07
CA GLY C 157 4.85 28.92 -5.26
C GLY C 157 4.66 27.70 -4.34
N VAL C 158 3.88 26.72 -4.80
CA VAL C 158 3.50 25.58 -3.95
C VAL C 158 4.11 24.32 -4.50
N LEU C 159 4.80 23.55 -3.66
CA LEU C 159 5.33 22.24 -4.02
C LEU C 159 4.20 21.17 -3.98
N MET C 160 4.16 20.23 -4.95
CA MET C 160 3.02 19.28 -5.04
C MET C 160 2.74 18.58 -3.74
N GLY C 161 3.73 17.90 -3.19
CA GLY C 161 3.46 17.08 -2.02
C GLY C 161 3.72 17.73 -0.69
N GLY C 162 3.97 19.05 -0.70
CA GLY C 162 4.51 19.75 0.50
C GLY C 162 5.66 19.00 1.17
N VAL C 163 5.85 19.22 2.47
CA VAL C 163 6.81 18.47 3.27
C VAL C 163 6.17 18.41 4.65
N PRO C 164 6.64 17.47 5.50
CA PRO C 164 6.01 17.21 6.78
C PRO C 164 5.76 18.47 7.57
N GLY C 165 4.51 18.62 8.01
CA GLY C 165 4.09 19.79 8.74
C GLY C 165 3.61 20.88 7.81
N VAL C 166 3.72 20.71 6.49
CA VAL C 166 3.38 21.81 5.51
C VAL C 166 2.36 21.30 4.51
N GLU C 167 1.35 22.13 4.21
CA GLU C 167 0.27 21.84 3.25
C GLU C 167 0.74 21.47 1.81
N PRO C 168 0.31 20.30 1.31
CA PRO C 168 0.52 19.92 -0.09
C PRO C 168 -0.29 20.80 -1.01
N ALA C 169 -0.03 20.68 -2.31
CA ALA C 169 -0.87 21.41 -3.29
C ALA C 169 -2.25 20.80 -3.30
N ASP C 170 -3.27 21.64 -3.54
CA ASP C 170 -4.60 21.17 -3.73
C ASP C 170 -4.82 21.05 -5.23
N VAL C 171 -5.05 19.81 -5.71
CA VAL C 171 -5.21 19.51 -7.14
C VAL C 171 -6.61 19.03 -7.46
N VAL C 172 -7.23 19.64 -8.47
CA VAL C 172 -8.56 19.29 -8.91
C VAL C 172 -8.44 18.81 -10.35
N VAL C 173 -8.86 17.58 -10.57
CA VAL C 173 -9.01 17.04 -11.93
C VAL C 173 -10.47 16.97 -12.30
N ILE C 174 -10.83 17.70 -13.36
CA ILE C 174 -12.19 17.68 -13.86
C ILE C 174 -12.28 16.69 -15.01
N GLY C 175 -12.92 15.54 -14.72
CA GLY C 175 -13.17 14.48 -15.70
C GLY C 175 -12.44 13.20 -15.27
N ALA C 176 -13.16 12.08 -15.18
CA ALA C 176 -12.54 10.85 -14.69
C ALA C 176 -12.28 9.84 -15.83
N GLY C 177 -12.09 10.33 -17.06
CA GLY C 177 -11.73 9.48 -18.19
C GLY C 177 -10.27 9.07 -18.16
N THR C 178 -9.83 8.44 -19.25
CA THR C 178 -8.45 7.94 -19.35
C THR C 178 -7.43 9.03 -18.92
N ALA C 179 -7.52 10.19 -19.54
CA ALA C 179 -6.58 11.27 -19.25
C ALA C 179 -6.67 11.72 -17.81
N GLY C 180 -7.90 11.92 -17.34
CA GLY C 180 -8.13 12.36 -15.97
C GLY C 180 -7.64 11.36 -14.97
N TYR C 181 -7.96 10.08 -15.18
CA TYR C 181 -7.48 9.05 -14.28
C TYR C 181 -5.94 9.11 -14.16
N ASN C 182 -5.28 9.37 -15.29
CA ASN C 182 -3.84 9.38 -15.33
C ASN C 182 -3.24 10.62 -14.73
N ALA C 183 -3.87 11.78 -14.94
CA ALA C 183 -3.46 12.99 -14.27
C ALA C 183 -3.60 12.82 -12.75
N ALA C 184 -4.71 12.24 -12.31
CA ALA C 184 -5.00 12.07 -10.87
C ALA C 184 -3.99 11.18 -10.23
N ARG C 185 -3.64 10.13 -10.95
CA ARG C 185 -2.73 9.21 -10.41
C ARG C 185 -1.32 9.77 -10.25
N ILE C 186 -0.81 10.46 -11.25
CA ILE C 186 0.54 10.99 -11.10
C ILE C 186 0.54 12.07 -10.01
N ALA C 187 -0.48 12.93 -9.97
CA ALA C 187 -0.45 14.08 -9.04
C ALA C 187 -0.56 13.53 -7.62
N ASN C 188 -1.35 12.49 -7.43
CA ASN C 188 -1.43 11.82 -6.14
C ASN C 188 -0.08 11.18 -5.73
N GLY C 189 0.59 10.56 -6.70
CA GLY C 189 1.92 10.00 -6.45
C GLY C 189 2.95 11.05 -6.09
N MET C 190 2.75 12.29 -6.52
CA MET C 190 3.71 13.34 -6.19
C MET C 190 3.41 13.96 -4.82
N GLY C 191 2.36 13.45 -4.18
CA GLY C 191 2.00 13.89 -2.83
C GLY C 191 0.89 14.95 -2.73
N ALA C 192 0.33 15.41 -3.87
CA ALA C 192 -0.70 16.47 -3.85
C ALA C 192 -1.98 15.90 -3.27
N THR C 193 -2.86 16.74 -2.73
CA THR C 193 -4.14 16.23 -2.32
C THR C 193 -5.04 16.35 -3.56
N VAL C 194 -5.52 15.24 -4.08
CA VAL C 194 -6.22 15.22 -5.36
C VAL C 194 -7.72 14.97 -5.21
N THR C 195 -8.51 15.83 -5.87
CA THR C 195 -9.94 15.66 -5.98
C THR C 195 -10.31 15.47 -7.45
N VAL C 196 -11.05 14.40 -7.73
CA VAL C 196 -11.59 14.19 -9.07
C VAL C 196 -13.10 14.50 -9.10
N LEU C 197 -13.53 15.37 -10.02
CA LEU C 197 -14.95 15.70 -10.28
C LEU C 197 -15.46 15.03 -11.56
N ASP C 198 -16.62 14.40 -11.48
CA ASP C 198 -17.27 13.77 -12.64
C ASP C 198 -18.72 13.48 -12.29
N ILE C 199 -19.57 13.42 -13.29
CA ILE C 199 -20.95 13.11 -13.03
C ILE C 199 -21.25 11.64 -13.22
N ASN C 200 -20.27 10.85 -13.65
CA ASN C 200 -20.45 9.42 -13.74
C ASN C 200 -20.00 8.79 -12.43
N ILE C 201 -20.96 8.42 -11.60
CA ILE C 201 -20.67 7.97 -10.23
C ILE C 201 -19.87 6.67 -10.24
N ASP C 202 -20.17 5.81 -11.20
CA ASP C 202 -19.39 4.61 -11.46
C ASP C 202 -17.93 4.78 -11.67
N LYS C 203 -17.53 5.85 -12.37
CA LYS C 203 -16.11 6.15 -12.50
C LYS C 203 -15.55 6.65 -11.18
N LEU C 204 -16.33 7.46 -10.48
CA LEU C 204 -15.90 7.94 -9.17
C LEU C 204 -15.72 6.75 -8.22
N ARG C 205 -16.64 5.80 -8.32
CA ARG C 205 -16.60 4.58 -7.51
C ARG C 205 -15.36 3.69 -7.82
N GLN C 206 -14.94 3.64 -9.09
CA GLN C 206 -13.69 2.93 -9.42
C GLN C 206 -12.46 3.69 -8.90
N LEU C 207 -12.43 5.02 -9.00
CA LEU C 207 -11.29 5.72 -8.43
C LEU C 207 -11.25 5.49 -6.91
N ASP C 208 -12.41 5.48 -6.27
CA ASP C 208 -12.44 5.35 -4.81
C ASP C 208 -11.88 3.97 -4.38
N ALA C 209 -12.21 2.95 -5.15
CA ALA C 209 -11.79 1.57 -4.83
C ALA C 209 -10.29 1.38 -5.12
N GLU C 210 -9.87 1.85 -6.28
CA GLU C 210 -8.47 1.74 -6.68
C GLU C 210 -7.46 2.34 -5.68
N PHE C 211 -7.71 3.58 -5.22
CA PHE C 211 -6.81 4.27 -4.30
C PHE C 211 -7.30 4.30 -2.85
N CYS C 212 -8.29 3.44 -2.56
CA CYS C 212 -8.82 3.31 -1.20
C CYS C 212 -9.24 4.64 -0.56
N GLY C 213 -9.86 5.52 -1.33
CA GLY C 213 -10.30 6.79 -0.79
C GLY C 213 -9.22 7.86 -0.84
N ARG C 214 -7.97 7.49 -1.08
CA ARG C 214 -6.91 8.48 -1.12
C ARG C 214 -7.13 9.60 -2.17
N ILE C 215 -7.58 9.27 -3.38
CA ILE C 215 -8.02 10.30 -4.29
C ILE C 215 -9.47 10.64 -4.00
N HIS C 216 -9.74 11.92 -3.71
CA HIS C 216 -11.10 12.34 -3.36
C HIS C 216 -11.95 12.35 -4.62
N THR C 217 -13.22 11.97 -4.50
CA THR C 217 -14.16 11.97 -5.63
C THR C 217 -15.33 12.81 -5.19
N ARG C 218 -15.73 13.78 -6.04
CA ARG C 218 -16.91 14.55 -5.80
C ARG C 218 -17.80 14.50 -7.04
N TYR C 219 -19.08 14.23 -6.82
CA TYR C 219 -20.03 14.23 -7.87
C TYR C 219 -20.11 15.69 -8.30
N SER C 220 -20.06 15.90 -9.61
CA SER C 220 -19.84 17.23 -10.18
C SER C 220 -21.05 18.16 -10.29
N SER C 221 -21.68 18.49 -9.18
CA SER C 221 -22.70 19.56 -9.21
C SER C 221 -22.02 20.92 -9.37
N ALA C 222 -22.78 21.95 -9.76
CA ALA C 222 -22.24 23.33 -9.88
C ALA C 222 -21.59 23.83 -8.58
N TYR C 223 -22.16 23.47 -7.44
CA TYR C 223 -21.64 23.80 -6.11
C TYR C 223 -20.35 23.07 -5.82
N GLU C 224 -20.30 21.78 -6.13
CA GLU C 224 -19.05 21.07 -5.91
C GLU C 224 -17.95 21.60 -6.86
N LEU C 225 -18.28 21.79 -8.14
CA LEU C 225 -17.27 22.14 -9.09
C LEU C 225 -16.64 23.50 -8.75
N GLU C 226 -17.47 24.52 -8.50
CA GLU C 226 -16.99 25.84 -8.13
C GLU C 226 -16.22 25.84 -6.81
N GLY C 227 -16.76 25.21 -5.78
CA GLY C 227 -15.99 25.17 -4.53
C GLY C 227 -14.61 24.53 -4.71
N ALA C 228 -14.55 23.43 -5.44
CA ALA C 228 -13.28 22.71 -5.64
C ALA C 228 -12.26 23.60 -6.38
N VAL C 229 -12.73 24.30 -7.41
CA VAL C 229 -11.88 25.10 -8.25
C VAL C 229 -11.32 26.33 -7.51
N LYS C 230 -12.15 26.98 -6.69
CA LYS C 230 -11.74 28.12 -5.88
C LYS C 230 -10.73 27.71 -4.83
N ARG C 231 -10.78 26.46 -4.33
CA ARG C 231 -9.76 26.01 -3.37
C ARG C 231 -8.46 25.50 -4.01
N ALA C 232 -8.43 25.30 -5.33
CA ALA C 232 -7.31 24.61 -5.97
C ALA C 232 -6.07 25.48 -6.25
N ASP C 233 -4.91 24.85 -6.11
CA ASP C 233 -3.65 25.41 -6.58
C ASP C 233 -3.43 25.05 -8.04
N LEU C 234 -3.94 23.87 -8.43
CA LEU C 234 -3.76 23.27 -9.75
C LEU C 234 -5.11 22.68 -10.20
N VAL C 235 -5.55 23.08 -11.39
CA VAL C 235 -6.71 22.48 -12.07
C VAL C 235 -6.30 21.84 -13.40
N ILE C 236 -6.61 20.56 -13.54
CA ILE C 236 -6.37 19.84 -14.75
C ILE C 236 -7.74 19.55 -15.37
N GLY C 237 -7.99 20.13 -16.53
CA GLY C 237 -9.24 19.96 -17.24
C GLY C 237 -9.08 18.80 -18.20
N ALA C 238 -9.83 17.73 -17.95
CA ALA C 238 -9.61 16.51 -18.70
C ALA C 238 -10.92 15.90 -19.22
N VAL C 239 -11.85 16.76 -19.62
CA VAL C 239 -13.09 16.27 -20.18
C VAL C 239 -13.01 16.25 -21.70
N LEU C 240 -12.88 15.04 -22.26
CA LEU C 240 -13.01 14.76 -23.70
C LEU C 240 -14.43 14.31 -24.13
N ALA C 246 -15.25 20.25 -26.95
CA ALA C 246 -15.28 20.17 -25.48
C ALA C 246 -16.15 21.30 -24.89
N PRO C 247 -16.92 20.98 -23.82
CA PRO C 247 -17.74 22.00 -23.14
C PRO C 247 -16.86 22.91 -22.29
N LYS C 248 -17.32 24.14 -22.02
CA LYS C 248 -16.55 25.06 -21.20
C LYS C 248 -17.04 25.00 -19.74
N LEU C 249 -16.31 24.26 -18.91
CA LEU C 249 -16.70 24.04 -17.52
C LEU C 249 -16.20 25.10 -16.56
N VAL C 250 -15.05 25.69 -16.86
CA VAL C 250 -14.51 26.72 -15.99
C VAL C 250 -14.66 28.05 -16.68
N SER C 251 -15.58 28.86 -16.18
CA SER C 251 -15.83 30.18 -16.78
C SER C 251 -14.74 31.17 -16.42
N ASN C 252 -14.53 32.19 -17.24
CA ASN C 252 -13.61 33.26 -16.87
C ASN C 252 -13.92 33.93 -15.55
N SER C 253 -15.20 34.02 -15.17
CA SER C 253 -15.53 34.66 -13.89
C SER C 253 -15.39 33.67 -12.74
N LEU C 254 -15.39 32.38 -13.00
CA LEU C 254 -15.02 31.47 -11.93
C LEU C 254 -13.55 31.67 -11.64
N VAL C 255 -12.75 31.75 -12.70
CA VAL C 255 -11.32 31.99 -12.59
C VAL C 255 -10.99 33.25 -11.83
N ALA C 256 -11.87 34.25 -11.91
CA ALA C 256 -11.67 35.51 -11.15
C ALA C 256 -11.57 35.27 -9.62
N HIS C 257 -12.17 34.18 -9.12
CA HIS C 257 -12.25 33.94 -7.68
C HIS C 257 -11.18 32.95 -7.21
N MET C 258 -10.31 32.53 -8.12
CA MET C 258 -9.24 31.59 -7.78
C MET C 258 -8.10 32.26 -7.04
N LYS C 259 -7.34 31.44 -6.32
CA LYS C 259 -6.18 31.86 -5.57
C LYS C 259 -5.17 32.39 -6.56
N PRO C 260 -4.55 33.57 -6.26
CA PRO C 260 -3.49 34.13 -7.11
C PRO C 260 -2.41 33.12 -7.40
N GLY C 261 -2.13 32.95 -8.69
CA GLY C 261 -0.95 32.25 -9.10
C GLY C 261 -1.27 30.78 -9.26
N ALA C 262 -2.56 30.41 -9.13
CA ALA C 262 -3.07 29.07 -9.36
C ALA C 262 -2.85 28.70 -10.82
N VAL C 263 -2.61 27.41 -11.06
CA VAL C 263 -2.30 26.92 -12.41
C VAL C 263 -3.46 26.09 -12.99
N LEU C 264 -3.84 26.36 -14.24
CA LEU C 264 -4.90 25.59 -14.91
C LEU C 264 -4.29 25.02 -16.18
N VAL C 265 -4.31 23.71 -16.25
CA VAL C 265 -3.78 22.93 -17.36
C VAL C 265 -4.94 22.29 -18.17
N ASP C 266 -5.10 22.73 -19.42
CA ASP C 266 -6.18 22.24 -20.28
C ASP C 266 -5.73 21.07 -21.17
N ILE C 267 -6.05 19.84 -20.79
CA ILE C 267 -5.75 18.73 -21.64
C ILE C 267 -6.71 18.69 -22.83
N ALA C 268 -7.89 19.26 -22.69
CA ALA C 268 -8.89 19.24 -23.76
C ALA C 268 -8.56 20.18 -24.93
N ILE C 269 -7.46 20.91 -24.82
CA ILE C 269 -7.15 22.00 -25.78
C ILE C 269 -7.17 21.55 -27.24
N ASP C 270 -6.89 20.27 -27.48
CA ASP C 270 -6.95 19.70 -28.84
C ASP C 270 -8.38 19.67 -29.40
N GLN C 271 -9.38 19.83 -28.55
CA GLN C 271 -10.81 19.82 -28.97
C GLN C 271 -11.54 21.09 -28.53
N GLY C 272 -10.78 22.19 -28.51
CA GLY C 272 -11.33 23.48 -28.16
C GLY C 272 -10.98 23.92 -26.75
N GLY C 273 -10.62 22.99 -25.88
CA GLY C 273 -10.37 23.30 -24.48
C GLY C 273 -11.63 23.29 -23.63
N CYS C 274 -11.51 22.91 -22.35
CA CYS C 274 -12.68 22.89 -21.49
C CYS C 274 -12.75 24.04 -20.49
N PHE C 275 -11.93 25.07 -20.67
CA PHE C 275 -11.95 26.24 -19.81
C PHE C 275 -12.43 27.38 -20.70
N GLU C 276 -13.27 28.28 -20.23
CA GLU C 276 -13.65 29.41 -21.12
C GLU C 276 -12.43 30.08 -21.74
N GLY C 277 -11.38 30.29 -20.95
CA GLY C 277 -10.30 31.21 -21.36
C GLY C 277 -9.16 30.57 -22.15
N SER C 278 -9.24 29.25 -22.35
CA SER C 278 -8.26 28.52 -23.14
C SER C 278 -8.17 28.99 -24.58
N ARG C 279 -6.93 29.17 -25.02
CA ARG C 279 -6.56 29.25 -26.44
C ARG C 279 -5.25 28.48 -26.59
N PRO C 280 -4.96 27.94 -27.78
CA PRO C 280 -3.85 26.98 -27.77
C PRO C 280 -2.51 27.68 -27.84
N THR C 281 -1.50 27.02 -27.30
CA THR C 281 -0.31 27.67 -26.83
C THR C 281 0.86 26.77 -27.28
N THR C 282 2.10 27.27 -27.25
CA THR C 282 3.23 26.52 -27.82
C THR C 282 4.28 26.17 -26.77
N TYR C 283 5.19 25.26 -27.10
CA TYR C 283 6.34 24.96 -26.23
C TYR C 283 7.20 26.18 -25.85
N ASP C 284 7.43 27.11 -26.79
CA ASP C 284 8.20 28.34 -26.53
C ASP C 284 7.49 29.24 -25.52
N HIS C 285 6.19 29.41 -25.70
CA HIS C 285 5.38 30.18 -24.76
C HIS C 285 4.14 29.38 -24.32
N PRO C 286 4.34 28.49 -23.34
CA PRO C 286 3.33 27.53 -22.92
C PRO C 286 2.17 28.12 -22.10
N THR C 287 2.41 29.24 -21.40
CA THR C 287 1.39 29.74 -20.47
C THR C 287 1.07 31.20 -20.75
N PHE C 288 -0.09 31.64 -20.28
CA PHE C 288 -0.51 33.05 -20.37
C PHE C 288 -1.38 33.42 -19.17
N ALA C 289 -1.57 34.70 -18.92
CA ALA C 289 -2.34 35.07 -17.74
C ALA C 289 -3.80 35.18 -18.09
N VAL C 290 -4.62 34.76 -17.15
CA VAL C 290 -6.05 35.05 -17.19
C VAL C 290 -6.44 35.33 -15.74
N HIS C 291 -6.84 36.57 -15.52
CA HIS C 291 -6.96 37.13 -14.18
C HIS C 291 -5.62 36.96 -13.40
N ASP C 292 -5.61 36.43 -12.17
CA ASP C 292 -4.35 36.23 -11.43
C ASP C 292 -3.90 34.76 -11.46
N THR C 293 -4.11 34.12 -12.60
CA THR C 293 -4.10 32.67 -12.73
C THR C 293 -3.20 32.39 -13.93
N LEU C 294 -2.67 31.17 -14.02
CA LEU C 294 -1.85 30.77 -15.18
C LEU C 294 -2.50 29.64 -15.93
N PHE C 295 -2.69 29.83 -17.23
CA PHE C 295 -3.28 28.81 -18.09
C PHE C 295 -2.16 28.15 -18.87
N TYR C 296 -2.14 26.82 -18.86
CA TYR C 296 -1.23 26.05 -19.66
C TYR C 296 -2.07 25.30 -20.67
N CYS C 297 -1.93 25.67 -21.94
CA CYS C 297 -2.68 25.01 -22.99
C CYS C 297 -1.85 24.55 -24.18
N VAL C 298 -0.73 23.86 -23.98
CA VAL C 298 0.01 23.49 -25.19
C VAL C 298 -0.63 22.31 -25.91
N ALA C 299 -0.62 22.39 -27.23
CA ALA C 299 -1.21 21.36 -28.08
C ALA C 299 -0.22 20.21 -28.34
N ASN C 300 -0.78 19.01 -28.55
CA ASN C 300 -0.01 17.80 -28.81
C ASN C 300 0.99 17.57 -27.69
N MET C 301 0.55 17.74 -26.45
CA MET C 301 1.41 17.47 -25.27
C MET C 301 2.30 16.20 -25.45
N PRO C 302 1.73 15.06 -25.89
CA PRO C 302 2.55 13.84 -26.01
C PRO C 302 3.79 13.96 -26.88
N ALA C 303 3.77 14.87 -27.85
CA ALA C 303 4.96 15.16 -28.65
C ALA C 303 6.18 15.55 -27.79
N SER C 304 5.96 15.95 -26.52
CA SER C 304 7.03 16.39 -25.62
C SER C 304 7.92 15.25 -25.16
N VAL C 305 7.39 14.01 -25.20
CA VAL C 305 8.11 12.89 -24.69
C VAL C 305 8.11 11.85 -25.79
N PRO C 306 8.82 12.12 -26.92
CA PRO C 306 8.63 11.19 -28.04
C PRO C 306 9.16 9.78 -27.82
N LYS C 307 10.15 9.58 -26.96
CA LYS C 307 10.60 8.23 -26.74
C LYS C 307 9.45 7.39 -26.15
N THR C 308 8.83 7.89 -25.09
CA THR C 308 7.60 7.30 -24.55
C THR C 308 6.41 7.25 -25.55
N SER C 309 6.07 8.38 -26.18
CA SER C 309 4.88 8.45 -27.01
C SER C 309 4.96 7.60 -28.25
N THR C 310 6.13 7.54 -28.87
CA THR C 310 6.30 6.72 -30.05
C THR C 310 5.91 5.28 -29.72
N TYR C 311 6.42 4.77 -28.60
CA TYR C 311 6.21 3.37 -28.26
C TYR C 311 4.77 3.17 -27.86
N ALA C 312 4.21 4.09 -27.09
CA ALA C 312 2.80 4.00 -26.65
C ALA C 312 1.91 3.89 -27.88
N LEU C 313 2.12 4.83 -28.81
CA LEU C 313 1.32 4.86 -30.04
C LEU C 313 1.52 3.63 -30.92
N THR C 314 2.76 3.26 -31.20
CA THR C 314 3.04 2.21 -32.17
C THR C 314 2.74 0.82 -31.60
N ASN C 315 2.78 0.68 -30.27
CA ASN C 315 2.30 -0.56 -29.66
C ASN C 315 0.78 -0.70 -29.95
N ALA C 316 0.07 0.43 -29.95
CA ALA C 316 -1.37 0.43 -30.18
C ALA C 316 -1.66 0.16 -31.66
N THR C 317 -0.86 0.74 -32.55
CA THR C 317 -1.12 0.58 -33.98
C THR C 317 -0.63 -0.76 -34.54
N MET C 318 0.34 -1.38 -33.86
CA MET C 318 0.95 -2.60 -34.41
C MET C 318 -0.01 -3.65 -34.96
N PRO C 319 -1.05 -4.05 -34.19
CA PRO C 319 -1.87 -5.13 -34.74
C PRO C 319 -2.55 -4.76 -36.05
N TYR C 320 -2.93 -3.49 -36.19
CA TYR C 320 -3.61 -2.99 -37.37
C TYR C 320 -2.63 -2.87 -38.51
N VAL C 321 -1.45 -2.30 -38.26
CA VAL C 321 -0.36 -2.29 -39.23
C VAL C 321 -0.09 -3.68 -39.80
N LEU C 322 0.00 -4.67 -38.93
CA LEU C 322 0.29 -6.03 -39.40
C LEU C 322 -0.81 -6.53 -40.31
N GLU C 323 -2.07 -6.35 -39.91
CA GLU C 323 -3.17 -6.80 -40.73
C GLU C 323 -3.23 -6.05 -42.07
N LEU C 324 -2.98 -4.74 -42.07
CA LEU C 324 -2.95 -3.99 -43.33
C LEU C 324 -1.86 -4.56 -44.24
N ALA C 325 -0.70 -4.87 -43.67
CA ALA C 325 0.42 -5.34 -44.46
C ALA C 325 0.15 -6.71 -45.04
N ASP C 326 -0.36 -7.62 -44.18
CA ASP C 326 -0.62 -9.00 -44.59
C ASP C 326 -1.71 -9.08 -45.63
N HIS C 327 -2.76 -8.28 -45.46
CA HIS C 327 -3.98 -8.52 -46.21
C HIS C 327 -4.48 -7.35 -47.07
N GLY C 328 -3.85 -6.17 -46.96
CA GLY C 328 -4.28 -5.03 -47.78
C GLY C 328 -5.46 -4.35 -47.12
N TRP C 329 -5.74 -3.09 -47.48
CA TRP C 329 -6.75 -2.33 -46.73
C TRP C 329 -8.19 -2.88 -46.79
N ARG C 330 -8.60 -3.47 -47.92
CA ARG C 330 -9.97 -3.90 -48.07
C ARG C 330 -10.26 -5.17 -47.29
N ALA C 331 -9.37 -6.16 -47.41
CA ALA C 331 -9.52 -7.39 -46.65
C ALA C 331 -9.41 -7.10 -45.14
N ALA C 332 -8.40 -6.33 -44.73
CA ALA C 332 -8.28 -5.94 -43.32
C ALA C 332 -9.50 -5.21 -42.77
N CYS C 333 -10.04 -4.27 -43.54
CA CYS C 333 -11.22 -3.53 -43.11
C CYS C 333 -12.48 -4.38 -43.06
N ARG C 334 -12.66 -5.25 -44.03
CA ARG C 334 -13.76 -6.22 -43.97
C ARG C 334 -13.70 -7.11 -42.75
N SER C 335 -12.51 -7.58 -42.37
CA SER C 335 -12.35 -8.47 -41.23
C SER C 335 -12.47 -7.78 -39.89
N ASN C 336 -12.19 -6.48 -39.86
CA ASN C 336 -12.14 -5.73 -38.61
C ASN C 336 -12.89 -4.41 -38.74
N PRO C 337 -14.13 -4.37 -38.25
CA PRO C 337 -14.95 -3.18 -38.37
C PRO C 337 -14.35 -2.00 -37.64
N ALA C 338 -13.56 -2.24 -36.60
CA ALA C 338 -12.93 -1.13 -35.86
C ALA C 338 -11.97 -0.38 -36.77
N LEU C 339 -11.13 -1.13 -37.48
CA LEU C 339 -10.22 -0.57 -38.49
C LEU C 339 -11.01 0.15 -39.59
N ALA C 340 -12.12 -0.44 -40.01
CA ALA C 340 -12.98 0.17 -41.05
C ALA C 340 -13.53 1.53 -40.63
N LYS C 341 -13.79 1.71 -39.34
CA LYS C 341 -14.27 3.00 -38.84
C LYS C 341 -13.29 4.14 -39.04
N GLY C 342 -12.01 3.81 -39.25
CA GLY C 342 -10.98 4.80 -39.56
C GLY C 342 -10.87 5.16 -41.03
N LEU C 343 -11.59 4.48 -41.91
CA LEU C 343 -11.49 4.81 -43.34
C LEU C 343 -11.84 6.25 -43.65
N SER C 344 -10.98 6.93 -44.39
CA SER C 344 -11.18 8.36 -44.62
C SER C 344 -11.34 8.74 -46.09
N THR C 345 -10.38 8.35 -46.92
CA THR C 345 -10.51 8.62 -48.34
C THR C 345 -10.11 7.40 -49.12
N HIS C 346 -10.59 7.31 -50.36
CA HIS C 346 -10.12 6.30 -51.29
C HIS C 346 -10.41 6.75 -52.72
N GLU C 347 -9.37 6.85 -53.55
CA GLU C 347 -9.55 7.12 -54.98
C GLU C 347 -10.49 8.28 -55.24
N GLY C 348 -10.30 9.37 -54.50
CA GLY C 348 -11.05 10.59 -54.71
C GLY C 348 -12.28 10.77 -53.85
N ALA C 349 -12.72 9.70 -53.20
CA ALA C 349 -13.96 9.75 -52.45
C ALA C 349 -13.71 9.90 -50.95
N LEU C 350 -14.51 10.74 -50.30
CA LEU C 350 -14.46 10.96 -48.84
C LEU C 350 -15.34 9.93 -48.16
N LEU C 351 -14.79 9.18 -47.21
CA LEU C 351 -15.51 8.04 -46.68
C LEU C 351 -16.07 8.27 -45.27
N SER C 352 -15.91 9.50 -44.77
CA SER C 352 -16.38 9.84 -43.44
C SER C 352 -17.56 10.78 -43.51
N GLU C 353 -18.70 10.32 -43.00
CA GLU C 353 -19.91 11.13 -42.97
C GLU C 353 -19.75 12.33 -42.02
N ARG C 354 -19.04 12.14 -40.92
CA ARG C 354 -18.87 13.25 -39.99
C ARG C 354 -18.00 14.37 -40.54
N VAL C 355 -16.98 14.02 -41.34
CA VAL C 355 -16.07 15.00 -41.92
C VAL C 355 -16.77 15.70 -43.07
N ALA C 356 -17.43 14.90 -43.91
CA ALA C 356 -18.23 15.40 -45.01
C ALA C 356 -19.23 16.47 -44.58
N THR C 357 -19.93 16.26 -43.47
CA THR C 357 -20.97 17.20 -43.07
C THR C 357 -20.40 18.42 -42.32
N ASP C 358 -19.29 18.22 -41.62
CA ASP C 358 -18.54 19.32 -40.99
C ASP C 358 -17.91 20.24 -42.04
N LEU C 359 -17.57 19.68 -43.19
CA LEU C 359 -16.97 20.48 -44.28
C LEU C 359 -17.93 20.80 -45.42
N GLY C 360 -19.18 20.36 -45.32
CA GLY C 360 -20.17 20.61 -46.37
C GLY C 360 -19.75 20.12 -47.74
N VAL C 361 -19.29 18.87 -47.78
CA VAL C 361 -18.75 18.25 -48.98
C VAL C 361 -19.46 16.89 -49.22
N PRO C 362 -19.52 16.40 -50.47
CA PRO C 362 -20.17 15.10 -50.67
C PRO C 362 -19.43 13.93 -50.01
N PHE C 363 -20.14 12.81 -49.89
CA PHE C 363 -19.74 11.74 -49.04
C PHE C 363 -20.12 10.40 -49.67
N THR C 364 -19.14 9.50 -49.74
CA THR C 364 -19.37 8.14 -50.18
C THR C 364 -19.38 7.20 -48.97
N GLU C 365 -20.49 6.46 -48.85
CA GLU C 365 -20.69 5.47 -47.79
C GLU C 365 -19.54 4.44 -47.79
N PRO C 366 -18.84 4.29 -46.65
CA PRO C 366 -17.73 3.35 -46.57
C PRO C 366 -18.09 1.98 -47.12
N ALA C 367 -19.32 1.55 -46.90
CA ALA C 367 -19.78 0.25 -47.37
C ALA C 367 -19.75 0.15 -48.91
N SER C 368 -19.81 1.29 -49.61
CA SER C 368 -19.65 1.31 -51.07
C SER C 368 -18.38 0.55 -51.47
N VAL C 369 -17.28 0.87 -50.81
CA VAL C 369 -15.96 0.46 -51.24
C VAL C 369 -15.50 -0.88 -50.67
N LEU C 370 -16.21 -1.39 -49.67
CA LEU C 370 -15.87 -2.68 -49.05
C LEU C 370 -16.66 -3.88 -49.58
N MET D 1 49.45 -2.84 -0.01
CA MET D 1 49.66 -4.25 0.43
C MET D 1 49.01 -5.21 -0.53
N ARG D 2 49.26 -6.51 -0.38
CA ARG D 2 48.66 -7.48 -1.25
C ARG D 2 47.49 -8.09 -0.55
N VAL D 3 46.33 -8.04 -1.21
CA VAL D 3 45.10 -8.62 -0.66
C VAL D 3 44.78 -9.84 -1.49
N GLY D 4 44.62 -10.98 -0.83
CA GLY D 4 44.40 -12.22 -1.57
C GLY D 4 43.06 -12.85 -1.30
N ILE D 5 42.45 -13.38 -2.34
CA ILE D 5 41.16 -14.02 -2.22
C ILE D 5 41.22 -15.39 -2.92
N PRO D 6 41.27 -16.50 -2.14
CA PRO D 6 41.28 -17.83 -2.73
C PRO D 6 39.86 -18.37 -2.98
N THR D 7 39.74 -19.44 -3.74
CA THR D 7 38.44 -20.08 -3.94
C THR D 7 38.02 -20.75 -2.65
N GLU D 8 36.73 -20.73 -2.34
CA GLU D 8 36.22 -21.41 -1.17
C GLU D 8 36.28 -22.89 -1.48
N THR D 9 36.63 -23.71 -0.49
CA THR D 9 36.86 -25.13 -0.74
C THR D 9 35.86 -25.98 0.02
N LYS D 10 35.14 -25.41 0.98
CA LYS D 10 34.11 -26.18 1.71
C LYS D 10 33.04 -26.74 0.75
N ASN D 11 32.55 -27.95 1.02
CA ASN D 11 31.51 -28.52 0.17
C ASN D 11 30.25 -27.63 0.09
N ASN D 12 29.77 -27.41 -1.13
CA ASN D 12 28.65 -26.51 -1.42
C ASN D 12 28.78 -25.02 -1.05
N GLU D 13 30.00 -24.56 -0.85
CA GLU D 13 30.24 -23.16 -0.61
C GLU D 13 30.65 -22.55 -1.95
N PHE D 14 29.81 -21.65 -2.46
CA PHE D 14 30.00 -21.02 -3.76
C PHE D 14 30.22 -19.49 -3.67
N ARG D 15 30.22 -18.94 -2.47
CA ARG D 15 30.43 -17.52 -2.27
C ARG D 15 31.89 -17.16 -2.51
N VAL D 16 32.19 -15.89 -2.66
CA VAL D 16 33.57 -15.46 -2.77
C VAL D 16 33.67 -14.21 -1.93
N ALA D 17 34.86 -13.93 -1.40
CA ALA D 17 34.98 -12.87 -0.41
C ALA D 17 35.28 -11.46 -0.97
N ILE D 18 35.18 -11.28 -2.26
CA ILE D 18 35.30 -9.96 -2.85
C ILE D 18 34.57 -9.92 -4.19
N THR D 19 34.11 -8.73 -4.60
CA THR D 19 33.52 -8.50 -5.91
C THR D 19 34.38 -7.55 -6.74
N PRO D 20 34.13 -7.48 -8.08
CA PRO D 20 34.83 -6.49 -8.91
C PRO D 20 34.83 -5.05 -8.33
N ALA D 21 33.69 -4.65 -7.75
CA ALA D 21 33.56 -3.32 -7.08
C ALA D 21 34.62 -3.12 -5.99
N GLY D 22 34.80 -4.12 -5.13
CA GLY D 22 35.82 -4.10 -4.11
C GLY D 22 37.22 -4.12 -4.65
N VAL D 23 37.41 -4.84 -5.76
CA VAL D 23 38.70 -4.94 -6.39
C VAL D 23 39.12 -3.60 -6.94
N ALA D 24 38.20 -2.92 -7.63
CA ALA D 24 38.45 -1.61 -8.21
C ALA D 24 38.86 -0.64 -7.09
N GLU D 25 38.15 -0.67 -5.98
CA GLU D 25 38.41 0.28 -4.92
C GLU D 25 39.77 0.05 -4.24
N LEU D 26 40.09 -1.20 -3.90
CA LEU D 26 41.42 -1.54 -3.38
C LEU D 26 42.52 -1.14 -4.36
N THR D 27 42.35 -1.50 -5.62
CA THR D 27 43.31 -1.20 -6.69
C THR D 27 43.51 0.32 -6.88
N ARG D 28 42.40 1.05 -6.83
CA ARG D 28 42.41 2.53 -6.86
C ARG D 28 43.26 3.05 -5.69
N ARG D 29 43.30 2.31 -4.58
CA ARG D 29 44.06 2.76 -3.43
C ARG D 29 45.51 2.34 -3.48
N GLY D 30 45.91 1.70 -4.58
CA GLY D 30 47.32 1.29 -4.73
C GLY D 30 47.61 -0.09 -4.16
N HIS D 31 46.57 -0.83 -3.81
CA HIS D 31 46.74 -2.17 -3.32
C HIS D 31 46.80 -3.16 -4.48
N GLU D 32 47.53 -4.25 -4.28
CA GLU D 32 47.60 -5.29 -5.26
C GLU D 32 46.58 -6.34 -4.87
N VAL D 33 45.67 -6.66 -5.75
CA VAL D 33 44.67 -7.70 -5.44
C VAL D 33 44.94 -8.97 -6.23
N LEU D 34 45.04 -10.09 -5.52
CA LEU D 34 45.34 -11.39 -6.08
C LEU D 34 44.17 -12.35 -5.88
N ILE D 35 43.72 -12.98 -6.95
CA ILE D 35 42.53 -13.83 -6.88
C ILE D 35 42.82 -15.16 -7.57
N GLN D 36 42.41 -16.26 -6.94
CA GLN D 36 42.56 -17.59 -7.52
C GLN D 36 41.64 -17.73 -8.72
N ALA D 37 42.19 -18.15 -9.85
CA ALA D 37 41.35 -18.42 -11.03
C ALA D 37 40.15 -19.27 -10.64
N GLY D 38 38.97 -18.78 -11.04
CA GLY D 38 37.72 -19.45 -10.79
C GLY D 38 37.05 -19.11 -9.46
N ALA D 39 37.72 -18.33 -8.60
CA ALA D 39 37.18 -18.07 -7.26
C ALA D 39 35.76 -17.54 -7.31
N GLY D 40 35.44 -16.78 -8.36
CA GLY D 40 34.18 -16.05 -8.46
C GLY D 40 33.09 -16.76 -9.26
N GLU D 41 33.39 -17.91 -9.84
CA GLU D 41 32.43 -18.57 -10.72
C GLU D 41 31.17 -19.13 -10.01
N GLY D 42 31.30 -19.55 -8.76
CA GLY D 42 30.12 -19.96 -7.99
C GLY D 42 29.13 -18.80 -7.84
N SER D 43 29.63 -17.57 -7.91
CA SER D 43 28.83 -16.37 -7.70
C SER D 43 28.61 -15.64 -9.00
N ALA D 44 28.79 -16.34 -10.12
CA ALA D 44 28.66 -15.78 -11.47
C ALA D 44 29.53 -14.53 -11.68
N ILE D 45 30.67 -14.46 -11.01
CA ILE D 45 31.70 -13.44 -11.32
C ILE D 45 32.82 -14.14 -12.09
N THR D 46 33.04 -13.78 -13.34
CA THR D 46 34.09 -14.44 -14.12
C THR D 46 35.47 -13.87 -13.84
N ASP D 47 36.47 -14.66 -14.16
CA ASP D 47 37.87 -14.21 -14.06
C ASP D 47 38.07 -12.90 -14.84
N ALA D 48 37.42 -12.79 -16.00
CA ALA D 48 37.50 -11.57 -16.79
C ALA D 48 36.90 -10.39 -16.05
N ASP D 49 35.79 -10.60 -15.35
CA ASP D 49 35.20 -9.53 -14.52
C ASP D 49 36.21 -9.01 -13.48
N PHE D 50 36.83 -9.94 -12.76
CA PHE D 50 37.81 -9.59 -11.74
C PHE D 50 39.04 -8.91 -12.37
N LYS D 51 39.50 -9.41 -13.52
CA LYS D 51 40.70 -8.86 -14.15
C LYS D 51 40.44 -7.43 -14.66
N ALA D 52 39.29 -7.23 -15.29
CA ALA D 52 38.89 -5.89 -15.73
C ALA D 52 38.91 -4.91 -14.57
N ALA D 53 38.56 -5.39 -13.36
CA ALA D 53 38.52 -4.53 -12.17
C ALA D 53 39.91 -4.23 -11.59
N GLY D 54 40.94 -4.93 -12.07
CA GLY D 54 42.31 -4.69 -11.63
C GLY D 54 42.99 -5.82 -10.89
N ALA D 55 42.34 -6.98 -10.84
CA ALA D 55 42.90 -8.10 -10.07
C ALA D 55 43.98 -8.82 -10.86
N GLN D 56 44.99 -9.34 -10.17
CA GLN D 56 45.85 -10.37 -10.73
C GLN D 56 45.25 -11.76 -10.47
N LEU D 57 45.03 -12.50 -11.55
CA LEU D 57 44.45 -13.83 -11.49
C LEU D 57 45.56 -14.87 -11.37
N VAL D 58 45.50 -15.71 -10.34
CA VAL D 58 46.56 -16.69 -10.11
C VAL D 58 46.07 -18.12 -10.11
N GLY D 59 46.90 -19.03 -10.64
CA GLY D 59 46.50 -20.39 -10.93
C GLY D 59 46.16 -21.24 -9.72
N THR D 60 46.89 -21.09 -8.63
CA THR D 60 46.74 -21.99 -7.51
C THR D 60 46.39 -21.29 -6.19
N ALA D 61 45.64 -21.98 -5.33
CA ALA D 61 45.39 -21.52 -3.99
C ALA D 61 46.72 -21.16 -3.27
N ASP D 62 47.73 -22.03 -3.39
CA ASP D 62 49.00 -21.87 -2.69
C ASP D 62 49.61 -20.50 -2.92
N GLN D 63 49.64 -20.06 -4.16
CA GLN D 63 50.18 -18.76 -4.47
C GLN D 63 49.43 -17.61 -3.80
N VAL D 64 48.09 -17.67 -3.81
CA VAL D 64 47.27 -16.64 -3.16
C VAL D 64 47.63 -16.56 -1.68
N TRP D 65 47.63 -17.72 -1.01
CA TRP D 65 47.90 -17.70 0.41
C TRP D 65 49.34 -17.27 0.74
N ALA D 66 50.29 -17.68 -0.11
CA ALA D 66 51.70 -17.37 0.08
C ALA D 66 51.99 -15.87 -0.07
N ASP D 67 51.27 -15.20 -0.95
CA ASP D 67 51.59 -13.80 -1.26
C ASP D 67 50.72 -12.70 -0.62
N ALA D 68 49.61 -13.06 0.02
CA ALA D 68 48.65 -12.10 0.51
C ALA D 68 49.11 -11.55 1.85
N ASP D 69 48.98 -10.24 2.05
CA ASP D 69 49.21 -9.67 3.38
C ASP D 69 47.89 -9.75 4.13
N LEU D 70 46.81 -9.70 3.37
CA LEU D 70 45.47 -9.72 3.90
C LEU D 70 44.73 -10.72 3.08
N LEU D 71 44.24 -11.74 3.78
CA LEU D 71 43.60 -12.89 3.18
C LEU D 71 42.10 -12.86 3.53
N LEU D 72 41.25 -12.61 2.52
CA LEU D 72 39.81 -12.57 2.70
C LEU D 72 39.16 -13.90 2.33
N LYS D 73 38.29 -14.38 3.20
CA LYS D 73 37.55 -15.60 2.92
C LYS D 73 36.10 -15.42 3.40
N VAL D 74 35.24 -16.35 3.00
CA VAL D 74 33.88 -16.40 3.50
C VAL D 74 33.81 -17.33 4.69
N LYS D 75 34.32 -18.58 4.54
CA LYS D 75 34.25 -19.56 5.62
C LYS D 75 35.57 -19.78 6.34
N GLU D 76 35.52 -20.55 7.41
CA GLU D 76 36.71 -20.92 8.19
C GLU D 76 37.66 -21.80 7.36
N PRO D 77 38.99 -21.64 7.55
CA PRO D 77 39.95 -22.57 6.95
C PRO D 77 39.57 -24.01 7.34
N ILE D 78 39.59 -24.91 6.38
CA ILE D 78 39.39 -26.35 6.68
C ILE D 78 40.70 -27.17 6.63
N ALA D 79 40.64 -28.45 6.98
CA ALA D 79 41.84 -29.23 7.26
C ALA D 79 42.91 -29.12 6.18
N ALA D 80 42.51 -29.27 4.92
CA ALA D 80 43.47 -29.23 3.80
C ALA D 80 44.12 -27.86 3.66
N GLU D 81 43.53 -26.84 4.28
CA GLU D 81 44.07 -25.48 4.24
C GLU D 81 44.93 -25.11 5.47
N TYR D 82 44.93 -25.92 6.52
CA TYR D 82 45.66 -25.56 7.75
C TYR D 82 47.14 -25.26 7.47
N GLY D 83 47.73 -25.99 6.54
CA GLY D 83 49.15 -25.82 6.23
C GLY D 83 49.45 -24.51 5.53
N ARG D 84 48.39 -23.84 5.07
CA ARG D 84 48.50 -22.56 4.39
C ARG D 84 48.44 -21.33 5.35
N LEU D 85 47.94 -21.50 6.57
CA LEU D 85 47.88 -20.42 7.56
C LEU D 85 49.28 -19.88 7.86
N ARG D 86 49.42 -18.55 7.97
CA ARG D 86 50.74 -17.96 8.10
CA ARG D 86 50.72 -17.92 8.01
C ARG D 86 50.83 -16.76 9.02
N HIS D 87 51.90 -16.76 9.80
CA HIS D 87 52.26 -15.68 10.70
C HIS D 87 52.48 -14.41 9.84
N GLY D 88 51.97 -13.29 10.29
CA GLY D 88 52.21 -12.05 9.56
C GLY D 88 51.24 -11.83 8.40
N GLN D 89 50.26 -12.72 8.30
CA GLN D 89 49.17 -12.53 7.39
C GLN D 89 47.94 -12.25 8.26
N ILE D 90 47.06 -11.37 7.79
CA ILE D 90 45.79 -11.14 8.44
C ILE D 90 44.77 -11.95 7.68
N LEU D 91 44.06 -12.80 8.40
CA LEU D 91 42.96 -13.59 7.85
C LEU D 91 41.65 -13.01 8.37
N PHE D 92 40.75 -12.65 7.45
CA PHE D 92 39.48 -11.98 7.77
C PHE D 92 38.36 -12.87 7.12
N THR D 93 37.57 -13.56 7.94
CA THR D 93 36.57 -14.53 7.44
C THR D 93 35.57 -14.87 8.55
N PHE D 94 34.48 -15.59 8.26
CA PHE D 94 33.62 -16.13 9.32
C PHE D 94 34.37 -17.32 9.92
N LEU D 95 34.54 -17.39 11.24
CA LEU D 95 35.42 -18.37 11.86
C LEU D 95 34.65 -19.37 12.73
N HIS D 96 33.73 -18.86 13.56
CA HIS D 96 32.94 -19.69 14.49
C HIS D 96 33.84 -20.63 15.30
N LEU D 97 34.88 -20.08 15.90
CA LEU D 97 35.87 -20.90 16.57
C LEU D 97 35.31 -21.76 17.69
N ALA D 98 34.26 -21.30 18.37
CA ALA D 98 33.72 -22.08 19.52
C ALA D 98 33.15 -23.42 19.06
N ALA D 99 32.78 -23.49 17.79
CA ALA D 99 32.31 -24.72 17.17
C ALA D 99 33.44 -25.62 16.63
N SER D 100 34.70 -25.20 16.77
CA SER D 100 35.82 -26.01 16.23
C SER D 100 37.15 -25.84 16.95
N ARG D 101 37.42 -26.74 17.89
CA ARG D 101 38.73 -26.87 18.48
C ARG D 101 39.80 -27.10 17.41
N ALA D 102 39.46 -27.85 16.36
CA ALA D 102 40.44 -28.13 15.30
C ALA D 102 40.86 -26.86 14.56
N CYS D 103 39.89 -26.06 14.13
CA CYS D 103 40.17 -24.79 13.47
C CYS D 103 40.95 -23.86 14.42
N THR D 104 40.44 -23.71 15.63
CA THR D 104 41.07 -22.86 16.62
C THR D 104 42.54 -23.27 16.82
N ASP D 105 42.78 -24.55 17.05
CA ASP D 105 44.14 -25.02 17.20
C ASP D 105 45.03 -24.75 15.99
N ALA D 106 44.48 -24.98 14.80
CA ALA D 106 45.20 -24.72 13.57
C ALA D 106 45.63 -23.25 13.48
N LEU D 107 44.72 -22.35 13.85
CA LEU D 107 44.99 -20.90 13.83
C LEU D 107 46.06 -20.50 14.82
N LEU D 108 45.95 -21.01 16.04
CA LEU D 108 46.97 -20.78 17.07
C LEU D 108 48.33 -21.33 16.67
N ASP D 109 48.35 -22.57 16.19
CA ASP D 109 49.61 -23.19 15.75
C ASP D 109 50.29 -22.43 14.60
N SER D 110 49.51 -21.71 13.80
CA SER D 110 50.04 -21.09 12.60
C SER D 110 50.71 -19.73 12.88
N GLY D 111 50.44 -19.16 14.05
CA GLY D 111 50.81 -17.77 14.42
C GLY D 111 50.10 -16.67 13.66
N THR D 112 49.11 -17.01 12.85
CA THR D 112 48.44 -16.01 12.01
C THR D 112 47.64 -15.03 12.88
N THR D 113 47.28 -13.92 12.27
CA THR D 113 46.42 -12.95 12.93
C THR D 113 45.05 -13.09 12.30
N SER D 114 44.02 -13.39 13.08
CA SER D 114 42.71 -13.61 12.49
C SER D 114 41.66 -12.75 13.16
N ILE D 115 40.74 -12.25 12.32
CA ILE D 115 39.60 -11.45 12.72
C ILE D 115 38.35 -12.16 12.19
N ALA D 116 37.37 -12.38 13.06
CA ALA D 116 36.16 -13.12 12.68
C ALA D 116 35.04 -12.13 12.29
N TYR D 117 34.45 -12.30 11.11
CA TYR D 117 33.36 -11.39 10.69
C TYR D 117 32.27 -11.36 11.71
N GLU D 118 31.97 -12.51 12.31
CA GLU D 118 30.73 -12.61 13.07
C GLU D 118 30.81 -11.99 14.45
N THR D 119 31.98 -11.57 14.89
CA THR D 119 32.04 -10.90 16.19
C THR D 119 32.42 -9.44 16.06
N VAL D 120 32.67 -8.98 14.83
CA VAL D 120 32.73 -7.56 14.57
C VAL D 120 31.40 -6.97 15.06
N GLN D 121 31.47 -5.99 15.95
CA GLN D 121 30.29 -5.59 16.65
C GLN D 121 30.37 -4.13 17.03
N THR D 122 29.38 -3.34 16.60
CA THR D 122 29.34 -1.91 16.93
C THR D 122 28.71 -1.69 18.30
N ALA D 123 28.75 -0.44 18.75
CA ALA D 123 28.60 -0.13 20.17
C ALA D 123 27.15 -0.28 20.62
N ASP D 124 26.23 -0.18 19.67
CA ASP D 124 24.84 -0.52 19.91
C ASP D 124 24.63 -2.03 19.98
N GLY D 125 25.70 -2.77 19.75
CA GLY D 125 25.69 -4.21 19.93
C GLY D 125 25.30 -4.95 18.67
N ALA D 126 25.12 -4.22 17.58
CA ALA D 126 24.79 -4.82 16.29
C ALA D 126 26.00 -5.56 15.71
N LEU D 127 25.73 -6.62 14.93
CA LEU D 127 26.76 -7.36 14.22
C LEU D 127 26.66 -7.11 12.71
N PRO D 128 27.35 -6.06 12.21
CA PRO D 128 27.11 -5.58 10.85
C PRO D 128 27.50 -6.57 9.76
N LEU D 129 28.35 -7.54 10.11
CA LEU D 129 28.80 -8.52 9.13
C LEU D 129 27.97 -9.83 9.15
N LEU D 130 27.35 -10.15 10.28
CA LEU D 130 26.35 -11.21 10.29
C LEU D 130 25.01 -10.74 9.73
N ALA D 131 24.69 -9.46 9.96
CA ALA D 131 23.40 -8.90 9.56
C ALA D 131 22.92 -9.30 8.16
N PRO D 132 23.73 -9.06 7.11
CA PRO D 132 23.27 -9.45 5.76
C PRO D 132 23.02 -10.96 5.59
N MET D 133 23.75 -11.78 6.33
CA MET D 133 23.58 -13.20 6.23
C MET D 133 22.26 -13.60 6.89
N SER D 134 21.94 -12.98 8.03
CA SER D 134 20.59 -13.06 8.64
C SER D 134 19.46 -12.60 7.71
N GLU D 135 19.64 -11.47 7.01
CA GLU D 135 18.61 -11.03 6.02
C GLU D 135 18.37 -12.09 4.98
N VAL D 136 19.44 -12.57 4.33
CA VAL D 136 19.33 -13.64 3.33
C VAL D 136 18.70 -14.92 3.90
N ALA D 137 19.21 -15.40 5.04
CA ALA D 137 18.65 -16.62 5.65
C ALA D 137 17.16 -16.44 5.93
N GLY D 138 16.76 -15.27 6.42
CA GLY D 138 15.34 -15.03 6.68
C GLY D 138 14.49 -15.07 5.40
N ARG D 139 14.89 -14.35 4.38
CA ARG D 139 14.14 -14.35 3.11
C ARG D 139 14.09 -15.75 2.50
N LEU D 140 15.22 -16.44 2.53
CA LEU D 140 15.25 -17.86 2.11
C LEU D 140 14.33 -18.81 2.85
N ALA D 141 14.26 -18.65 4.17
CA ALA D 141 13.40 -19.53 4.97
C ALA D 141 11.97 -19.52 4.45
N ALA D 142 11.45 -18.35 4.07
CA ALA D 142 10.12 -18.26 3.49
C ALA D 142 10.00 -19.04 2.13
N GLN D 143 10.96 -18.82 1.21
CA GLN D 143 10.98 -19.49 -0.09
C GLN D 143 11.03 -21.00 0.09
N VAL D 144 11.88 -21.43 1.01
CA VAL D 144 12.17 -22.82 1.24
C VAL D 144 11.04 -23.54 1.97
N GLY D 145 10.36 -22.83 2.87
CA GLY D 145 9.25 -23.43 3.64
C GLY D 145 8.06 -23.67 2.71
N ALA D 146 7.89 -22.71 1.81
CA ALA D 146 6.82 -22.75 0.80
C ALA D 146 6.99 -23.92 -0.12
N TYR D 147 8.23 -24.17 -0.53
CA TYR D 147 8.52 -25.26 -1.46
C TYR D 147 8.29 -26.57 -0.75
N HIS D 148 8.72 -26.63 0.49
CA HIS D 148 8.61 -27.89 1.24
C HIS D 148 7.19 -28.25 1.79
N LEU D 149 6.34 -27.24 1.93
CA LEU D 149 4.91 -27.47 2.04
C LEU D 149 4.20 -28.18 0.86
N MET D 150 4.84 -28.41 -0.28
CA MET D 150 4.18 -29.05 -1.40
C MET D 150 4.17 -30.53 -0.95
N ARG D 151 3.11 -31.26 -1.29
CA ARG D 151 3.01 -32.67 -0.82
C ARG D 151 4.04 -33.61 -1.44
N THR D 152 4.54 -33.18 -2.59
CA THR D 152 5.62 -33.81 -3.31
C THR D 152 6.97 -33.75 -2.59
N GLN D 153 7.11 -32.78 -1.68
CA GLN D 153 8.32 -32.63 -0.86
C GLN D 153 8.08 -33.21 0.53
N GLY D 154 7.02 -34.01 0.67
CA GLY D 154 6.56 -34.44 1.97
C GLY D 154 5.83 -33.41 2.85
N GLY D 155 5.50 -32.22 2.34
CA GLY D 155 4.67 -31.28 3.11
C GLY D 155 3.16 -31.57 3.13
N ARG D 156 2.42 -30.76 3.90
CA ARG D 156 0.95 -30.82 3.99
C ARG D 156 0.21 -30.65 2.65
N GLY D 157 0.78 -29.86 1.73
CA GLY D 157 0.24 -29.72 0.39
C GLY D 157 -0.55 -28.45 0.31
N VAL D 158 0.00 -27.38 0.91
CA VAL D 158 -0.67 -26.09 1.01
C VAL D 158 0.11 -25.00 0.27
N LEU D 159 -0.56 -24.30 -0.63
CA LEU D 159 0.04 -23.14 -1.30
C LEU D 159 0.15 -21.99 -0.31
N MET D 160 1.27 -21.27 -0.35
CA MET D 160 1.50 -20.16 0.61
C MET D 160 0.36 -19.19 0.64
N GLY D 161 -0.03 -18.68 -0.51
CA GLY D 161 -1.06 -17.70 -0.55
C GLY D 161 -2.48 -18.12 -0.79
N GLY D 162 -2.80 -19.43 -0.80
CA GLY D 162 -4.11 -19.85 -1.29
C GLY D 162 -4.40 -19.20 -2.64
N VAL D 163 -5.68 -19.20 -3.00
CA VAL D 163 -6.21 -18.58 -4.19
C VAL D 163 -7.60 -18.14 -3.72
N PRO D 164 -8.22 -17.15 -4.40
CA PRO D 164 -9.49 -16.62 -3.90
C PRO D 164 -10.50 -17.72 -3.50
N GLY D 165 -11.05 -17.59 -2.28
CA GLY D 165 -12.05 -18.54 -1.80
C GLY D 165 -11.41 -19.66 -0.99
N VAL D 166 -10.08 -19.72 -1.00
CA VAL D 166 -9.33 -20.82 -0.38
C VAL D 166 -8.29 -20.30 0.60
N GLU D 167 -8.31 -20.86 1.80
CA GLU D 167 -7.36 -20.59 2.90
C GLU D 167 -5.90 -20.57 2.49
N PRO D 168 -5.21 -19.46 2.73
CA PRO D 168 -3.73 -19.43 2.59
C PRO D 168 -3.02 -20.19 3.69
N ALA D 169 -1.72 -20.44 3.56
CA ALA D 169 -0.97 -21.07 4.65
C ALA D 169 -0.91 -20.14 5.86
N ASP D 170 -0.95 -20.78 7.01
CA ASP D 170 -0.74 -20.14 8.30
C ASP D 170 0.76 -20.28 8.66
N VAL D 171 1.48 -19.16 8.71
CA VAL D 171 2.93 -19.16 8.91
C VAL D 171 3.22 -18.48 10.25
N VAL D 172 3.96 -19.16 11.11
CA VAL D 172 4.37 -18.56 12.41
C VAL D 172 5.86 -18.26 12.40
N VAL D 173 6.25 -17.01 12.70
CA VAL D 173 7.69 -16.72 12.81
C VAL D 173 8.03 -16.52 14.28
N ILE D 174 9.01 -17.24 14.80
CA ILE D 174 9.38 -17.08 16.20
C ILE D 174 10.63 -16.22 16.29
N GLY D 175 10.48 -15.00 16.81
CA GLY D 175 11.62 -14.09 16.82
C GLY D 175 11.48 -12.96 15.82
N ALA D 176 11.57 -11.73 16.30
CA ALA D 176 11.36 -10.58 15.44
C ALA D 176 12.66 -9.84 15.21
N GLY D 177 13.78 -10.57 15.29
CA GLY D 177 15.06 -9.97 14.90
C GLY D 177 15.23 -9.85 13.40
N THR D 178 16.46 -9.65 12.94
CA THR D 178 16.73 -9.45 11.50
C THR D 178 16.23 -10.60 10.62
N ALA D 179 16.58 -11.83 11.00
CA ALA D 179 16.16 -12.98 10.23
C ALA D 179 14.65 -13.12 10.26
N GLY D 180 14.06 -13.02 11.45
CA GLY D 180 12.62 -13.21 11.61
C GLY D 180 11.85 -12.14 10.85
N TYR D 181 12.29 -10.90 10.96
CA TYR D 181 11.60 -9.84 10.22
C TYR D 181 11.58 -10.11 8.70
N ASN D 182 12.70 -10.57 8.16
CA ASN D 182 12.83 -10.84 6.74
C ASN D 182 12.03 -12.07 6.29
N ALA D 183 12.04 -13.09 7.13
CA ALA D 183 11.17 -14.22 6.91
C ALA D 183 9.70 -13.77 6.84
N ALA D 184 9.22 -13.07 7.86
CA ALA D 184 7.82 -12.63 7.88
C ALA D 184 7.44 -11.78 6.66
N ARG D 185 8.33 -10.88 6.25
CA ARG D 185 8.03 -10.00 5.14
C ARG D 185 7.86 -10.79 3.86
N ILE D 186 8.73 -11.77 3.63
CA ILE D 186 8.65 -12.51 2.37
C ILE D 186 7.47 -13.51 2.41
N ALA D 187 7.24 -14.15 3.56
CA ALA D 187 6.05 -15.04 3.70
C ALA D 187 4.75 -14.30 3.46
N ASN D 188 4.71 -13.08 3.99
CA ASN D 188 3.57 -12.19 3.77
C ASN D 188 3.42 -11.77 2.30
N GLY D 189 4.50 -11.25 1.66
CA GLY D 189 4.42 -10.88 0.23
C GLY D 189 3.98 -12.08 -0.65
N MET D 190 4.21 -13.29 -0.15
CA MET D 190 3.73 -14.50 -0.82
C MET D 190 2.21 -14.84 -0.56
N GLY D 191 1.53 -14.00 0.23
CA GLY D 191 0.11 -14.11 0.55
C GLY D 191 -0.24 -15.05 1.71
N ALA D 192 0.75 -15.53 2.43
CA ALA D 192 0.51 -16.38 3.63
C ALA D 192 -0.06 -15.50 4.76
N THR D 193 -0.77 -16.11 5.69
CA THR D 193 -1.13 -15.38 6.90
C THR D 193 -0.04 -15.56 7.92
N VAL D 194 0.66 -14.45 8.20
CA VAL D 194 1.86 -14.50 9.04
C VAL D 194 1.64 -13.96 10.45
N THR D 195 2.09 -14.73 11.43
CA THR D 195 2.12 -14.29 12.83
C THR D 195 3.52 -14.28 13.34
N VAL D 196 3.91 -13.16 13.93
CA VAL D 196 5.22 -13.07 14.57
C VAL D 196 5.08 -13.10 16.10
N LEU D 197 5.89 -13.95 16.74
CA LEU D 197 5.94 -14.06 18.20
C LEU D 197 7.25 -13.47 18.73
N ASP D 198 7.16 -12.67 19.78
CA ASP D 198 8.34 -12.18 20.44
C ASP D 198 7.93 -11.63 21.81
N ILE D 199 8.89 -11.47 22.74
CA ILE D 199 8.60 -10.84 24.03
C ILE D 199 9.07 -9.41 24.05
N ASN D 200 9.71 -8.99 22.97
CA ASN D 200 10.10 -7.61 22.86
C ASN D 200 8.96 -6.81 22.19
N ILE D 201 8.12 -6.20 23.00
CA ILE D 201 6.94 -5.52 22.49
C ILE D 201 7.30 -4.37 21.54
N ASP D 202 8.39 -3.69 21.82
CA ASP D 202 8.86 -2.69 20.87
C ASP D 202 9.06 -3.18 19.45
N LYS D 203 9.65 -4.35 19.28
CA LYS D 203 9.82 -4.98 17.99
C LYS D 203 8.47 -5.34 17.34
N LEU D 204 7.52 -5.81 18.16
CA LEU D 204 6.18 -6.07 17.68
C LEU D 204 5.51 -4.78 17.23
N ARG D 205 5.60 -3.75 18.08
CA ARG D 205 5.10 -2.43 17.73
C ARG D 205 5.65 -2.03 16.36
N GLN D 206 6.96 -2.23 16.12
CA GLN D 206 7.55 -1.89 14.82
C GLN D 206 6.98 -2.63 13.64
N LEU D 207 6.74 -3.93 13.78
CA LEU D 207 6.14 -4.70 12.71
C LEU D 207 4.71 -4.26 12.43
N ASP D 208 3.99 -3.90 13.48
CA ASP D 208 2.60 -3.46 13.35
C ASP D 208 2.53 -2.16 12.52
N ALA D 209 3.45 -1.24 12.77
CA ALA D 209 3.46 0.02 12.05
C ALA D 209 3.84 -0.26 10.59
N GLU D 210 4.86 -1.08 10.39
CA GLU D 210 5.44 -1.22 9.04
C GLU D 210 4.47 -1.85 8.04
N PHE D 211 3.69 -2.81 8.51
CA PHE D 211 2.76 -3.51 7.67
C PHE D 211 1.31 -3.15 8.00
N CYS D 212 1.12 -2.09 8.78
CA CYS D 212 -0.22 -1.63 9.17
CA CYS D 212 -0.19 -1.63 9.23
C CYS D 212 -1.10 -2.77 9.67
N GLY D 213 -0.54 -3.65 10.51
CA GLY D 213 -1.29 -4.76 11.09
C GLY D 213 -1.44 -5.98 10.21
N ARG D 214 -0.93 -5.93 8.99
CA ARG D 214 -1.08 -7.06 8.12
C ARG D 214 -0.30 -8.29 8.67
N ILE D 215 0.90 -8.08 9.20
CA ILE D 215 1.57 -9.17 9.88
C ILE D 215 1.11 -9.16 11.32
N HIS D 216 0.52 -10.26 11.76
CA HIS D 216 -0.07 -10.28 13.08
C HIS D 216 1.09 -10.35 14.06
N THR D 217 0.90 -9.76 15.23
CA THR D 217 1.92 -9.85 16.28
C THR D 217 1.33 -10.41 17.55
N ARG D 218 2.06 -11.34 18.18
CA ARG D 218 1.57 -11.95 19.42
C ARG D 218 2.69 -11.94 20.46
N TYR D 219 2.40 -11.44 21.65
CA TYR D 219 3.37 -11.49 22.73
C TYR D 219 3.62 -12.96 23.04
N SER D 220 4.88 -13.34 23.15
CA SER D 220 5.22 -14.75 23.18
C SER D 220 5.09 -15.38 24.59
N SER D 221 3.89 -15.42 25.15
CA SER D 221 3.61 -16.24 26.32
C SER D 221 3.56 -17.70 25.88
N ALA D 222 3.66 -18.63 26.83
CA ALA D 222 3.56 -20.05 26.52
C ALA D 222 2.24 -20.35 25.83
N TYR D 223 1.16 -19.73 26.32
CA TYR D 223 -0.17 -19.95 25.75
C TYR D 223 -0.26 -19.50 24.29
N GLU D 224 0.28 -18.33 23.97
CA GLU D 224 0.26 -17.86 22.58
C GLU D 224 1.16 -18.69 21.66
N LEU D 225 2.37 -19.00 22.11
CA LEU D 225 3.30 -19.75 21.30
C LEU D 225 2.78 -21.14 20.98
N GLU D 226 2.36 -21.89 21.99
CA GLU D 226 1.80 -23.23 21.77
C GLU D 226 0.60 -23.14 20.84
N GLY D 227 -0.25 -22.15 21.08
CA GLY D 227 -1.43 -21.96 20.25
C GLY D 227 -1.08 -21.72 18.80
N ALA D 228 -0.26 -20.68 18.55
CA ALA D 228 0.23 -20.37 17.22
C ALA D 228 0.86 -21.58 16.50
N VAL D 229 1.73 -22.30 17.21
CA VAL D 229 2.48 -23.38 16.58
C VAL D 229 1.54 -24.50 16.18
N LYS D 230 0.59 -24.84 17.05
CA LYS D 230 -0.38 -25.88 16.77
C LYS D 230 -1.26 -25.57 15.57
N ARG D 231 -1.46 -24.30 15.24
CA ARG D 231 -2.32 -23.95 14.12
C ARG D 231 -1.55 -23.86 12.81
N ALA D 232 -0.22 -23.93 12.90
CA ALA D 232 0.64 -23.52 11.77
C ALA D 232 0.78 -24.57 10.69
N ASP D 233 0.85 -24.13 9.44
CA ASP D 233 1.33 -24.94 8.30
C ASP D 233 2.86 -24.95 8.22
N LEU D 234 3.46 -23.82 8.61
CA LEU D 234 4.89 -23.58 8.49
C LEU D 234 5.33 -22.80 9.72
N VAL D 235 6.30 -23.32 10.45
CA VAL D 235 6.92 -22.55 11.53
C VAL D 235 8.37 -22.21 11.17
N ILE D 236 8.73 -20.92 11.20
CA ILE D 236 10.13 -20.50 11.03
C ILE D 236 10.78 -20.10 12.38
N GLY D 237 11.78 -20.84 12.85
CA GLY D 237 12.46 -20.53 14.11
C GLY D 237 13.56 -19.53 13.86
N ALA D 238 13.39 -18.29 14.33
CA ALA D 238 14.38 -17.26 14.04
C ALA D 238 14.90 -16.53 15.29
N VAL D 239 15.14 -17.29 16.33
CA VAL D 239 15.65 -16.71 17.56
C VAL D 239 17.18 -16.68 17.54
N LEU D 240 17.76 -15.49 17.32
CA LEU D 240 19.19 -15.24 17.53
C LEU D 240 19.41 -14.76 18.96
N ALA D 244 25.26 -15.64 22.43
CA ALA D 244 25.08 -16.82 23.29
C ALA D 244 24.72 -18.07 22.48
N LYS D 245 23.52 -18.60 22.72
CA LYS D 245 22.94 -19.75 21.98
C LYS D 245 21.83 -20.42 22.81
N ALA D 246 20.86 -21.09 22.20
CA ALA D 246 19.86 -20.58 21.27
C ALA D 246 18.83 -21.42 22.02
N PRO D 247 17.83 -20.77 22.65
CA PRO D 247 16.91 -21.51 23.53
C PRO D 247 16.07 -22.52 22.73
N LYS D 248 15.66 -23.63 23.34
CA LYS D 248 14.86 -24.62 22.61
C LYS D 248 13.36 -24.41 22.87
N LEU D 249 12.77 -23.66 21.95
CA LEU D 249 11.45 -23.04 22.10
C LEU D 249 10.30 -23.89 21.62
N VAL D 250 10.57 -24.85 20.74
CA VAL D 250 9.54 -25.81 20.31
C VAL D 250 9.99 -27.22 20.67
N SER D 251 9.28 -27.81 21.62
CA SER D 251 9.60 -29.14 22.13
C SER D 251 9.08 -30.20 21.16
N ASN D 252 9.62 -31.40 21.25
CA ASN D 252 9.08 -32.55 20.51
C ASN D 252 7.64 -32.88 20.90
N SER D 253 7.32 -32.64 22.18
CA SER D 253 5.99 -32.85 22.69
C SER D 253 4.96 -31.93 22.02
N LEU D 254 5.33 -30.67 21.79
CA LEU D 254 4.48 -29.74 21.05
C LEU D 254 4.39 -30.08 19.54
N VAL D 255 5.48 -30.57 18.94
CA VAL D 255 5.48 -31.07 17.54
C VAL D 255 4.53 -32.26 17.30
N ALA D 256 4.39 -33.07 18.34
CA ALA D 256 3.44 -34.19 18.36
C ALA D 256 2.01 -33.69 18.17
N HIS D 257 1.74 -32.43 18.53
CA HIS D 257 0.39 -31.85 18.36
C HIS D 257 0.17 -30.96 17.12
N MET D 258 1.14 -30.93 16.20
CA MET D 258 1.00 -30.09 15.02
C MET D 258 0.27 -30.84 13.93
N LYS D 259 -0.24 -30.06 12.98
CA LYS D 259 -0.90 -30.55 11.79
C LYS D 259 0.05 -31.44 10.98
N PRO D 260 -0.41 -32.65 10.60
CA PRO D 260 0.41 -33.53 9.78
C PRO D 260 0.93 -32.80 8.54
N GLY D 261 2.22 -32.92 8.26
CA GLY D 261 2.75 -32.41 7.04
C GLY D 261 3.14 -30.93 7.22
N ALA D 262 2.99 -30.40 8.45
CA ALA D 262 3.53 -29.08 8.82
C ALA D 262 5.05 -29.07 8.63
N VAL D 263 5.55 -27.92 8.20
CA VAL D 263 6.98 -27.74 7.92
C VAL D 263 7.60 -26.80 8.98
N LEU D 264 8.78 -27.16 9.50
CA LEU D 264 9.47 -26.33 10.48
C LEU D 264 10.85 -26.08 9.91
N VAL D 265 11.14 -24.81 9.73
CA VAL D 265 12.42 -24.33 9.20
C VAL D 265 13.19 -23.62 10.32
N ASP D 266 14.31 -24.21 10.71
CA ASP D 266 15.13 -23.68 11.79
C ASP D 266 16.26 -22.84 11.20
N ILE D 267 16.14 -21.52 11.34
CA ILE D 267 17.20 -20.63 10.93
C ILE D 267 18.26 -20.36 12.01
N ALA D 268 18.17 -21.02 13.15
CA ALA D 268 19.11 -20.74 14.21
C ALA D 268 20.01 -21.95 14.38
N ILE D 269 20.07 -22.77 13.33
CA ILE D 269 20.77 -24.04 13.39
C ILE D 269 22.28 -23.80 13.53
N ASP D 270 22.74 -22.64 13.04
CA ASP D 270 24.14 -22.20 13.16
C ASP D 270 24.52 -21.90 14.62
N GLN D 271 23.63 -22.32 15.53
CA GLN D 271 23.69 -21.90 16.93
C GLN D 271 23.02 -22.95 17.82
N GLY D 272 22.90 -24.16 17.29
CA GLY D 272 22.25 -25.25 18.02
C GLY D 272 20.83 -25.54 17.58
N GLY D 273 20.15 -24.52 17.06
CA GLY D 273 18.77 -24.62 16.62
C GLY D 273 17.83 -24.20 17.73
N CYS D 274 16.68 -23.63 17.38
CA CYS D 274 15.72 -23.29 18.42
C CYS D 274 14.53 -24.29 18.58
N PHE D 275 14.56 -25.39 17.85
CA PHE D 275 13.56 -26.43 18.08
C PHE D 275 14.30 -27.58 18.76
N GLU D 276 13.65 -28.24 19.70
CA GLU D 276 14.24 -29.41 20.39
C GLU D 276 14.75 -30.48 19.38
N GLY D 277 13.96 -30.75 18.34
CA GLY D 277 14.30 -31.80 17.38
C GLY D 277 15.27 -31.41 16.28
N SER D 278 15.76 -30.18 16.28
CA SER D 278 16.70 -29.70 15.26
C SER D 278 18.12 -30.29 15.35
N ARG D 279 18.61 -30.79 14.21
CA ARG D 279 20.03 -31.17 14.00
C ARG D 279 20.46 -30.59 12.64
N PRO D 280 21.77 -30.23 12.48
CA PRO D 280 22.19 -29.63 11.20
C PRO D 280 22.03 -30.59 10.04
N THR D 281 21.52 -30.10 8.92
CA THR D 281 21.35 -30.91 7.72
C THR D 281 22.13 -30.32 6.54
N THR D 282 21.93 -30.96 5.40
CA THR D 282 22.78 -30.81 4.24
C THR D 282 21.89 -30.53 3.03
N TYR D 283 22.44 -29.88 2.03
CA TYR D 283 21.71 -29.62 0.80
C TYR D 283 21.26 -30.90 0.10
N ASP D 284 22.08 -31.95 0.15
CA ASP D 284 21.71 -33.28 -0.33
C ASP D 284 20.47 -33.89 0.37
N HIS D 285 20.42 -33.73 1.69
CA HIS D 285 19.33 -34.28 2.50
C HIS D 285 18.83 -33.24 3.51
N PRO D 286 18.06 -32.24 3.01
CA PRO D 286 17.73 -31.07 3.80
C PRO D 286 16.72 -31.29 4.92
N THR D 287 15.76 -32.19 4.71
CA THR D 287 14.68 -32.40 5.67
C THR D 287 14.71 -33.76 6.34
N PHE D 288 14.10 -33.87 7.50
CA PHE D 288 13.83 -35.17 8.14
C PHE D 288 12.52 -35.11 8.92
N ALA D 289 11.98 -36.28 9.30
CA ALA D 289 10.71 -36.26 10.02
C ALA D 289 10.92 -36.13 11.53
N VAL D 290 10.09 -35.31 12.16
CA VAL D 290 9.86 -35.52 13.58
C VAL D 290 8.37 -35.55 13.80
N HIS D 291 7.89 -36.69 14.30
CA HIS D 291 6.46 -36.99 14.33
C HIS D 291 5.86 -36.91 12.92
N ASP D 292 4.70 -36.25 12.74
CA ASP D 292 4.05 -36.13 11.41
C ASP D 292 4.42 -34.84 10.72
N THR D 293 5.64 -34.36 10.98
CA THR D 293 6.06 -33.00 10.70
C THR D 293 7.38 -33.05 9.90
N LEU D 294 7.70 -32.00 9.13
CA LEU D 294 8.98 -31.97 8.41
C LEU D 294 9.90 -30.88 8.90
N PHE D 295 11.13 -31.24 9.28
CA PHE D 295 12.09 -30.24 9.71
C PHE D 295 13.04 -29.92 8.58
N TYR D 296 13.34 -28.64 8.40
CA TYR D 296 14.35 -28.23 7.46
C TYR D 296 15.40 -27.51 8.31
N CYS D 297 16.65 -27.97 8.24
CA CYS D 297 17.70 -27.50 9.13
C CYS D 297 19.04 -27.26 8.44
N VAL D 298 19.01 -26.78 7.20
CA VAL D 298 20.24 -26.66 6.41
C VAL D 298 21.17 -25.59 6.98
N ALA D 299 22.41 -26.02 7.24
CA ALA D 299 23.54 -25.17 7.62
C ALA D 299 23.98 -24.21 6.49
N ASN D 300 24.22 -22.94 6.86
CA ASN D 300 24.72 -21.92 5.94
C ASN D 300 23.82 -21.74 4.72
N MET D 301 22.57 -21.43 4.99
CA MET D 301 21.57 -21.24 3.95
C MET D 301 22.01 -20.20 2.90
N PRO D 302 22.60 -19.08 3.32
CA PRO D 302 23.07 -18.12 2.36
C PRO D 302 24.02 -18.66 1.29
N ALA D 303 24.74 -19.75 1.59
CA ALA D 303 25.57 -20.36 0.54
C ALA D 303 24.77 -20.74 -0.69
N SER D 304 23.48 -21.02 -0.54
CA SER D 304 22.68 -21.49 -1.69
C SER D 304 22.22 -20.43 -2.70
N VAL D 305 22.43 -19.16 -2.34
CA VAL D 305 22.17 -18.01 -3.22
C VAL D 305 23.42 -17.11 -3.29
N PRO D 306 24.52 -17.66 -3.81
CA PRO D 306 25.82 -16.98 -3.72
C PRO D 306 25.92 -15.70 -4.51
N LYS D 307 25.25 -15.59 -5.65
CA LYS D 307 25.29 -14.30 -6.34
C LYS D 307 24.77 -13.22 -5.42
N THR D 308 23.63 -13.46 -4.75
CA THR D 308 23.08 -12.49 -3.79
C THR D 308 23.94 -12.37 -2.55
N SER D 309 24.31 -13.49 -1.95
CA SER D 309 24.88 -13.38 -0.64
C SER D 309 26.36 -12.99 -0.67
N THR D 310 27.06 -13.27 -1.78
CA THR D 310 28.43 -12.74 -1.98
C THR D 310 28.41 -11.21 -1.91
N TYR D 311 27.52 -10.60 -2.66
CA TYR D 311 27.44 -9.15 -2.70
C TYR D 311 27.00 -8.51 -1.37
N ALA D 312 26.00 -9.13 -0.73
CA ALA D 312 25.51 -8.67 0.57
C ALA D 312 26.58 -8.67 1.61
N LEU D 313 27.33 -9.77 1.67
CA LEU D 313 28.41 -9.90 2.64
C LEU D 313 29.52 -8.91 2.35
N THR D 314 29.99 -8.89 1.09
CA THR D 314 31.12 -8.03 0.73
C THR D 314 30.78 -6.55 0.71
N ASN D 315 29.54 -6.19 0.44
CA ASN D 315 29.16 -4.77 0.70
C ASN D 315 29.36 -4.38 2.16
N ALA D 316 29.11 -5.32 3.07
CA ALA D 316 29.20 -5.07 4.50
C ALA D 316 30.65 -5.12 5.02
N THR D 317 31.52 -5.92 4.41
CA THR D 317 32.89 -6.04 4.86
C THR D 317 33.80 -4.98 4.23
N MET D 318 33.35 -4.40 3.13
CA MET D 318 34.17 -3.46 2.36
CA MET D 318 34.19 -3.50 2.38
C MET D 318 34.86 -2.38 3.20
N PRO D 319 34.08 -1.63 4.04
CA PRO D 319 34.82 -0.60 4.77
C PRO D 319 35.91 -1.13 5.71
N TYR D 320 35.69 -2.29 6.28
CA TYR D 320 36.71 -2.89 7.15
C TYR D 320 37.89 -3.36 6.32
N VAL D 321 37.60 -3.89 5.13
CA VAL D 321 38.67 -4.37 4.27
C VAL D 321 39.58 -3.20 3.90
N LEU D 322 38.98 -2.06 3.57
CA LEU D 322 39.75 -0.93 3.11
C LEU D 322 40.63 -0.38 4.23
N GLU D 323 40.16 -0.47 5.47
CA GLU D 323 40.94 0.06 6.59
C GLU D 323 42.07 -0.87 6.93
N LEU D 324 41.79 -2.17 6.89
CA LEU D 324 42.81 -3.20 7.11
C LEU D 324 43.92 -3.09 6.06
N ALA D 325 43.53 -2.95 4.80
CA ALA D 325 44.45 -2.73 3.69
C ALA D 325 45.26 -1.45 3.84
N ASP D 326 44.61 -0.34 4.17
CA ASP D 326 45.30 0.94 4.21
C ASP D 326 46.24 1.10 5.41
N HIS D 327 45.87 0.50 6.54
CA HIS D 327 46.50 0.78 7.84
C HIS D 327 47.06 -0.43 8.62
N GLY D 328 46.73 -1.65 8.18
CA GLY D 328 47.23 -2.83 8.88
C GLY D 328 46.31 -3.08 10.05
N TRP D 329 46.42 -4.26 10.65
CA TRP D 329 45.41 -4.73 11.58
C TRP D 329 45.46 -4.00 12.92
N ARG D 330 46.67 -3.69 13.40
CA ARG D 330 46.82 -2.98 14.64
C ARG D 330 46.23 -1.58 14.63
N ALA D 331 46.62 -0.79 13.65
CA ALA D 331 46.13 0.58 13.55
C ALA D 331 44.62 0.61 13.26
N ALA D 332 44.16 -0.31 12.43
CA ALA D 332 42.74 -0.34 12.09
C ALA D 332 41.91 -0.71 13.32
N CYS D 333 42.39 -1.67 14.10
CA CYS D 333 41.68 -2.07 15.33
C CYS D 333 41.75 -0.99 16.43
N ARG D 334 42.86 -0.28 16.53
CA ARG D 334 42.95 0.84 17.48
C ARG D 334 41.95 1.94 17.14
N SER D 335 41.77 2.20 15.84
CA SER D 335 40.90 3.26 15.33
C SER D 335 39.43 2.89 15.36
N ASN D 336 39.12 1.60 15.24
CA ASN D 336 37.73 1.12 15.20
C ASN D 336 37.51 -0.03 16.19
N PRO D 337 36.92 0.27 17.37
CA PRO D 337 36.61 -0.74 18.38
C PRO D 337 35.68 -1.85 17.91
N ALA D 338 34.78 -1.54 16.96
CA ALA D 338 33.91 -2.58 16.36
C ALA D 338 34.69 -3.70 15.65
N LEU D 339 35.74 -3.31 14.91
CA LEU D 339 36.64 -4.24 14.25
C LEU D 339 37.48 -5.01 15.27
N ALA D 340 37.96 -4.31 16.29
CA ALA D 340 38.79 -4.95 17.30
C ALA D 340 38.01 -6.06 18.00
N LYS D 341 36.71 -5.88 18.13
CA LYS D 341 35.86 -6.92 18.69
C LYS D 341 35.92 -8.23 17.89
N GLY D 342 36.33 -8.15 16.62
CA GLY D 342 36.49 -9.37 15.80
C GLY D 342 37.79 -10.15 16.03
N LEU D 343 38.77 -9.50 16.66
CA LEU D 343 40.09 -10.09 16.85
C LEU D 343 39.98 -11.50 17.45
N SER D 344 40.62 -12.49 16.82
CA SER D 344 40.49 -13.88 17.29
C SER D 344 41.79 -14.55 17.67
N THR D 345 42.78 -14.45 16.79
CA THR D 345 44.08 -14.99 17.12
C THR D 345 45.17 -14.05 16.68
N HIS D 346 46.33 -14.21 17.31
CA HIS D 346 47.52 -13.47 16.94
C HIS D 346 48.72 -14.12 17.59
N GLU D 347 49.62 -14.65 16.77
CA GLU D 347 50.90 -15.22 17.21
C GLU D 347 50.75 -16.22 18.35
N GLY D 348 49.77 -17.12 18.22
CA GLY D 348 49.56 -18.14 19.23
C GLY D 348 48.63 -17.72 20.36
N ALA D 349 48.20 -16.47 20.38
CA ALA D 349 47.31 -16.01 21.44
C ALA D 349 45.85 -16.10 20.97
N LEU D 350 44.97 -16.63 21.82
CA LEU D 350 43.53 -16.66 21.56
C LEU D 350 42.91 -15.43 22.22
N LEU D 351 42.27 -14.59 21.43
CA LEU D 351 41.89 -13.26 21.91
C LEU D 351 40.41 -13.08 22.22
N SER D 352 39.65 -14.17 22.18
CA SER D 352 38.21 -14.12 22.46
C SER D 352 37.91 -14.90 23.73
N GLU D 353 37.39 -14.20 24.74
CA GLU D 353 37.12 -14.85 26.02
C GLU D 353 36.02 -15.88 25.90
N ARG D 354 35.00 -15.58 25.11
CA ARG D 354 33.91 -16.53 24.90
C ARG D 354 34.42 -17.86 24.35
N VAL D 355 35.29 -17.80 23.33
CA VAL D 355 35.87 -18.98 22.69
C VAL D 355 36.75 -19.72 23.69
N ALA D 356 37.63 -18.96 24.35
CA ALA D 356 38.48 -19.50 25.40
C ALA D 356 37.67 -20.27 26.45
N THR D 357 36.60 -19.66 26.96
CA THR D 357 35.76 -20.29 27.97
C THR D 357 35.06 -21.51 27.40
N ASP D 358 34.48 -21.36 26.21
CA ASP D 358 33.78 -22.47 25.54
C ASP D 358 34.70 -23.66 25.25
N LEU D 359 35.96 -23.40 24.91
CA LEU D 359 36.92 -24.48 24.56
C LEU D 359 37.76 -25.03 25.72
N GLY D 360 37.91 -24.26 26.79
CA GLY D 360 38.75 -24.68 27.92
C GLY D 360 40.22 -24.45 27.62
N VAL D 361 40.49 -23.27 27.08
CA VAL D 361 41.78 -22.87 26.52
C VAL D 361 42.07 -21.47 27.08
N PRO D 362 43.34 -21.11 27.27
CA PRO D 362 43.64 -19.83 27.91
C PRO D 362 43.39 -18.60 27.03
N PHE D 363 43.02 -17.52 27.70
CA PHE D 363 42.55 -16.33 27.06
C PHE D 363 43.60 -15.23 27.19
N THR D 364 43.90 -14.56 26.08
CA THR D 364 44.78 -13.39 26.08
C THR D 364 43.93 -12.15 25.78
N GLU D 365 43.99 -11.15 26.65
CA GLU D 365 43.20 -9.95 26.48
C GLU D 365 43.64 -9.14 25.26
N PRO D 366 42.71 -8.81 24.35
CA PRO D 366 43.05 -8.09 23.12
C PRO D 366 43.82 -6.77 23.32
N ALA D 367 43.53 -6.06 24.42
CA ALA D 367 44.24 -4.80 24.73
C ALA D 367 45.76 -5.00 24.85
N SER D 368 46.16 -6.17 25.33
CA SER D 368 47.57 -6.49 25.49
C SER D 368 48.28 -6.61 24.14
N VAL D 369 47.51 -6.88 23.10
CA VAL D 369 48.10 -7.15 21.81
C VAL D 369 47.99 -5.89 20.94
N LEU D 370 47.10 -5.00 21.32
CA LEU D 370 46.88 -3.75 20.60
C LEU D 370 47.68 -2.56 21.12
N MET E 1 7.48 -11.96 49.09
CA MET E 1 6.46 -11.03 49.61
C MET E 1 5.05 -11.42 49.19
N ARG E 2 4.07 -10.72 49.73
CA ARG E 2 2.69 -10.89 49.30
C ARG E 2 2.33 -9.77 48.35
N VAL E 3 1.91 -10.13 47.16
CA VAL E 3 1.40 -9.16 46.17
C VAL E 3 -0.11 -9.29 46.02
N GLY E 4 -0.82 -8.17 46.10
CA GLY E 4 -2.27 -8.19 46.15
C GLY E 4 -2.88 -7.45 44.98
N ILE E 5 -3.99 -7.97 44.47
CA ILE E 5 -4.73 -7.35 43.37
C ILE E 5 -6.21 -7.29 43.74
N PRO E 6 -6.70 -6.07 44.02
CA PRO E 6 -8.10 -5.90 44.33
C PRO E 6 -8.90 -5.69 43.04
N THR E 7 -10.21 -5.91 43.13
CA THR E 7 -11.12 -5.63 42.04
C THR E 7 -11.10 -4.12 41.77
N GLU E 8 -10.98 -3.74 40.51
CA GLU E 8 -11.11 -2.34 40.12
C GLU E 8 -12.49 -1.83 40.48
N THR E 9 -12.57 -0.60 40.96
CA THR E 9 -13.86 -0.03 41.37
C THR E 9 -14.33 1.19 40.58
N LYS E 10 -13.45 1.76 39.75
CA LYS E 10 -13.84 2.90 38.92
C LYS E 10 -15.03 2.56 38.02
N ASN E 11 -15.79 3.58 37.66
CA ASN E 11 -16.93 3.37 36.80
C ASN E 11 -16.56 2.56 35.57
N ASN E 12 -17.30 1.45 35.39
CA ASN E 12 -17.12 0.56 34.28
C ASN E 12 -15.69 0.07 34.02
N GLU E 13 -14.87 -0.03 35.06
CA GLU E 13 -13.52 -0.52 34.92
C GLU E 13 -13.54 -2.04 34.91
N PHE E 14 -13.43 -2.63 33.72
CA PHE E 14 -13.42 -4.08 33.59
C PHE E 14 -12.04 -4.72 33.55
N ARG E 15 -10.98 -3.90 33.52
CA ARG E 15 -9.64 -4.44 33.48
C ARG E 15 -9.20 -5.02 34.80
N VAL E 16 -8.17 -5.87 34.79
CA VAL E 16 -7.49 -6.32 36.02
C VAL E 16 -5.99 -6.14 35.85
N ALA E 17 -5.27 -6.07 36.99
CA ALA E 17 -3.86 -5.70 36.97
C ALA E 17 -2.90 -6.89 36.86
N ILE E 18 -3.45 -8.10 36.78
CA ILE E 18 -2.64 -9.32 36.62
C ILE E 18 -3.49 -10.39 35.91
N THR E 19 -2.81 -11.31 35.23
CA THR E 19 -3.43 -12.48 34.63
C THR E 19 -2.84 -13.73 35.30
N PRO E 20 -3.45 -14.90 35.08
CA PRO E 20 -2.97 -16.19 35.59
C PRO E 20 -1.50 -16.48 35.27
N ALA E 21 -1.04 -16.09 34.08
CA ALA E 21 0.38 -16.32 33.75
C ALA E 21 1.29 -15.53 34.70
N GLY E 22 0.89 -14.29 35.01
CA GLY E 22 1.58 -13.44 35.98
C GLY E 22 1.57 -14.04 37.36
N VAL E 23 0.44 -14.61 37.78
CA VAL E 23 0.38 -15.18 39.10
C VAL E 23 1.27 -16.43 39.20
N ALA E 24 1.20 -17.30 38.18
CA ALA E 24 2.06 -18.48 38.12
C ALA E 24 3.55 -18.10 38.26
N GLU E 25 3.99 -17.09 37.50
CA GLU E 25 5.37 -16.64 37.60
C GLU E 25 5.72 -16.08 39.01
N LEU E 26 4.88 -15.21 39.56
CA LEU E 26 5.12 -14.66 40.89
C LEU E 26 5.21 -15.79 41.91
N THR E 27 4.32 -16.77 41.74
CA THR E 27 4.17 -17.89 42.62
C THR E 27 5.39 -18.79 42.51
N ARG E 28 5.89 -18.93 41.29
CA ARG E 28 7.04 -19.78 41.00
C ARG E 28 8.28 -19.24 41.70
N ARG E 29 8.38 -17.92 41.78
CA ARG E 29 9.49 -17.25 42.48
C ARG E 29 9.26 -17.15 43.99
N GLY E 30 8.22 -17.84 44.46
CA GLY E 30 7.97 -18.02 45.89
C GLY E 30 7.21 -16.90 46.56
N HIS E 31 6.57 -16.04 45.75
CA HIS E 31 5.71 -14.99 46.31
C HIS E 31 4.29 -15.49 46.54
N GLU E 32 3.57 -14.87 47.48
CA GLU E 32 2.15 -15.13 47.67
C GLU E 32 1.32 -14.09 46.95
N VAL E 33 0.37 -14.57 46.13
CA VAL E 33 -0.47 -13.68 45.37
C VAL E 33 -1.83 -13.73 45.98
N LEU E 34 -2.35 -12.56 46.33
CA LEU E 34 -3.68 -12.43 46.91
C LEU E 34 -4.59 -11.64 45.97
N ILE E 35 -5.73 -12.25 45.62
CA ILE E 35 -6.64 -11.63 44.65
C ILE E 35 -8.04 -11.55 45.25
N GLN E 36 -8.68 -10.38 45.12
CA GLN E 36 -10.07 -10.20 45.52
C GLN E 36 -10.98 -10.99 44.56
N ALA E 37 -11.81 -11.85 45.15
CA ALA E 37 -12.75 -12.67 44.39
C ALA E 37 -13.58 -11.81 43.44
N GLY E 38 -13.66 -12.23 42.18
CA GLY E 38 -14.34 -11.42 41.17
C GLY E 38 -13.42 -10.50 40.37
N ALA E 39 -12.23 -10.18 40.91
CA ALA E 39 -11.31 -9.22 40.28
C ALA E 39 -11.11 -9.34 38.77
N GLY E 40 -11.07 -10.57 38.25
CA GLY E 40 -10.82 -10.81 36.84
C GLY E 40 -12.02 -11.11 35.97
N GLU E 41 -13.21 -11.04 36.55
CA GLU E 41 -14.43 -11.42 35.83
C GLU E 41 -14.73 -10.50 34.65
N GLY E 42 -14.38 -9.23 34.78
CA GLY E 42 -14.55 -8.27 33.67
C GLY E 42 -13.68 -8.60 32.47
N SER E 43 -12.54 -9.24 32.72
CA SER E 43 -11.65 -9.69 31.66
C SER E 43 -11.81 -11.17 31.35
N ALA E 44 -12.89 -11.76 31.86
CA ALA E 44 -13.23 -13.18 31.68
C ALA E 44 -12.17 -14.13 32.27
N ILE E 45 -11.51 -13.68 33.33
CA ILE E 45 -10.59 -14.51 34.07
C ILE E 45 -11.35 -14.86 35.34
N THR E 46 -11.69 -16.14 35.49
CA THR E 46 -12.50 -16.56 36.62
C THR E 46 -11.62 -16.77 37.84
N ASP E 47 -12.26 -16.87 39.00
CA ASP E 47 -11.56 -17.19 40.24
C ASP E 47 -10.83 -18.54 40.15
N ALA E 48 -11.47 -19.56 39.59
CA ALA E 48 -10.82 -20.85 39.30
C ALA E 48 -9.56 -20.70 38.44
N ASP E 49 -9.63 -19.85 37.40
CA ASP E 49 -8.43 -19.54 36.60
C ASP E 49 -7.28 -19.04 37.49
N PHE E 50 -7.57 -18.04 38.31
CA PHE E 50 -6.55 -17.42 39.16
C PHE E 50 -6.02 -18.38 40.25
N LYS E 51 -6.90 -19.23 40.77
CA LYS E 51 -6.58 -20.16 41.83
C LYS E 51 -5.67 -21.27 41.30
N ALA E 52 -6.00 -21.78 40.12
CA ALA E 52 -5.17 -22.78 39.46
C ALA E 52 -3.78 -22.25 39.13
N ALA E 53 -3.65 -20.92 39.03
CA ALA E 53 -2.35 -20.31 38.78
C ALA E 53 -1.49 -20.18 40.05
N GLY E 54 -2.13 -20.25 41.22
CA GLY E 54 -1.38 -20.21 42.49
C GLY E 54 -1.85 -19.14 43.46
N ALA E 55 -2.93 -18.43 43.11
CA ALA E 55 -3.44 -17.34 43.93
C ALA E 55 -4.36 -17.81 45.06
N GLN E 56 -4.27 -17.11 46.20
CA GLN E 56 -5.27 -17.23 47.25
C GLN E 56 -6.36 -16.22 46.95
N LEU E 57 -7.61 -16.68 46.89
CA LEU E 57 -8.73 -15.77 46.63
C LEU E 57 -9.34 -15.28 47.94
N VAL E 58 -9.68 -14.00 47.97
CA VAL E 58 -10.00 -13.31 49.21
C VAL E 58 -11.34 -12.62 49.05
N GLY E 59 -12.20 -12.73 50.06
CA GLY E 59 -13.56 -12.19 49.98
C GLY E 59 -13.68 -10.68 49.91
N THR E 60 -12.80 -10.00 50.65
CA THR E 60 -12.91 -8.55 50.86
C THR E 60 -11.80 -7.75 50.19
N ALA E 61 -12.13 -6.54 49.76
CA ALA E 61 -11.14 -5.57 49.31
C ALA E 61 -10.22 -5.14 50.48
N ASP E 62 -10.82 -4.87 51.63
CA ASP E 62 -10.05 -4.48 52.82
C ASP E 62 -8.89 -5.44 53.15
N GLN E 63 -9.15 -6.75 53.04
CA GLN E 63 -8.12 -7.75 53.33
C GLN E 63 -6.99 -7.74 52.29
N VAL E 64 -7.32 -7.59 51.02
CA VAL E 64 -6.28 -7.57 50.00
C VAL E 64 -5.29 -6.44 50.31
N TRP E 65 -5.81 -5.23 50.58
CA TRP E 65 -4.98 -4.06 50.91
C TRP E 65 -4.17 -4.21 52.20
N ALA E 66 -4.76 -4.83 53.22
CA ALA E 66 -4.12 -4.97 54.52
C ALA E 66 -2.96 -5.96 54.46
N ASP E 67 -3.12 -7.02 53.67
CA ASP E 67 -2.15 -8.12 53.60
C ASP E 67 -1.08 -7.96 52.52
N ALA E 68 -1.35 -7.17 51.48
CA ALA E 68 -0.39 -6.98 50.40
C ALA E 68 0.80 -6.09 50.75
N ASP E 69 2.00 -6.58 50.43
CA ASP E 69 3.22 -5.76 50.46
C ASP E 69 3.31 -4.93 49.19
N LEU E 70 2.92 -5.54 48.07
CA LEU E 70 2.92 -4.89 46.77
C LEU E 70 1.48 -4.92 46.31
N LEU E 71 0.89 -3.77 46.05
CA LEU E 71 -0.49 -3.75 45.62
C LEU E 71 -0.59 -3.26 44.18
N LEU E 72 -0.99 -4.18 43.28
CA LEU E 72 -1.13 -3.91 41.83
C LEU E 72 -2.55 -3.49 41.49
N LYS E 73 -2.67 -2.36 40.82
CA LYS E 73 -3.97 -1.90 40.34
C LYS E 73 -3.86 -1.37 38.93
N VAL E 74 -5.00 -1.09 38.32
CA VAL E 74 -5.03 -0.54 36.99
C VAL E 74 -5.16 0.98 37.18
N LYS E 75 -6.22 1.40 37.83
CA LYS E 75 -6.48 2.84 37.97
C LYS E 75 -6.11 3.36 39.36
N GLU E 76 -6.17 4.69 39.50
CA GLU E 76 -5.79 5.35 40.73
C GLU E 76 -6.83 5.11 41.80
N PRO E 77 -6.39 5.15 43.08
CA PRO E 77 -7.37 4.88 44.14
C PRO E 77 -8.44 5.97 44.16
N ILE E 78 -9.69 5.58 44.33
CA ILE E 78 -10.74 6.56 44.37
C ILE E 78 -11.08 6.87 45.82
N ALA E 79 -12.01 7.80 46.03
CA ALA E 79 -12.27 8.31 47.37
C ALA E 79 -12.56 7.18 48.35
N ALA E 80 -13.36 6.19 47.91
CA ALA E 80 -13.80 5.10 48.80
C ALA E 80 -12.67 4.17 49.19
N GLU E 81 -11.50 4.37 48.58
CA GLU E 81 -10.32 3.54 48.82
C GLU E 81 -9.18 4.24 49.57
N TYR E 82 -9.33 5.54 49.79
CA TYR E 82 -8.30 6.34 50.49
C TYR E 82 -7.95 5.77 51.85
N GLY E 83 -8.95 5.22 52.55
CA GLY E 83 -8.77 4.61 53.87
C GLY E 83 -8.10 3.24 53.86
N ARG E 84 -7.86 2.70 52.66
CA ARG E 84 -7.17 1.44 52.53
C ARG E 84 -5.68 1.62 52.29
N LEU E 85 -5.28 2.83 51.90
CA LEU E 85 -3.88 3.17 51.65
C LEU E 85 -3.04 3.03 52.93
N ARG E 86 -1.91 2.34 52.81
CA ARG E 86 -1.13 1.89 53.96
C ARG E 86 0.31 2.40 53.89
N HIS E 87 0.83 2.85 55.02
CA HIS E 87 2.26 2.99 55.17
C HIS E 87 2.96 1.63 55.01
N GLY E 88 4.06 1.61 54.25
CA GLY E 88 4.89 0.41 54.09
C GLY E 88 4.39 -0.56 53.03
N GLN E 89 3.41 -0.13 52.25
CA GLN E 89 2.95 -0.91 51.14
C GLN E 89 3.41 -0.17 49.89
N ILE E 90 3.72 -0.94 48.84
CA ILE E 90 4.01 -0.39 47.51
C ILE E 90 2.73 -0.42 46.68
N LEU E 91 2.36 0.71 46.11
CA LEU E 91 1.24 0.79 45.18
C LEU E 91 1.78 1.02 43.78
N PHE E 92 1.37 0.20 42.83
CA PHE E 92 1.90 0.26 41.46
C PHE E 92 0.66 0.24 40.60
N THR E 93 0.35 1.39 40.00
CA THR E 93 -0.88 1.60 39.23
C THR E 93 -0.78 2.88 38.41
N PHE E 94 -1.79 3.16 37.59
CA PHE E 94 -1.91 4.47 36.92
C PHE E 94 -2.35 5.47 37.96
N LEU E 95 -1.62 6.58 38.10
CA LEU E 95 -1.90 7.56 39.16
C LEU E 95 -2.51 8.87 38.67
N HIS E 96 -1.91 9.45 37.62
CA HIS E 96 -2.33 10.75 37.09
C HIS E 96 -2.40 11.86 38.17
N LEU E 97 -1.41 11.92 39.06
CA LEU E 97 -1.46 12.81 40.20
C LEU E 97 -1.64 14.27 39.85
N ALA E 98 -1.02 14.75 38.78
CA ALA E 98 -1.15 16.14 38.39
C ALA E 98 -2.61 16.54 38.18
N ALA E 99 -3.44 15.56 37.85
CA ALA E 99 -4.86 15.79 37.61
C ALA E 99 -5.71 15.76 38.90
N SER E 100 -5.11 15.39 40.03
CA SER E 100 -5.88 15.21 41.27
C SER E 100 -5.15 15.61 42.55
N ARG E 101 -5.42 16.83 43.01
CA ARG E 101 -4.91 17.30 44.29
C ARG E 101 -5.36 16.36 45.42
N ALA E 102 -6.58 15.86 45.31
CA ALA E 102 -7.19 15.01 46.33
C ALA E 102 -6.56 13.63 46.41
N CYS E 103 -6.26 13.02 45.25
CA CYS E 103 -5.62 11.71 45.24
C CYS E 103 -4.18 11.79 45.78
N THR E 104 -3.45 12.82 45.35
CA THR E 104 -2.12 13.12 45.86
C THR E 104 -2.11 13.30 47.38
N ASP E 105 -3.09 14.04 47.91
CA ASP E 105 -3.24 14.27 49.35
C ASP E 105 -3.33 12.95 50.10
N ALA E 106 -4.20 12.08 49.64
CA ALA E 106 -4.47 10.78 50.30
C ALA E 106 -3.25 9.89 50.31
N LEU E 107 -2.53 9.84 49.18
CA LEU E 107 -1.30 9.08 49.12
C LEU E 107 -0.26 9.65 50.11
N LEU E 108 -0.05 10.96 50.07
CA LEU E 108 0.89 11.62 50.95
C LEU E 108 0.53 11.40 52.40
N ASP E 109 -0.75 11.55 52.73
CA ASP E 109 -1.22 11.42 54.11
C ASP E 109 -1.19 9.98 54.63
N SER E 110 -1.19 9.01 53.72
CA SER E 110 -1.19 7.61 54.10
C SER E 110 0.22 7.11 54.39
N GLY E 111 1.22 7.77 53.82
CA GLY E 111 2.63 7.40 54.00
C GLY E 111 3.08 6.34 53.01
N THR E 112 2.17 5.99 52.10
CA THR E 112 2.41 4.91 51.16
C THR E 112 3.54 5.22 50.19
N THR E 113 4.11 4.17 49.61
CA THR E 113 5.08 4.26 48.54
C THR E 113 4.34 4.00 47.23
N SER E 114 4.33 4.99 46.34
CA SER E 114 3.62 4.79 45.08
C SER E 114 4.51 5.03 43.89
N ILE E 115 4.29 4.21 42.85
CA ILE E 115 4.97 4.28 41.58
C ILE E 115 3.89 4.32 40.51
N ALA E 116 3.96 5.29 39.63
CA ALA E 116 2.98 5.44 38.59
C ALA E 116 3.44 4.72 37.33
N TYR E 117 2.53 3.95 36.72
CA TYR E 117 2.81 3.29 35.46
C TYR E 117 3.22 4.32 34.42
N GLU E 118 2.54 5.45 34.40
CA GLU E 118 2.61 6.37 33.27
C GLU E 118 3.82 7.30 33.28
N THR E 119 4.61 7.26 34.36
CA THR E 119 5.85 8.01 34.40
C THR E 119 7.11 7.12 34.42
N VAL E 120 6.91 5.79 34.49
CA VAL E 120 7.97 4.86 34.16
C VAL E 120 8.46 5.19 32.72
N GLN E 121 9.75 5.49 32.60
CA GLN E 121 10.25 6.15 31.38
C GLN E 121 11.67 5.70 31.08
N THR E 122 11.87 5.16 29.88
CA THR E 122 13.15 4.59 29.50
C THR E 122 14.09 5.66 28.93
N ALA E 123 15.36 5.31 28.78
CA ALA E 123 16.38 6.30 28.45
C ALA E 123 16.01 7.10 27.21
N ASP E 124 15.37 6.43 26.25
CA ASP E 124 15.05 7.05 24.97
C ASP E 124 13.86 7.99 25.09
N GLY E 125 13.32 8.10 26.30
CA GLY E 125 12.18 8.96 26.55
C GLY E 125 10.83 8.24 26.47
N ALA E 126 10.82 6.95 26.12
CA ALA E 126 9.55 6.27 25.89
C ALA E 126 8.89 5.89 27.20
N LEU E 127 7.57 5.76 27.20
CA LEU E 127 6.80 5.43 28.40
C LEU E 127 6.18 4.05 28.17
N PRO E 128 6.93 2.98 28.49
CA PRO E 128 6.49 1.64 28.10
C PRO E 128 5.19 1.11 28.72
N LEU E 129 4.81 1.63 29.88
CA LEU E 129 3.58 1.16 30.55
C LEU E 129 2.37 1.96 30.12
N LEU E 130 2.55 3.26 29.86
CA LEU E 130 1.48 4.05 29.26
C LEU E 130 1.21 3.62 27.80
N ALA E 131 2.26 3.31 27.06
CA ALA E 131 2.17 3.01 25.60
C ALA E 131 1.00 2.08 25.22
N PRO E 132 0.93 0.86 25.79
CA PRO E 132 -0.18 0.02 25.32
C PRO E 132 -1.54 0.60 25.57
N MET E 133 -1.73 1.29 26.70
CA MET E 133 -3.03 1.93 26.98
C MET E 133 -3.30 3.11 26.05
N SER E 134 -2.28 3.85 25.68
CA SER E 134 -2.46 4.91 24.71
C SER E 134 -2.78 4.30 23.33
N GLU E 135 -2.23 3.13 23.05
CA GLU E 135 -2.59 2.45 21.80
C GLU E 135 -4.06 2.13 21.78
N VAL E 136 -4.56 1.55 22.85
CA VAL E 136 -5.98 1.23 22.93
C VAL E 136 -6.87 2.49 22.89
N ALA E 137 -6.53 3.49 23.70
CA ALA E 137 -7.34 4.68 23.81
C ALA E 137 -7.41 5.35 22.45
N GLY E 138 -6.30 5.41 21.74
CA GLY E 138 -6.28 6.12 20.44
C GLY E 138 -7.12 5.37 19.41
N ARG E 139 -7.00 4.04 19.34
CA ARG E 139 -7.87 3.27 18.44
C ARG E 139 -9.35 3.48 18.80
N LEU E 140 -9.67 3.43 20.08
CA LEU E 140 -11.04 3.66 20.54
C LEU E 140 -11.53 5.04 20.17
N ALA E 141 -10.68 6.06 20.32
CA ALA E 141 -11.10 7.44 20.04
C ALA E 141 -11.68 7.57 18.64
N ALA E 142 -11.07 6.91 17.66
CA ALA E 142 -11.56 7.01 16.29
C ALA E 142 -12.92 6.36 16.15
N GLN E 143 -13.15 5.22 16.80
CA GLN E 143 -14.44 4.56 16.60
C GLN E 143 -15.56 5.24 17.36
N VAL E 144 -15.23 5.70 18.56
CA VAL E 144 -16.11 6.45 19.43
C VAL E 144 -16.45 7.83 18.81
N GLY E 145 -15.49 8.47 18.17
CA GLY E 145 -15.73 9.74 17.51
C GLY E 145 -16.63 9.52 16.32
N ALA E 146 -16.43 8.41 15.61
CA ALA E 146 -17.26 8.10 14.44
C ALA E 146 -18.70 7.83 14.83
N TYR E 147 -18.87 7.07 15.90
CA TYR E 147 -20.18 6.75 16.42
C TYR E 147 -20.94 8.01 16.85
N HIS E 148 -20.23 8.99 17.41
CA HIS E 148 -20.92 10.18 17.92
C HIS E 148 -21.21 11.25 16.86
N LEU E 149 -20.58 11.07 15.70
CA LEU E 149 -20.85 11.87 14.53
C LEU E 149 -22.21 11.54 13.94
N MET E 150 -22.78 10.40 14.34
CA MET E 150 -24.09 10.00 13.88
C MET E 150 -25.16 10.97 14.42
N ARG E 151 -26.07 11.36 13.54
CA ARG E 151 -27.16 12.27 13.87
C ARG E 151 -28.02 11.72 15.01
N THR E 152 -28.18 10.40 15.05
CA THR E 152 -28.91 9.73 16.11
C THR E 152 -28.23 9.86 17.49
N GLN E 153 -26.95 10.25 17.52
CA GLN E 153 -26.24 10.48 18.80
C GLN E 153 -26.08 11.99 19.09
N GLY E 154 -26.80 12.80 18.33
CA GLY E 154 -26.71 14.24 18.50
C GLY E 154 -25.61 14.90 17.69
N GLY E 155 -24.80 14.10 17.02
CA GLY E 155 -23.73 14.63 16.20
C GLY E 155 -24.17 15.17 14.86
N ARG E 156 -23.18 15.64 14.12
CA ARG E 156 -23.35 16.30 12.84
C ARG E 156 -24.04 15.47 11.73
N GLY E 157 -23.93 14.15 11.74
CA GLY E 157 -24.64 13.36 10.73
C GLY E 157 -23.81 13.13 9.48
N VAL E 158 -22.52 12.98 9.69
CA VAL E 158 -21.57 12.77 8.62
C VAL E 158 -20.93 11.42 8.79
N LEU E 159 -20.79 10.69 7.70
CA LEU E 159 -20.13 9.36 7.67
C LEU E 159 -18.58 9.49 7.66
N MET E 160 -17.86 8.72 8.50
CA MET E 160 -16.38 8.90 8.57
C MET E 160 -15.73 8.95 7.19
N GLY E 161 -16.01 7.96 6.37
CA GLY E 161 -15.32 7.88 5.07
C GLY E 161 -16.03 8.45 3.86
N GLY E 162 -17.18 9.06 4.09
CA GLY E 162 -18.05 9.43 2.96
C GLY E 162 -18.40 8.19 2.15
N VAL E 163 -18.84 8.43 0.93
CA VAL E 163 -18.99 7.41 -0.09
C VAL E 163 -18.58 8.10 -1.39
N PRO E 164 -18.29 7.32 -2.47
CA PRO E 164 -17.86 7.95 -3.73
C PRO E 164 -18.71 9.16 -4.18
N GLY E 165 -18.04 10.29 -4.44
CA GLY E 165 -18.72 11.50 -4.91
C GLY E 165 -19.15 12.41 -3.76
N VAL E 166 -18.99 11.95 -2.51
CA VAL E 166 -19.51 12.69 -1.34
C VAL E 166 -18.38 12.87 -0.32
N GLU E 167 -18.12 14.09 0.18
CA GLU E 167 -16.96 14.25 1.09
C GLU E 167 -16.94 13.40 2.38
N PRO E 168 -15.76 12.90 2.76
CA PRO E 168 -15.58 12.26 4.06
C PRO E 168 -15.55 13.26 5.22
N ALA E 169 -15.59 12.74 6.46
CA ALA E 169 -15.37 13.54 7.66
C ALA E 169 -13.97 14.12 7.69
N ASP E 170 -13.83 15.32 8.24
CA ASP E 170 -12.54 15.99 8.44
C ASP E 170 -12.15 15.76 9.89
N VAL E 171 -11.06 15.04 10.11
CA VAL E 171 -10.64 14.69 11.46
C VAL E 171 -9.31 15.36 11.75
N VAL E 172 -9.28 16.12 12.85
CA VAL E 172 -8.09 16.78 13.38
C VAL E 172 -7.61 16.08 14.64
N VAL E 173 -6.41 15.50 14.60
CA VAL E 173 -5.79 14.91 15.79
C VAL E 173 -4.68 15.81 16.33
N ILE E 174 -4.75 16.19 17.60
CA ILE E 174 -3.72 17.04 18.23
C ILE E 174 -2.76 16.17 19.05
N GLY E 175 -1.53 16.03 18.59
CA GLY E 175 -0.59 15.07 19.19
C GLY E 175 -0.33 13.92 18.26
N ALA E 176 0.94 13.67 17.95
CA ALA E 176 1.37 12.61 17.04
C ALA E 176 2.20 11.52 17.76
N GLY E 177 2.04 11.39 19.07
CA GLY E 177 2.67 10.31 19.80
C GLY E 177 1.82 9.04 19.73
N THR E 178 1.91 8.20 20.75
CA THR E 178 1.22 6.90 20.68
C THR E 178 -0.30 7.00 20.47
N ALA E 179 -0.96 7.88 21.22
CA ALA E 179 -2.39 7.91 21.16
C ALA E 179 -2.82 8.50 19.83
N GLY E 180 -2.18 9.60 19.44
CA GLY E 180 -2.56 10.37 18.25
C GLY E 180 -2.30 9.62 16.98
N TYR E 181 -1.17 8.92 16.93
CA TYR E 181 -0.81 8.08 15.82
C TYR E 181 -1.87 7.01 15.64
N ASN E 182 -2.28 6.36 16.73
CA ASN E 182 -3.26 5.30 16.62
C ASN E 182 -4.63 5.79 16.27
N ALA E 183 -5.03 6.92 16.87
CA ALA E 183 -6.27 7.57 16.45
C ALA E 183 -6.25 7.94 14.94
N ALA E 184 -5.15 8.55 14.48
CA ALA E 184 -5.01 8.97 13.07
C ALA E 184 -5.08 7.73 12.16
N ARG E 185 -4.33 6.72 12.52
CA ARG E 185 -4.35 5.47 11.77
C ARG E 185 -5.74 4.89 11.64
N ILE E 186 -6.47 4.79 12.72
CA ILE E 186 -7.78 4.16 12.60
C ILE E 186 -8.75 5.07 11.86
N ALA E 187 -8.73 6.36 12.16
CA ALA E 187 -9.60 7.28 11.46
C ALA E 187 -9.32 7.20 9.96
N ASN E 188 -8.05 7.08 9.59
CA ASN E 188 -7.66 7.07 8.18
C ASN E 188 -8.14 5.77 7.57
N GLY E 189 -8.09 4.70 8.36
CA GLY E 189 -8.54 3.37 7.89
C GLY E 189 -10.05 3.33 7.65
N MET E 190 -10.77 4.22 8.34
CA MET E 190 -12.23 4.33 8.19
C MET E 190 -12.61 5.32 7.09
N GLY E 191 -11.61 5.97 6.48
CA GLY E 191 -11.84 6.76 5.26
C GLY E 191 -11.85 8.26 5.45
N ALA E 192 -11.66 8.72 6.67
CA ALA E 192 -11.73 10.15 6.96
C ALA E 192 -10.50 10.86 6.41
N THR E 193 -10.60 12.17 6.23
CA THR E 193 -9.46 13.00 5.90
C THR E 193 -8.86 13.45 7.23
N VAL E 194 -7.65 13.00 7.52
CA VAL E 194 -7.03 13.14 8.83
C VAL E 194 -5.87 14.11 8.73
N THR E 195 -5.92 15.15 9.58
CA THR E 195 -4.83 16.04 9.82
C THR E 195 -4.28 15.91 11.25
N VAL E 196 -2.97 15.79 11.38
CA VAL E 196 -2.31 15.62 12.66
C VAL E 196 -1.37 16.78 12.92
N LEU E 197 -1.50 17.35 14.12
CA LEU E 197 -0.62 18.43 14.55
C LEU E 197 0.25 17.97 15.68
N ASP E 198 1.48 18.43 15.68
CA ASP E 198 2.38 18.26 16.79
C ASP E 198 3.45 19.36 16.74
N ILE E 199 4.10 19.63 17.87
CA ILE E 199 5.21 20.57 17.91
C ILE E 199 6.54 19.88 17.61
N ASN E 200 6.53 18.54 17.61
CA ASN E 200 7.73 17.73 17.34
C ASN E 200 7.64 17.30 15.88
N ILE E 201 8.43 17.95 15.03
CA ILE E 201 8.38 17.73 13.58
C ILE E 201 8.84 16.30 13.22
N ASP E 202 9.64 15.65 14.08
CA ASP E 202 10.10 14.29 13.78
C ASP E 202 8.96 13.28 13.85
N LYS E 203 8.03 13.50 14.77
CA LYS E 203 6.82 12.72 14.84
C LYS E 203 5.94 12.90 13.59
N LEU E 204 5.96 14.11 13.05
CA LEU E 204 5.23 14.40 11.81
C LEU E 204 5.92 13.76 10.62
N ARG E 205 7.25 13.79 10.58
CA ARG E 205 7.99 13.05 9.54
C ARG E 205 7.66 11.54 9.56
N GLN E 206 7.62 10.93 10.75
CA GLN E 206 7.29 9.49 10.86
C GLN E 206 5.94 9.19 10.25
N LEU E 207 4.93 10.01 10.57
CA LEU E 207 3.57 9.80 10.04
C LEU E 207 3.52 10.02 8.56
N ASP E 208 4.27 11.01 8.08
CA ASP E 208 4.33 11.30 6.66
C ASP E 208 4.93 10.15 5.89
N ALA E 209 5.92 9.47 6.46
CA ALA E 209 6.53 8.31 5.85
C ALA E 209 5.60 7.09 5.88
N GLU E 210 5.00 6.82 7.04
CA GLU E 210 4.18 5.60 7.22
C GLU E 210 2.97 5.50 6.32
N PHE E 211 2.32 6.63 6.04
CA PHE E 211 1.15 6.64 5.20
C PHE E 211 1.36 7.36 3.87
N CYS E 212 2.64 7.57 3.52
CA CYS E 212 3.09 8.27 2.31
CA CYS E 212 2.99 8.21 2.26
C CYS E 212 2.27 9.53 2.02
N GLY E 213 2.07 10.31 3.08
CA GLY E 213 1.46 11.62 2.94
C GLY E 213 -0.05 11.59 3.02
N ARG E 214 -0.64 10.38 3.06
CA ARG E 214 -2.09 10.28 3.11
C ARG E 214 -2.67 10.92 4.35
N ILE E 215 -2.03 10.73 5.50
CA ILE E 215 -2.41 11.45 6.71
C ILE E 215 -1.64 12.76 6.70
N HIS E 216 -2.37 13.88 6.71
CA HIS E 216 -1.77 15.19 6.63
C HIS E 216 -1.16 15.58 7.94
N THR E 217 -0.11 16.41 7.88
CA THR E 217 0.64 16.80 9.07
C THR E 217 0.83 18.30 9.05
N ARG E 218 0.64 18.93 10.20
CA ARG E 218 0.80 20.37 10.35
C ARG E 218 1.55 20.69 11.61
N TYR E 219 2.57 21.52 11.52
CA TYR E 219 3.22 22.05 12.71
C TYR E 219 2.18 22.73 13.61
N SER E 220 2.19 22.43 14.90
CA SER E 220 1.12 22.84 15.78
C SER E 220 1.40 24.17 16.41
N SER E 221 0.97 25.27 15.79
CA SER E 221 0.94 26.55 16.46
C SER E 221 -0.53 26.85 16.80
N ALA E 222 -0.75 27.75 17.75
CA ALA E 222 -2.10 28.24 18.06
C ALA E 222 -2.83 28.68 16.80
N TYR E 223 -2.15 29.43 15.93
CA TYR E 223 -2.69 29.88 14.65
C TYR E 223 -3.17 28.75 13.73
N GLU E 224 -2.38 27.66 13.65
CA GLU E 224 -2.69 26.52 12.79
C GLU E 224 -3.70 25.58 13.47
N LEU E 225 -3.52 25.36 14.75
CA LEU E 225 -4.54 24.68 15.49
C LEU E 225 -5.95 25.30 15.36
N GLU E 226 -6.10 26.61 15.52
CA GLU E 226 -7.45 27.12 15.43
C GLU E 226 -8.07 26.95 14.05
N GLY E 227 -7.30 27.18 12.99
CA GLY E 227 -7.79 27.03 11.64
C GLY E 227 -8.29 25.62 11.43
N ALA E 228 -7.49 24.63 11.85
CA ALA E 228 -7.80 23.21 11.68
C ALA E 228 -9.04 22.82 12.48
N VAL E 229 -9.16 23.37 13.70
CA VAL E 229 -10.27 22.97 14.57
C VAL E 229 -11.59 23.53 14.07
N LYS E 230 -11.56 24.75 13.53
CA LYS E 230 -12.75 25.37 12.95
C LYS E 230 -13.27 24.56 11.76
N ARG E 231 -12.39 23.89 11.03
CA ARG E 231 -12.79 23.08 9.88
C ARG E 231 -13.18 21.65 10.22
N ALA E 232 -12.93 21.23 11.46
CA ALA E 232 -13.04 19.80 11.81
C ALA E 232 -14.48 19.30 12.08
N ASP E 233 -14.78 18.04 11.72
CA ASP E 233 -16.00 17.37 12.14
C ASP E 233 -15.77 16.64 13.43
N LEU E 234 -14.54 16.18 13.62
CA LEU E 234 -14.13 15.42 14.81
C LEU E 234 -12.75 15.87 15.22
N VAL E 235 -12.57 16.27 16.48
CA VAL E 235 -11.24 16.63 17.01
C VAL E 235 -10.86 15.64 18.12
N ILE E 236 -9.65 15.09 18.04
CA ILE E 236 -9.15 14.13 19.05
C ILE E 236 -7.95 14.74 19.75
N GLY E 237 -8.08 15.02 21.04
CA GLY E 237 -6.99 15.64 21.82
C GLY E 237 -6.12 14.57 22.46
N ALA E 238 -4.84 14.56 22.09
CA ALA E 238 -3.97 13.44 22.38
C ALA E 238 -2.56 13.90 22.74
N VAL E 239 -2.46 15.05 23.39
CA VAL E 239 -1.15 15.61 23.73
C VAL E 239 -0.76 15.18 25.13
N LEU E 240 0.55 15.16 25.39
CA LEU E 240 1.11 14.80 26.67
C LEU E 240 2.41 15.54 26.91
N VAL E 241 2.56 16.03 28.13
CA VAL E 241 3.88 16.28 28.70
C VAL E 241 4.00 15.33 29.91
N PRO E 242 4.93 14.36 29.85
CA PRO E 242 4.94 13.23 30.82
C PRO E 242 4.84 13.65 32.29
N GLY E 243 3.81 13.15 32.97
CA GLY E 243 3.55 13.46 34.38
C GLY E 243 2.92 14.81 34.66
N ALA E 244 2.70 15.61 33.61
CA ALA E 244 2.17 16.96 33.79
C ALA E 244 0.71 17.08 33.38
N LYS E 245 0.02 18.09 33.91
CA LYS E 245 -1.35 18.29 33.52
C LYS E 245 -1.35 18.83 32.10
N ALA E 246 -2.34 18.44 31.31
CA ALA E 246 -2.37 18.77 29.89
C ALA E 246 -2.49 20.30 29.69
N PRO E 247 -1.83 20.83 28.65
CA PRO E 247 -2.06 22.24 28.38
C PRO E 247 -3.46 22.40 27.76
N LYS E 248 -4.13 23.49 28.05
CA LYS E 248 -5.45 23.75 27.48
C LYS E 248 -5.25 24.38 26.11
N LEU E 249 -5.48 23.60 25.06
CA LEU E 249 -5.12 24.00 23.70
C LEU E 249 -6.31 24.47 22.87
N VAL E 250 -7.51 23.98 23.22
CA VAL E 250 -8.74 24.35 22.52
C VAL E 250 -9.63 25.12 23.47
N SER E 251 -9.77 26.42 23.23
CA SER E 251 -10.54 27.30 24.13
C SER E 251 -12.05 27.18 23.86
N ASN E 252 -12.87 27.35 24.89
CA ASN E 252 -14.31 27.44 24.72
C ASN E 252 -14.73 28.46 23.65
N SER E 253 -13.93 29.50 23.53
CA SER E 253 -14.11 30.51 22.52
C SER E 253 -13.94 29.94 21.09
N LEU E 254 -12.98 29.03 20.92
CA LEU E 254 -12.74 28.41 19.64
C LEU E 254 -13.88 27.46 19.33
N VAL E 255 -14.30 26.67 20.32
CA VAL E 255 -15.44 25.77 20.19
C VAL E 255 -16.69 26.50 19.71
N ALA E 256 -16.91 27.73 20.18
CA ALA E 256 -18.03 28.55 19.68
C ALA E 256 -17.99 28.80 18.19
N HIS E 257 -16.81 28.62 17.57
CA HIS E 257 -16.69 28.78 16.13
C HIS E 257 -16.79 27.50 15.32
N MET E 258 -16.96 26.36 15.99
CA MET E 258 -17.00 25.07 15.32
C MET E 258 -18.32 24.78 14.61
N LYS E 259 -18.30 23.84 13.67
CA LYS E 259 -19.49 23.35 12.99
C LYS E 259 -20.44 22.73 14.02
N PRO E 260 -21.75 23.03 13.92
CA PRO E 260 -22.72 22.37 14.80
C PRO E 260 -22.66 20.87 14.69
N GLY E 261 -22.69 20.20 15.83
CA GLY E 261 -22.70 18.74 15.87
C GLY E 261 -21.32 18.17 15.76
N ALA E 262 -20.26 19.00 15.84
CA ALA E 262 -18.89 18.51 15.82
C ALA E 262 -18.60 17.77 17.11
N VAL E 263 -17.66 16.83 17.08
CA VAL E 263 -17.38 15.96 18.20
C VAL E 263 -15.95 16.19 18.63
N LEU E 264 -15.73 16.37 19.92
CA LEU E 264 -14.38 16.51 20.46
C LEU E 264 -14.12 15.39 21.48
N VAL E 265 -13.18 14.49 21.16
CA VAL E 265 -12.78 13.44 22.07
C VAL E 265 -11.46 13.85 22.75
N ASP E 266 -11.49 14.06 24.06
CA ASP E 266 -10.31 14.48 24.77
C ASP E 266 -9.66 13.27 25.42
N ILE E 267 -8.72 12.60 24.73
CA ILE E 267 -7.99 11.50 25.32
C ILE E 267 -7.14 12.00 26.52
N ALA E 268 -6.64 13.24 26.48
CA ALA E 268 -5.79 13.77 27.56
C ALA E 268 -6.57 14.12 28.85
N ILE E 269 -7.86 13.79 28.89
CA ILE E 269 -8.67 14.01 30.09
C ILE E 269 -8.07 13.37 31.35
N ASP E 270 -7.39 12.24 31.19
CA ASP E 270 -6.75 11.57 32.34
C ASP E 270 -5.70 12.46 33.03
N GLN E 271 -5.08 13.36 32.28
CA GLN E 271 -4.16 14.36 32.82
C GLN E 271 -4.80 15.72 32.92
N GLY E 272 -6.13 15.75 32.90
CA GLY E 272 -6.87 17.01 33.11
C GLY E 272 -7.51 17.62 31.87
N GLY E 273 -7.26 17.03 30.70
CA GLY E 273 -7.89 17.47 29.45
C GLY E 273 -7.11 18.58 28.76
N CYS E 274 -7.06 18.52 27.43
CA CYS E 274 -6.39 19.55 26.65
C CYS E 274 -7.37 20.53 25.99
N PHE E 275 -8.67 20.35 26.27
CA PHE E 275 -9.69 21.32 25.86
C PHE E 275 -10.14 22.05 27.11
N GLU E 276 -10.37 23.36 26.97
CA GLU E 276 -10.78 24.22 28.08
C GLU E 276 -12.07 23.70 28.71
N GLY E 277 -13.00 23.22 27.89
CA GLY E 277 -14.28 22.73 28.39
C GLY E 277 -14.32 21.28 28.90
N SER E 278 -13.20 20.58 28.82
CA SER E 278 -13.17 19.18 29.25
C SER E 278 -13.41 19.01 30.76
N ARG E 279 -14.27 18.06 31.11
CA ARG E 279 -14.38 17.58 32.48
C ARG E 279 -14.56 16.06 32.41
N PRO E 280 -14.04 15.33 33.43
CA PRO E 280 -14.11 13.86 33.39
C PRO E 280 -15.52 13.34 33.21
N THR E 281 -15.71 12.45 32.26
CA THR E 281 -17.00 11.80 32.11
C THR E 281 -16.84 10.29 32.26
N THR E 282 -17.93 9.58 32.05
CA THR E 282 -18.07 8.21 32.47
C THR E 282 -18.64 7.39 31.34
N TYR E 283 -18.26 6.12 31.24
CA TYR E 283 -18.89 5.26 30.24
C TYR E 283 -20.43 5.22 30.33
N ASP E 284 -20.97 5.40 31.54
CA ASP E 284 -22.42 5.46 31.72
C ASP E 284 -23.01 6.72 31.08
N HIS E 285 -22.32 7.85 31.22
CA HIS E 285 -22.74 9.14 30.66
C HIS E 285 -21.53 9.84 30.04
N PRO E 286 -21.13 9.40 28.83
CA PRO E 286 -19.82 9.78 28.31
C PRO E 286 -19.70 11.17 27.69
N THR E 287 -20.81 11.79 27.33
CA THR E 287 -20.76 13.06 26.58
C THR E 287 -21.58 14.20 27.22
N PHE E 288 -21.22 15.43 26.86
CA PHE E 288 -22.00 16.60 27.24
C PHE E 288 -21.78 17.69 26.19
N ALA E 289 -22.68 18.66 26.15
CA ALA E 289 -22.61 19.70 25.17
C ALA E 289 -21.66 20.80 25.62
N VAL E 290 -20.84 21.27 24.68
CA VAL E 290 -20.27 22.61 24.82
C VAL E 290 -20.50 23.45 23.56
N HIS E 291 -21.12 24.61 23.76
CA HIS E 291 -21.77 25.35 22.70
C HIS E 291 -22.58 24.38 21.83
N ASP E 292 -22.32 24.28 20.52
CA ASP E 292 -23.13 23.39 19.68
C ASP E 292 -22.41 22.09 19.32
N THR E 293 -21.38 21.77 20.10
CA THR E 293 -20.58 20.57 19.88
C THR E 293 -20.78 19.60 21.03
N LEU E 294 -20.17 18.44 20.91
CA LEU E 294 -20.33 17.41 21.88
C LEU E 294 -18.96 16.96 22.32
N PHE E 295 -18.70 17.01 23.63
CA PHE E 295 -17.41 16.55 24.20
C PHE E 295 -17.54 15.11 24.67
N TYR E 296 -16.47 14.34 24.51
CA TYR E 296 -16.38 12.99 25.06
C TYR E 296 -15.08 12.95 25.87
N CYS E 297 -15.17 12.69 27.19
CA CYS E 297 -14.02 12.84 28.11
C CYS E 297 -13.87 11.69 29.11
N VAL E 298 -13.75 10.47 28.61
CA VAL E 298 -13.72 9.30 29.48
C VAL E 298 -12.26 9.06 29.83
N ALA E 299 -11.97 9.03 31.13
CA ALA E 299 -10.57 8.92 31.59
C ALA E 299 -10.08 7.49 31.75
N ASN E 300 -10.95 6.50 31.56
CA ASN E 300 -10.52 5.08 31.53
C ASN E 300 -10.99 4.36 30.26
N MET E 301 -10.65 4.94 29.10
CA MET E 301 -11.11 4.43 27.81
C MET E 301 -10.90 2.90 27.58
N PRO E 302 -9.69 2.38 27.85
CA PRO E 302 -9.43 0.95 27.53
C PRO E 302 -10.25 -0.06 28.38
N ALA E 303 -10.96 0.44 29.39
CA ALA E 303 -11.80 -0.38 30.24
C ALA E 303 -12.88 -1.13 29.44
N SER E 304 -13.33 -0.56 28.33
CA SER E 304 -14.45 -1.15 27.60
C SER E 304 -14.04 -2.29 26.67
N VAL E 305 -12.73 -2.50 26.53
CA VAL E 305 -12.20 -3.59 25.70
C VAL E 305 -11.20 -4.44 26.52
N PRO E 306 -11.67 -4.99 27.66
CA PRO E 306 -10.75 -5.61 28.62
C PRO E 306 -10.09 -6.88 28.10
N LYS E 307 -10.72 -7.58 27.17
CA LYS E 307 -10.09 -8.75 26.57
C LYS E 307 -8.84 -8.37 25.74
N THR E 308 -8.82 -7.14 25.22
CA THR E 308 -7.62 -6.61 24.58
C THR E 308 -6.69 -5.99 25.64
N SER E 309 -7.23 -5.09 26.44
CA SER E 309 -6.44 -4.16 27.21
C SER E 309 -5.86 -4.77 28.50
N THR E 310 -6.54 -5.71 29.14
CA THR E 310 -5.92 -6.38 30.30
C THR E 310 -4.61 -7.04 29.89
N TYR E 311 -4.63 -7.70 28.75
CA TYR E 311 -3.44 -8.36 28.24
C TYR E 311 -2.40 -7.41 27.73
N ALA E 312 -2.82 -6.36 27.03
CA ALA E 312 -1.86 -5.42 26.51
C ALA E 312 -1.11 -4.79 27.67
N LEU E 313 -1.82 -4.48 28.75
CA LEU E 313 -1.22 -3.84 29.89
C LEU E 313 -0.26 -4.77 30.62
N THR E 314 -0.72 -5.99 30.93
CA THR E 314 0.05 -6.88 31.76
C THR E 314 1.26 -7.42 31.03
N ASN E 315 1.19 -7.50 29.70
CA ASN E 315 2.38 -7.86 28.90
C ASN E 315 3.54 -6.87 29.16
N ALA E 316 3.18 -5.60 29.34
CA ALA E 316 4.12 -4.51 29.58
C ALA E 316 4.56 -4.38 31.07
N THR E 317 3.61 -4.45 32.02
CA THR E 317 3.91 -4.23 33.45
C THR E 317 4.57 -5.42 34.13
N MET E 318 4.29 -6.64 33.68
CA MET E 318 4.70 -7.84 34.44
C MET E 318 6.23 -7.96 34.73
N PRO E 319 7.11 -7.65 33.73
CA PRO E 319 8.53 -7.62 34.09
C PRO E 319 8.91 -6.64 35.21
N TYR E 320 8.22 -5.51 35.31
CA TYR E 320 8.51 -4.56 36.38
C TYR E 320 7.91 -5.04 37.71
N VAL E 321 6.77 -5.72 37.62
CA VAL E 321 6.09 -6.26 38.78
C VAL E 321 7.03 -7.25 39.41
N LEU E 322 7.63 -8.11 38.59
CA LEU E 322 8.55 -9.16 39.07
C LEU E 322 9.75 -8.59 39.80
N GLU E 323 10.35 -7.52 39.29
CA GLU E 323 11.49 -6.87 39.95
C GLU E 323 11.11 -6.30 41.30
N LEU E 324 9.92 -5.70 41.38
CA LEU E 324 9.44 -5.14 42.63
C LEU E 324 9.21 -6.23 43.67
N ALA E 325 8.56 -7.33 43.26
CA ALA E 325 8.28 -8.43 44.17
C ALA E 325 9.55 -9.10 44.66
N ASP E 326 10.48 -9.37 43.74
CA ASP E 326 11.73 -10.04 44.11
C ASP E 326 12.64 -9.21 45.03
N HIS E 327 12.71 -7.89 44.81
CA HIS E 327 13.77 -7.05 45.43
C HIS E 327 13.29 -5.85 46.27
N GLY E 328 12.02 -5.52 46.16
CA GLY E 328 11.40 -4.40 46.87
C GLY E 328 11.59 -3.12 46.08
N TRP E 329 10.87 -2.07 46.45
CA TRP E 329 10.85 -0.86 45.62
C TRP E 329 12.21 -0.17 45.50
N ARG E 330 12.91 -0.03 46.62
CA ARG E 330 14.12 0.77 46.64
C ARG E 330 15.23 0.14 45.79
N ALA E 331 15.50 -1.14 46.01
CA ALA E 331 16.46 -1.90 45.24
C ALA E 331 16.06 -1.98 43.76
N ALA E 332 14.77 -2.17 43.48
CA ALA E 332 14.33 -2.29 42.10
C ALA E 332 14.54 -0.98 41.35
N CYS E 333 14.22 0.13 42.02
CA CYS E 333 14.41 1.47 41.46
C CYS E 333 15.88 1.85 41.26
N ARG E 334 16.72 1.47 42.23
CA ARG E 334 18.16 1.60 42.12
C ARG E 334 18.72 0.86 40.88
N SER E 335 18.27 -0.38 40.67
CA SER E 335 18.70 -1.20 39.52
C SER E 335 18.17 -0.73 38.18
N ASN E 336 17.01 -0.08 38.19
CA ASN E 336 16.33 0.31 36.96
C ASN E 336 15.89 1.78 36.99
N PRO E 337 16.70 2.66 36.39
CA PRO E 337 16.37 4.09 36.28
C PRO E 337 14.98 4.34 35.70
N ALA E 338 14.52 3.50 34.77
CA ALA E 338 13.21 3.65 34.16
C ALA E 338 12.08 3.48 35.18
N LEU E 339 12.11 2.41 35.98
CA LEU E 339 11.17 2.23 37.11
C LEU E 339 11.23 3.40 38.10
N ALA E 340 12.44 3.85 38.44
CA ALA E 340 12.62 4.98 39.36
C ALA E 340 11.89 6.26 38.94
N LYS E 341 11.75 6.49 37.63
CA LYS E 341 11.11 7.69 37.13
C LYS E 341 9.62 7.67 37.44
N GLY E 342 9.12 6.47 37.72
CA GLY E 342 7.73 6.27 38.14
C GLY E 342 7.46 6.65 39.59
N LEU E 343 8.51 6.66 40.41
CA LEU E 343 8.38 6.97 41.82
C LEU E 343 7.57 8.24 42.03
N SER E 344 6.54 8.16 42.86
CA SER E 344 5.61 9.28 43.02
C SER E 344 5.46 9.76 44.46
N THR E 345 5.22 8.85 45.40
CA THR E 345 5.18 9.21 46.83
C THR E 345 5.94 8.19 47.69
N HIS E 346 6.53 8.68 48.77
CA HIS E 346 7.06 7.82 49.82
C HIS E 346 7.04 8.54 51.17
N GLU E 347 6.33 7.95 52.13
CA GLU E 347 6.27 8.42 53.52
C GLU E 347 6.01 9.94 53.64
N GLY E 348 5.05 10.39 52.82
CA GLY E 348 4.55 11.75 52.86
C GLY E 348 5.34 12.71 52.01
N ALA E 349 6.33 12.18 51.27
CA ALA E 349 7.15 12.96 50.35
C ALA E 349 6.60 12.82 48.94
N LEU E 350 6.43 13.95 48.25
CA LEU E 350 6.07 13.95 46.83
C LEU E 350 7.36 13.93 45.98
N LEU E 351 7.53 12.88 45.18
CA LEU E 351 8.80 12.66 44.45
C LEU E 351 8.77 13.07 42.97
N SER E 352 7.68 13.67 42.53
CA SER E 352 7.55 14.11 41.15
C SER E 352 7.58 15.65 41.05
N GLU E 353 8.58 16.16 40.34
CA GLU E 353 8.76 17.60 40.21
C GLU E 353 7.64 18.29 39.43
N ARG E 354 7.27 17.74 38.28
CA ARG E 354 6.16 18.31 37.51
C ARG E 354 4.88 18.30 38.29
N VAL E 355 4.58 17.19 38.97
CA VAL E 355 3.38 17.11 39.78
C VAL E 355 3.46 18.16 40.88
N ALA E 356 4.57 18.18 41.60
CA ALA E 356 4.78 19.15 42.66
C ALA E 356 4.49 20.55 42.16
N THR E 357 5.09 20.93 41.04
CA THR E 357 4.99 22.32 40.59
C THR E 357 3.66 22.63 39.90
N ASP E 358 2.97 21.58 39.43
CA ASP E 358 1.64 21.73 38.85
C ASP E 358 0.58 21.90 39.94
N LEU E 359 0.85 21.34 41.12
CA LEU E 359 -0.12 21.36 42.22
C LEU E 359 0.15 22.43 43.27
N GLY E 360 1.33 23.03 43.22
CA GLY E 360 1.78 23.96 44.26
C GLY E 360 1.93 23.21 45.55
N VAL E 361 2.72 22.14 45.51
CA VAL E 361 3.03 21.29 46.66
C VAL E 361 4.57 21.16 46.71
N PRO E 362 5.15 21.07 47.92
CA PRO E 362 6.62 20.92 48.01
C PRO E 362 7.14 19.61 47.42
N PHE E 363 8.32 19.69 46.81
CA PHE E 363 8.97 18.61 46.05
C PHE E 363 10.17 18.03 46.81
N THR E 364 10.30 16.71 46.78
CA THR E 364 11.45 16.00 47.36
C THR E 364 12.16 15.21 46.28
N GLU E 365 13.46 15.42 46.15
CA GLU E 365 14.25 14.71 45.14
C GLU E 365 14.15 13.18 45.29
N PRO E 366 13.84 12.46 44.19
CA PRO E 366 13.81 11.00 44.22
C PRO E 366 15.14 10.40 44.64
N ALA E 367 16.23 11.00 44.13
CA ALA E 367 17.59 10.54 44.42
C ALA E 367 17.87 10.52 45.91
N SER E 368 17.16 11.36 46.68
CA SER E 368 17.35 11.46 48.14
C SER E 368 16.82 10.25 48.89
N VAL E 369 15.81 9.58 48.33
CA VAL E 369 15.28 8.38 48.96
C VAL E 369 15.97 7.12 48.44
N LEU E 370 16.70 7.25 47.34
CA LEU E 370 17.47 6.15 46.76
C LEU E 370 18.97 6.20 47.08
N ALA E 371 19.41 7.27 47.73
CA ALA E 371 20.83 7.51 47.97
C ALA E 371 21.43 6.37 48.80
N HIS E 372 22.65 5.95 48.44
CA HIS E 372 23.35 4.85 49.14
C HIS E 372 23.91 5.30 50.49
N HIS E 373 24.26 4.31 51.33
CA HIS E 373 24.72 4.59 52.70
C HIS E 373 26.06 3.91 53.03
N MET F 1 -45.66 18.65 -14.34
CA MET F 1 -46.39 17.91 -13.27
C MET F 1 -46.02 18.46 -11.89
N ARG F 2 -46.77 18.08 -10.86
CA ARG F 2 -46.45 18.38 -9.46
C ARG F 2 -45.65 17.21 -8.89
N VAL F 3 -44.43 17.51 -8.48
CA VAL F 3 -43.56 16.54 -7.81
C VAL F 3 -43.56 16.87 -6.32
N GLY F 4 -43.91 15.90 -5.50
CA GLY F 4 -44.11 16.10 -4.08
C GLY F 4 -43.15 15.27 -3.26
N ILE F 5 -42.61 15.89 -2.21
CA ILE F 5 -41.65 15.24 -1.30
C ILE F 5 -42.17 15.50 0.14
N PRO F 6 -42.70 14.46 0.79
CA PRO F 6 -43.15 14.63 2.16
C PRO F 6 -41.97 14.43 3.14
N THR F 7 -42.15 14.78 4.41
CA THR F 7 -41.15 14.47 5.42
C THR F 7 -41.17 12.97 5.65
N GLU F 8 -40.00 12.37 5.83
CA GLU F 8 -39.92 10.97 6.16
C GLU F 8 -40.41 10.76 7.57
N THR F 9 -41.04 9.60 7.84
CA THR F 9 -41.76 9.32 9.10
C THR F 9 -41.27 8.06 9.82
N LYS F 10 -40.39 7.29 9.17
CA LYS F 10 -39.80 6.11 9.79
C LYS F 10 -38.94 6.52 10.98
N ASN F 11 -38.71 5.59 11.91
CA ASN F 11 -38.00 5.94 13.15
C ASN F 11 -36.65 6.51 12.84
N ASN F 12 -36.37 7.71 13.37
CA ASN F 12 -35.08 8.38 13.19
C ASN F 12 -34.65 8.55 11.72
N GLU F 13 -35.61 8.69 10.82
CA GLU F 13 -35.30 8.89 9.40
C GLU F 13 -35.01 10.35 9.10
N PHE F 14 -33.73 10.68 9.02
CA PHE F 14 -33.33 12.07 8.78
C PHE F 14 -33.06 12.44 7.32
N ARG F 15 -33.10 11.48 6.41
CA ARG F 15 -32.85 11.78 4.99
C ARG F 15 -34.06 12.47 4.37
N VAL F 16 -33.84 13.15 3.26
CA VAL F 16 -34.92 13.70 2.46
C VAL F 16 -34.68 13.32 0.98
N ALA F 17 -35.77 13.15 0.22
CA ALA F 17 -35.69 12.58 -1.13
C ALA F 17 -35.25 13.56 -2.22
N ILE F 18 -34.92 14.80 -1.85
CA ILE F 18 -34.48 15.80 -2.83
C ILE F 18 -33.66 16.92 -2.17
N THR F 19 -32.82 17.58 -2.96
CA THR F 19 -31.98 18.65 -2.44
C THR F 19 -32.41 19.90 -3.23
N PRO F 20 -32.02 21.09 -2.74
CA PRO F 20 -32.35 22.37 -3.40
C PRO F 20 -31.95 22.40 -4.88
N ALA F 21 -30.82 21.80 -5.23
CA ALA F 21 -30.44 21.71 -6.64
C ALA F 21 -31.34 20.74 -7.43
N GLY F 22 -31.92 19.74 -6.79
CA GLY F 22 -32.88 18.87 -7.45
C GLY F 22 -34.11 19.67 -7.82
N VAL F 23 -34.56 20.48 -6.87
CA VAL F 23 -35.73 21.36 -6.99
C VAL F 23 -35.54 22.42 -8.05
N ALA F 24 -34.37 23.05 -8.07
CA ALA F 24 -34.08 24.03 -9.10
C ALA F 24 -34.11 23.34 -10.46
N GLU F 25 -33.58 22.13 -10.57
CA GLU F 25 -33.62 21.49 -11.86
C GLU F 25 -35.04 21.17 -12.32
N LEU F 26 -35.90 20.71 -11.42
CA LEU F 26 -37.30 20.48 -11.81
C LEU F 26 -38.03 21.78 -12.16
N THR F 27 -37.85 22.77 -11.31
CA THR F 27 -38.53 24.08 -11.52
C THR F 27 -38.09 24.69 -12.87
N ARG F 28 -36.78 24.61 -13.17
CA ARG F 28 -36.26 25.05 -14.47
C ARG F 28 -36.96 24.35 -15.65
N ARG F 29 -37.33 23.09 -15.46
CA ARG F 29 -38.02 22.33 -16.49
C ARG F 29 -39.52 22.55 -16.58
N GLY F 30 -40.09 23.32 -15.65
CA GLY F 30 -41.51 23.71 -15.73
C GLY F 30 -42.44 22.93 -14.80
N HIS F 31 -41.83 22.19 -13.87
CA HIS F 31 -42.56 21.42 -12.89
C HIS F 31 -42.74 22.19 -11.61
N GLU F 32 -43.85 21.93 -10.91
CA GLU F 32 -44.09 22.48 -9.60
C GLU F 32 -43.64 21.47 -8.59
N VAL F 33 -42.89 21.94 -7.61
CA VAL F 33 -42.36 21.08 -6.54
C VAL F 33 -43.01 21.44 -5.20
N LEU F 34 -43.68 20.46 -4.59
CA LEU F 34 -44.34 20.64 -3.32
C LEU F 34 -43.52 19.93 -2.27
N ILE F 35 -43.19 20.62 -1.18
CA ILE F 35 -42.38 20.00 -0.11
C ILE F 35 -43.04 20.25 1.24
N GLN F 36 -43.21 19.17 2.01
CA GLN F 36 -43.73 19.30 3.36
C GLN F 36 -42.79 20.17 4.21
N ALA F 37 -43.32 21.23 4.81
CA ALA F 37 -42.54 22.08 5.71
C ALA F 37 -41.79 21.21 6.71
N GLY F 38 -40.48 21.39 6.79
CA GLY F 38 -39.61 20.63 7.71
C GLY F 38 -38.94 19.41 7.11
N ALA F 39 -39.26 19.07 5.85
CA ALA F 39 -38.84 17.76 5.29
C ALA F 39 -37.35 17.61 5.21
N GLY F 40 -36.63 18.73 5.12
CA GLY F 40 -35.20 18.68 4.89
C GLY F 40 -34.39 18.91 6.15
N GLU F 41 -35.06 19.11 7.28
CA GLU F 41 -34.36 19.65 8.45
C GLU F 41 -33.35 18.68 9.00
N GLY F 42 -33.69 17.38 8.95
CA GLY F 42 -32.78 16.36 9.39
C GLY F 42 -31.51 16.29 8.55
N SER F 43 -31.57 16.85 7.34
CA SER F 43 -30.41 16.84 6.43
C SER F 43 -29.80 18.25 6.36
N ALA F 44 -30.21 19.10 7.32
CA ALA F 44 -29.82 20.51 7.41
C ALA F 44 -30.15 21.31 6.15
N ILE F 45 -31.20 20.88 5.45
CA ILE F 45 -31.77 21.72 4.40
C ILE F 45 -33.01 22.46 4.91
N THR F 46 -32.91 23.76 5.08
CA THR F 46 -34.04 24.54 5.62
C THR F 46 -35.22 24.74 4.65
N ASP F 47 -36.40 25.03 5.20
CA ASP F 47 -37.56 25.40 4.34
C ASP F 47 -37.17 26.52 3.38
N ALA F 48 -36.43 27.51 3.89
CA ALA F 48 -35.94 28.65 3.12
C ALA F 48 -35.06 28.22 1.95
N ASP F 49 -34.09 27.33 2.20
CA ASP F 49 -33.25 26.72 1.16
C ASP F 49 -34.10 26.16 0.01
N PHE F 50 -35.11 25.37 0.37
CA PHE F 50 -36.03 24.76 -0.59
C PHE F 50 -36.90 25.78 -1.33
N LYS F 51 -37.38 26.79 -0.61
CA LYS F 51 -38.21 27.84 -1.18
C LYS F 51 -37.36 28.64 -2.18
N ALA F 52 -36.15 29.00 -1.75
CA ALA F 52 -35.18 29.67 -2.62
C ALA F 52 -34.97 28.97 -3.96
N ALA F 53 -35.04 27.64 -3.95
CA ALA F 53 -34.72 26.82 -5.10
C ALA F 53 -35.91 26.75 -6.02
N GLY F 54 -37.11 26.99 -5.50
CA GLY F 54 -38.32 27.07 -6.31
C GLY F 54 -39.50 26.26 -5.78
N ALA F 55 -39.33 25.62 -4.64
CA ALA F 55 -40.38 24.76 -4.07
C ALA F 55 -41.50 25.57 -3.45
N GLN F 56 -42.70 25.00 -3.50
CA GLN F 56 -43.81 25.46 -2.67
C GLN F 56 -43.78 24.66 -1.37
N LEU F 57 -43.71 25.38 -0.26
CA LEU F 57 -43.68 24.74 1.05
C LEU F 57 -45.12 24.55 1.55
N VAL F 58 -45.50 23.30 1.79
CA VAL F 58 -46.86 23.05 2.29
C VAL F 58 -46.85 22.49 3.71
N GLY F 59 -47.86 22.88 4.48
CA GLY F 59 -47.87 22.62 5.91
C GLY F 59 -48.15 21.20 6.33
N THR F 60 -48.89 20.45 5.52
CA THR F 60 -49.27 19.08 5.91
C THR F 60 -48.81 17.98 4.93
N ALA F 61 -48.52 16.82 5.50
CA ALA F 61 -48.23 15.62 4.74
C ALA F 61 -49.37 15.27 3.79
N ASP F 62 -50.61 15.37 4.28
CA ASP F 62 -51.81 15.03 3.49
C ASP F 62 -51.91 15.80 2.17
N GLN F 63 -51.55 17.09 2.19
CA GLN F 63 -51.59 17.92 1.00
C GLN F 63 -50.55 17.53 -0.05
N VAL F 64 -49.34 17.21 0.42
CA VAL F 64 -48.27 16.72 -0.45
C VAL F 64 -48.76 15.49 -1.21
N TRP F 65 -49.26 14.48 -0.48
CA TRP F 65 -49.71 13.22 -1.09
C TRP F 65 -50.92 13.43 -2.00
N ALA F 66 -51.84 14.30 -1.58
CA ALA F 66 -53.07 14.54 -2.34
C ALA F 66 -52.79 15.22 -3.68
N ASP F 67 -51.85 16.16 -3.66
CA ASP F 67 -51.58 17.02 -4.83
C ASP F 67 -50.49 16.52 -5.78
N ALA F 68 -49.60 15.63 -5.33
CA ALA F 68 -48.42 15.32 -6.13
C ALA F 68 -48.74 14.32 -7.25
N ASP F 69 -48.27 14.61 -8.47
CA ASP F 69 -48.33 13.59 -9.55
C ASP F 69 -47.25 12.53 -9.40
N LEU F 70 -46.08 12.99 -8.98
CA LEU F 70 -44.92 12.17 -8.68
C LEU F 70 -44.55 12.41 -7.22
N LEU F 71 -44.57 11.34 -6.45
CA LEU F 71 -44.24 11.42 -5.05
C LEU F 71 -42.91 10.73 -4.74
N LEU F 72 -41.92 11.54 -4.32
CA LEU F 72 -40.56 11.08 -4.04
C LEU F 72 -40.40 10.86 -2.55
N LYS F 73 -39.92 9.68 -2.18
CA LYS F 73 -39.69 9.33 -0.78
C LYS F 73 -38.39 8.60 -0.66
N VAL F 74 -37.90 8.45 0.57
CA VAL F 74 -36.70 7.67 0.81
C VAL F 74 -37.09 6.25 1.17
N LYS F 75 -37.94 6.06 2.18
CA LYS F 75 -38.29 4.71 2.63
C LYS F 75 -39.71 4.34 2.24
N GLU F 76 -40.07 3.07 2.42
CA GLU F 76 -41.39 2.56 2.05
C GLU F 76 -42.46 3.25 2.89
N PRO F 77 -43.70 3.42 2.35
CA PRO F 77 -44.74 3.96 3.22
C PRO F 77 -45.04 3.02 4.39
N ILE F 78 -45.29 3.60 5.56
CA ILE F 78 -45.64 2.83 6.73
C ILE F 78 -47.15 2.89 6.97
N ALA F 79 -47.64 2.16 7.96
CA ALA F 79 -49.07 2.02 8.18
C ALA F 79 -49.81 3.34 8.20
N ALA F 80 -49.23 4.35 8.85
CA ALA F 80 -49.95 5.63 8.99
C ALA F 80 -50.10 6.36 7.64
N GLU F 81 -49.33 5.92 6.64
CA GLU F 81 -49.34 6.54 5.33
C GLU F 81 -50.16 5.76 4.33
N TYR F 82 -50.62 4.58 4.73
CA TYR F 82 -51.31 3.71 3.78
C TYR F 82 -52.53 4.41 3.21
N GLY F 83 -53.20 5.22 4.04
CA GLY F 83 -54.39 5.95 3.62
C GLY F 83 -54.08 7.11 2.68
N ARG F 84 -52.80 7.47 2.60
CA ARG F 84 -52.39 8.52 1.69
C ARG F 84 -52.04 8.03 0.29
N LEU F 85 -51.83 6.71 0.14
CA LEU F 85 -51.56 6.13 -1.17
C LEU F 85 -52.74 6.34 -2.14
N ARG F 86 -52.44 6.75 -3.38
CA ARG F 86 -53.45 7.24 -4.35
C ARG F 86 -53.30 6.54 -5.68
N HIS F 87 -54.41 6.18 -6.29
CA HIS F 87 -54.48 5.80 -7.70
C HIS F 87 -54.12 7.04 -8.55
N GLY F 88 -53.33 6.85 -9.61
CA GLY F 88 -52.95 7.96 -10.51
C GLY F 88 -51.72 8.75 -10.09
N GLN F 89 -51.10 8.30 -9.01
CA GLN F 89 -49.88 8.90 -8.56
C GLN F 89 -48.74 7.90 -8.82
N ILE F 90 -47.56 8.44 -9.10
CA ILE F 90 -46.36 7.63 -9.15
C ILE F 90 -45.60 7.77 -7.84
N LEU F 91 -45.29 6.65 -7.22
CA LEU F 91 -44.52 6.70 -6.02
C LEU F 91 -43.17 6.10 -6.35
N PHE F 92 -42.11 6.85 -6.02
CA PHE F 92 -40.73 6.47 -6.31
C PHE F 92 -39.95 6.52 -4.99
N THR F 93 -39.51 5.36 -4.47
CA THR F 93 -38.90 5.29 -3.14
C THR F 93 -38.32 3.87 -2.94
N PHE F 94 -37.57 3.64 -1.86
CA PHE F 94 -37.20 2.23 -1.49
C PHE F 94 -38.45 1.48 -1.01
N LEU F 95 -38.72 0.29 -1.56
CA LEU F 95 -39.97 -0.41 -1.22
C LEU F 95 -39.78 -1.66 -0.39
N HIS F 96 -38.87 -2.54 -0.81
CA HIS F 96 -38.51 -3.75 -0.11
C HIS F 96 -39.76 -4.67 0.02
N LEU F 97 -40.48 -4.88 -1.06
CA LEU F 97 -41.80 -5.49 -0.95
C LEU F 97 -41.81 -6.97 -0.53
N ALA F 98 -40.80 -7.72 -0.96
CA ALA F 98 -40.74 -9.13 -0.60
C ALA F 98 -40.75 -9.30 0.92
N ALA F 99 -40.32 -8.24 1.62
CA ALA F 99 -40.23 -8.25 3.08
C ALA F 99 -41.51 -7.76 3.80
N SER F 100 -42.56 -7.40 3.05
CA SER F 100 -43.80 -6.90 3.66
C SER F 100 -45.01 -7.10 2.80
N ARG F 101 -45.75 -8.16 3.11
CA ARG F 101 -47.05 -8.41 2.52
C ARG F 101 -47.97 -7.20 2.76
N ALA F 102 -47.90 -6.61 3.96
CA ALA F 102 -48.77 -5.47 4.35
C ALA F 102 -48.55 -4.26 3.44
N CYS F 103 -47.29 -3.90 3.22
CA CYS F 103 -46.97 -2.79 2.33
C CYS F 103 -47.42 -3.04 0.89
N THR F 104 -47.13 -4.24 0.39
CA THR F 104 -47.56 -4.69 -0.94
C THR F 104 -49.08 -4.57 -1.09
N ASP F 105 -49.82 -5.16 -0.15
CA ASP F 105 -51.28 -5.10 -0.17
C ASP F 105 -51.76 -3.64 -0.23
N ALA F 106 -51.15 -2.77 0.56
CA ALA F 106 -51.55 -1.38 0.58
C ALA F 106 -51.31 -0.72 -0.77
N LEU F 107 -50.15 -0.97 -1.40
CA LEU F 107 -49.90 -0.39 -2.74
C LEU F 107 -50.90 -0.91 -3.79
N LEU F 108 -51.15 -2.21 -3.75
CA LEU F 108 -52.05 -2.89 -4.68
C LEU F 108 -53.49 -2.42 -4.52
N ASP F 109 -53.99 -2.44 -3.27
CA ASP F 109 -55.34 -2.00 -2.95
C ASP F 109 -55.59 -0.52 -3.31
N SER F 110 -54.55 0.31 -3.20
CA SER F 110 -54.69 1.73 -3.56
C SER F 110 -54.69 2.00 -5.07
N GLY F 111 -54.17 1.06 -5.86
CA GLY F 111 -54.10 1.21 -7.32
C GLY F 111 -52.98 2.13 -7.79
N THR F 112 -52.11 2.52 -6.85
CA THR F 112 -51.04 3.45 -7.16
C THR F 112 -50.02 2.80 -8.11
N THR F 113 -49.28 3.64 -8.83
CA THR F 113 -48.13 3.18 -9.57
C THR F 113 -46.87 3.43 -8.74
N SER F 114 -46.17 2.34 -8.42
CA SER F 114 -44.96 2.42 -7.63
C SER F 114 -43.74 1.87 -8.36
N ILE F 115 -42.59 2.50 -8.13
CA ILE F 115 -41.35 2.10 -8.70
C ILE F 115 -40.38 2.06 -7.54
N ALA F 116 -39.70 0.92 -7.37
CA ALA F 116 -38.74 0.76 -6.28
C ALA F 116 -37.33 1.23 -6.69
N TYR F 117 -36.69 2.04 -5.84
CA TYR F 117 -35.28 2.40 -6.11
C TYR F 117 -34.43 1.14 -6.24
N GLU F 118 -34.67 0.15 -5.36
CA GLU F 118 -33.76 -0.97 -5.19
C GLU F 118 -33.87 -2.05 -6.27
N THR F 119 -34.86 -1.96 -7.16
CA THR F 119 -34.90 -2.92 -8.27
C THR F 119 -34.65 -2.26 -9.64
N VAL F 120 -34.47 -0.94 -9.66
CA VAL F 120 -33.98 -0.27 -10.87
C VAL F 120 -32.61 -0.88 -11.17
N GLN F 121 -32.40 -1.32 -12.41
CA GLN F 121 -31.31 -2.21 -12.69
C GLN F 121 -30.78 -2.09 -14.11
N THR F 122 -29.51 -1.72 -14.23
CA THR F 122 -28.86 -1.62 -15.53
C THR F 122 -28.52 -3.00 -16.09
N ALA F 123 -28.15 -3.04 -17.37
CA ALA F 123 -28.12 -4.30 -18.11
C ALA F 123 -26.93 -5.14 -17.69
N ASP F 124 -25.94 -4.51 -17.04
CA ASP F 124 -24.84 -5.23 -16.43
C ASP F 124 -25.26 -5.87 -15.11
N GLY F 125 -26.47 -5.53 -14.66
CA GLY F 125 -27.04 -6.15 -13.47
C GLY F 125 -26.92 -5.27 -12.25
N ALA F 126 -26.12 -4.22 -12.35
CA ALA F 126 -25.95 -3.26 -11.25
C ALA F 126 -27.26 -2.60 -10.86
N LEU F 127 -27.33 -2.22 -9.58
CA LEU F 127 -28.54 -1.62 -9.00
C LEU F 127 -28.09 -0.22 -8.61
N PRO F 128 -28.15 0.73 -9.55
CA PRO F 128 -27.47 2.02 -9.30
C PRO F 128 -28.10 2.89 -8.23
N LEU F 129 -29.30 2.55 -7.78
CA LEU F 129 -29.94 3.46 -6.83
C LEU F 129 -29.80 2.84 -5.42
N LEU F 130 -29.75 1.52 -5.35
CA LEU F 130 -29.42 0.84 -4.10
C LEU F 130 -27.95 1.09 -3.68
N ALA F 131 -27.04 1.02 -4.65
CA ALA F 131 -25.58 1.08 -4.46
C ALA F 131 -25.13 2.11 -3.43
N PRO F 132 -25.49 3.40 -3.61
CA PRO F 132 -25.02 4.43 -2.65
C PRO F 132 -25.46 4.11 -1.22
N MET F 133 -26.67 3.55 -1.05
CA MET F 133 -27.17 3.23 0.29
C MET F 133 -26.45 2.00 0.82
N SER F 134 -26.18 1.05 -0.04
CA SER F 134 -25.36 -0.08 0.36
C SER F 134 -23.96 0.31 0.78
N GLU F 135 -23.35 1.28 0.09
CA GLU F 135 -22.04 1.79 0.47
C GLU F 135 -22.12 2.40 1.88
N VAL F 136 -23.14 3.21 2.13
CA VAL F 136 -23.29 3.82 3.43
C VAL F 136 -23.55 2.79 4.52
N ALA F 137 -24.43 1.83 4.27
CA ALA F 137 -24.75 0.84 5.27
C ALA F 137 -23.58 -0.09 5.60
N GLY F 138 -22.85 -0.51 4.56
CA GLY F 138 -21.65 -1.32 4.74
C GLY F 138 -20.62 -0.60 5.59
N ARG F 139 -20.31 0.67 5.27
CA ARG F 139 -19.38 1.41 6.10
C ARG F 139 -19.87 1.56 7.57
N LEU F 140 -21.16 1.87 7.74
CA LEU F 140 -21.75 1.93 9.08
C LEU F 140 -21.68 0.59 9.81
N ALA F 141 -21.91 -0.50 9.09
CA ALA F 141 -21.95 -1.84 9.76
C ALA F 141 -20.66 -2.11 10.56
N ALA F 142 -19.53 -1.67 9.99
CA ALA F 142 -18.18 -1.82 10.60
C ALA F 142 -18.06 -0.97 11.86
N GLN F 143 -18.48 0.30 11.79
CA GLN F 143 -18.36 1.14 12.98
C GLN F 143 -19.38 0.78 14.04
N VAL F 144 -20.60 0.35 13.70
CA VAL F 144 -21.53 -0.03 14.77
C VAL F 144 -21.19 -1.41 15.33
N GLY F 145 -20.67 -2.33 14.50
CA GLY F 145 -20.16 -3.60 15.01
C GLY F 145 -19.06 -3.36 16.05
N ALA F 146 -18.10 -2.50 15.72
CA ALA F 146 -16.99 -2.17 16.64
C ALA F 146 -17.49 -1.55 17.94
N TYR F 147 -18.46 -0.64 17.84
CA TYR F 147 -19.05 -0.08 19.00
C TYR F 147 -19.72 -1.09 19.95
N HIS F 148 -20.51 -2.02 19.42
CA HIS F 148 -21.23 -2.96 20.28
C HIS F 148 -20.36 -4.12 20.72
N LEU F 149 -19.15 -4.26 20.17
CA LEU F 149 -18.16 -5.19 20.73
C LEU F 149 -17.58 -4.71 22.07
N MET F 150 -17.78 -3.46 22.41
CA MET F 150 -17.31 -2.96 23.69
C MET F 150 -18.11 -3.59 24.81
N ARG F 151 -17.43 -3.90 25.91
CA ARG F 151 -18.05 -4.51 27.08
C ARG F 151 -19.12 -3.61 27.70
N THR F 152 -18.94 -2.30 27.57
CA THR F 152 -19.91 -1.35 28.05
C THR F 152 -21.20 -1.38 27.23
N GLN F 153 -21.19 -1.99 26.04
CA GLN F 153 -22.42 -2.12 25.26
C GLN F 153 -23.00 -3.53 25.36
N GLY F 154 -22.47 -4.34 26.26
CA GLY F 154 -22.90 -5.74 26.36
C GLY F 154 -22.12 -6.67 25.44
N GLY F 155 -21.15 -6.12 24.72
CA GLY F 155 -20.32 -6.91 23.83
C GLY F 155 -19.25 -7.69 24.53
N ARG F 156 -18.53 -8.48 23.74
CA ARG F 156 -17.41 -9.31 24.16
C ARG F 156 -16.22 -8.54 24.78
N GLY F 157 -16.05 -7.26 24.43
CA GLY F 157 -14.99 -6.43 25.00
C GLY F 157 -13.65 -6.63 24.30
N VAL F 158 -13.70 -6.62 22.97
CA VAL F 158 -12.54 -6.79 22.10
C VAL F 158 -12.39 -5.56 21.22
N LEU F 159 -11.16 -5.04 21.11
CA LEU F 159 -10.92 -3.90 20.25
C LEU F 159 -10.82 -4.38 18.80
N MET F 160 -11.56 -3.77 17.87
CA MET F 160 -11.44 -4.13 16.42
C MET F 160 -10.02 -4.52 16.01
N GLY F 161 -9.09 -3.56 16.19
CA GLY F 161 -7.76 -3.73 15.66
C GLY F 161 -6.75 -4.39 16.57
N GLY F 162 -7.17 -4.83 17.75
CA GLY F 162 -6.21 -5.22 18.76
C GLY F 162 -5.17 -4.14 18.96
N VAL F 163 -4.07 -4.53 19.59
CA VAL F 163 -2.85 -3.74 19.63
C VAL F 163 -1.66 -4.69 19.49
N PRO F 164 -0.44 -4.15 19.23
CA PRO F 164 0.72 -5.04 19.03
C PRO F 164 0.88 -6.04 20.15
N GLY F 165 0.98 -7.32 19.78
CA GLY F 165 1.14 -8.37 20.75
C GLY F 165 -0.17 -9.04 21.09
N VAL F 166 -1.28 -8.40 20.75
CA VAL F 166 -2.62 -8.84 21.19
C VAL F 166 -3.57 -9.02 19.99
N GLU F 167 -4.32 -10.11 19.96
CA GLU F 167 -5.11 -10.39 18.78
C GLU F 167 -6.27 -9.41 18.46
N PRO F 168 -6.45 -9.08 17.17
CA PRO F 168 -7.57 -8.23 16.78
C PRO F 168 -8.90 -9.00 16.79
N ALA F 169 -10.01 -8.30 16.59
CA ALA F 169 -11.31 -8.91 16.39
C ALA F 169 -11.36 -9.74 15.09
N ASP F 170 -12.16 -10.79 15.12
CA ASP F 170 -12.34 -11.66 13.97
C ASP F 170 -13.70 -11.32 13.37
N VAL F 171 -13.68 -10.76 12.16
CA VAL F 171 -14.88 -10.28 11.49
C VAL F 171 -15.25 -11.15 10.28
N VAL F 172 -16.49 -11.63 10.26
CA VAL F 172 -16.97 -12.36 9.11
C VAL F 172 -18.04 -11.52 8.39
N VAL F 173 -17.84 -11.31 7.09
CA VAL F 173 -18.81 -10.63 6.26
C VAL F 173 -19.40 -11.66 5.27
N ILE F 174 -20.73 -11.77 5.22
CA ILE F 174 -21.40 -12.66 4.32
C ILE F 174 -21.97 -11.85 3.17
N GLY F 175 -21.40 -12.00 1.97
CA GLY F 175 -21.82 -11.17 0.84
C GLY F 175 -20.63 -10.30 0.48
N ALA F 176 -20.20 -10.36 -0.77
CA ALA F 176 -19.06 -9.56 -1.22
C ALA F 176 -19.53 -8.58 -2.26
N GLY F 177 -20.79 -8.17 -2.20
CA GLY F 177 -21.28 -7.15 -3.13
C GLY F 177 -20.99 -5.79 -2.53
N THR F 178 -21.81 -4.78 -2.88
CA THR F 178 -21.55 -3.41 -2.45
C THR F 178 -21.45 -3.24 -0.95
N ALA F 179 -22.49 -3.63 -0.21
CA ALA F 179 -22.44 -3.49 1.22
C ALA F 179 -21.35 -4.36 1.87
N GLY F 180 -21.24 -5.65 1.48
CA GLY F 180 -20.16 -6.51 2.02
C GLY F 180 -18.74 -5.97 1.81
N TYR F 181 -18.40 -5.57 0.58
CA TYR F 181 -17.11 -4.93 0.28
C TYR F 181 -16.82 -3.69 1.17
N ASN F 182 -17.80 -2.80 1.28
CA ASN F 182 -17.65 -1.64 2.11
C ASN F 182 -17.50 -1.93 3.60
N ALA F 183 -18.22 -2.93 4.11
CA ALA F 183 -18.08 -3.31 5.51
C ALA F 183 -16.71 -3.96 5.73
N ALA F 184 -16.30 -4.87 4.82
CA ALA F 184 -14.98 -5.50 4.91
C ALA F 184 -13.88 -4.46 4.84
N ARG F 185 -14.02 -3.52 3.93
CA ARG F 185 -13.02 -2.51 3.78
C ARG F 185 -12.84 -1.66 5.05
N ILE F 186 -13.96 -1.26 5.67
CA ILE F 186 -13.88 -0.39 6.86
C ILE F 186 -13.40 -1.22 8.04
N ALA F 187 -13.89 -2.45 8.18
CA ALA F 187 -13.42 -3.33 9.23
C ALA F 187 -11.91 -3.59 9.15
N ASN F 188 -11.44 -3.88 7.96
CA ASN F 188 -10.02 -4.03 7.74
C ASN F 188 -9.23 -2.73 8.05
N GLY F 189 -9.79 -1.58 7.70
CA GLY F 189 -9.14 -0.27 7.99
C GLY F 189 -9.00 -0.03 9.48
N MET F 190 -9.93 -0.59 10.26
CA MET F 190 -9.90 -0.55 11.75
C MET F 190 -8.92 -1.56 12.39
N GLY F 191 -8.30 -2.38 11.53
CA GLY F 191 -7.32 -3.37 11.97
C GLY F 191 -7.86 -4.75 12.22
N ALA F 192 -9.15 -4.95 12.04
CA ALA F 192 -9.74 -6.27 12.23
C ALA F 192 -9.23 -7.31 11.21
N THR F 193 -9.22 -8.58 11.60
CA THR F 193 -9.03 -9.69 10.66
C THR F 193 -10.35 -10.01 9.96
N VAL F 194 -10.42 -9.76 8.65
CA VAL F 194 -11.70 -9.83 7.95
C VAL F 194 -11.74 -11.04 7.00
N THR F 195 -12.82 -11.81 7.08
CA THR F 195 -13.07 -12.91 6.14
C THR F 195 -14.42 -12.61 5.47
N VAL F 196 -14.41 -12.56 4.13
CA VAL F 196 -15.61 -12.36 3.32
C VAL F 196 -16.01 -13.67 2.61
N LEU F 197 -17.29 -14.05 2.71
CA LEU F 197 -17.80 -15.19 1.96
C LEU F 197 -18.75 -14.77 0.87
N ASP F 198 -18.71 -15.43 -0.29
CA ASP F 198 -19.71 -15.19 -1.33
C ASP F 198 -19.80 -16.44 -2.17
N ILE F 199 -20.92 -16.62 -2.88
CA ILE F 199 -21.05 -17.77 -3.80
C ILE F 199 -20.57 -17.37 -5.21
N ASN F 200 -20.34 -16.06 -5.39
CA ASN F 200 -19.79 -15.51 -6.64
C ASN F 200 -18.28 -15.39 -6.47
N ILE F 201 -17.54 -16.33 -7.06
CA ILE F 201 -16.12 -16.43 -6.82
C ILE F 201 -15.40 -15.25 -7.52
N ASP F 202 -16.01 -14.74 -8.59
CA ASP F 202 -15.51 -13.48 -9.17
C ASP F 202 -15.52 -12.31 -8.22
N LYS F 203 -16.49 -12.24 -7.30
CA LYS F 203 -16.47 -11.12 -6.31
C LYS F 203 -15.33 -11.34 -5.30
N LEU F 204 -15.06 -12.62 -4.99
CA LEU F 204 -13.90 -12.92 -4.14
C LEU F 204 -12.56 -12.52 -4.79
N ARG F 205 -12.44 -12.72 -6.13
CA ARG F 205 -11.20 -12.37 -6.83
C ARG F 205 -10.97 -10.85 -6.80
N GLN F 206 -12.05 -10.07 -6.90
CA GLN F 206 -11.95 -8.60 -6.78
C GLN F 206 -11.41 -8.20 -5.42
N LEU F 207 -11.95 -8.78 -4.34
CA LEU F 207 -11.47 -8.48 -3.00
C LEU F 207 -10.02 -8.92 -2.79
N ASP F 208 -9.67 -10.04 -3.41
CA ASP F 208 -8.33 -10.58 -3.23
C ASP F 208 -7.30 -9.65 -3.88
N ALA F 209 -7.63 -9.22 -5.09
CA ALA F 209 -6.77 -8.31 -5.83
C ALA F 209 -6.65 -6.98 -5.09
N GLU F 210 -7.78 -6.41 -4.69
CA GLU F 210 -7.82 -5.06 -4.12
C GLU F 210 -7.04 -4.85 -2.83
N PHE F 211 -7.01 -5.87 -1.98
CA PHE F 211 -6.32 -5.78 -0.70
C PHE F 211 -5.16 -6.77 -0.65
N CYS F 212 -4.66 -7.17 -1.83
CA CYS F 212 -3.61 -8.19 -1.99
CA CYS F 212 -3.54 -8.12 -1.90
C CYS F 212 -3.64 -9.30 -0.95
N GLY F 213 -4.81 -9.90 -0.78
CA GLY F 213 -4.99 -11.06 0.09
C GLY F 213 -5.17 -10.69 1.57
N ARG F 214 -5.05 -9.40 1.93
CA ARG F 214 -5.20 -9.04 3.33
C ARG F 214 -6.61 -9.35 3.87
N ILE F 215 -7.64 -9.03 3.07
CA ILE F 215 -8.99 -9.51 3.36
C ILE F 215 -9.14 -10.94 2.85
N HIS F 216 -9.30 -11.88 3.79
CA HIS F 216 -9.52 -13.25 3.43
C HIS F 216 -10.82 -13.50 2.69
N THR F 217 -10.82 -14.43 1.74
CA THR F 217 -12.03 -14.75 0.99
C THR F 217 -12.29 -16.25 1.08
N ARG F 218 -13.55 -16.60 1.27
CA ARG F 218 -13.93 -18.05 1.32
C ARG F 218 -15.20 -18.23 0.53
N TYR F 219 -15.19 -19.23 -0.35
CA TYR F 219 -16.41 -19.65 -1.03
C TYR F 219 -17.52 -19.97 0.00
N SER F 220 -18.73 -19.44 -0.22
CA SER F 220 -19.79 -19.54 0.77
C SER F 220 -20.52 -20.86 0.61
N SER F 221 -20.30 -21.79 1.51
CA SER F 221 -21.14 -22.97 1.59
C SER F 221 -21.59 -23.04 3.03
N ALA F 222 -22.64 -23.80 3.31
CA ALA F 222 -23.12 -23.92 4.69
C ALA F 222 -22.00 -24.32 5.64
N TYR F 223 -21.20 -25.27 5.19
CA TYR F 223 -20.12 -25.81 6.02
C TYR F 223 -19.07 -24.73 6.32
N GLU F 224 -18.65 -23.97 5.29
CA GLU F 224 -17.64 -22.94 5.51
C GLU F 224 -18.24 -21.89 6.40
N LEU F 225 -19.51 -21.60 6.19
CA LEU F 225 -20.15 -20.46 6.84
C LEU F 225 -20.28 -20.74 8.33
N GLU F 226 -20.62 -21.97 8.69
CA GLU F 226 -20.71 -22.30 10.10
C GLU F 226 -19.37 -22.38 10.82
N GLY F 227 -18.29 -22.85 10.17
CA GLY F 227 -16.95 -22.70 10.75
C GLY F 227 -16.58 -21.23 10.99
N ALA F 228 -16.85 -20.40 9.99
CA ALA F 228 -16.42 -18.98 10.05
C ALA F 228 -17.16 -18.22 11.15
N VAL F 229 -18.45 -18.44 11.23
CA VAL F 229 -19.33 -17.77 12.21
C VAL F 229 -18.99 -18.17 13.66
N LYS F 230 -18.67 -19.45 13.88
CA LYS F 230 -18.28 -19.91 15.21
C LYS F 230 -17.02 -19.26 15.76
N ARG F 231 -16.16 -18.77 14.88
CA ARG F 231 -14.90 -18.14 15.27
C ARG F 231 -14.99 -16.61 15.33
N ALA F 232 -16.12 -16.06 14.85
CA ALA F 232 -16.33 -14.61 14.70
C ALA F 232 -16.61 -13.89 16.02
N ASP F 233 -16.03 -12.71 16.15
CA ASP F 233 -16.46 -11.75 17.16
C ASP F 233 -17.62 -10.92 16.58
N LEU F 234 -17.57 -10.69 15.28
CA LEU F 234 -18.54 -9.85 14.57
C LEU F 234 -18.92 -10.52 13.25
N VAL F 235 -20.20 -10.58 12.97
CA VAL F 235 -20.69 -11.15 11.73
C VAL F 235 -21.54 -10.05 11.10
N ILE F 236 -21.29 -9.80 9.83
CA ILE F 236 -22.07 -8.84 9.09
C ILE F 236 -22.75 -9.53 7.92
N GLY F 237 -24.08 -9.47 7.90
CA GLY F 237 -24.88 -10.17 6.91
C GLY F 237 -25.23 -9.20 5.80
N ALA F 238 -24.73 -9.46 4.59
CA ALA F 238 -24.79 -8.49 3.53
C ALA F 238 -25.18 -9.19 2.21
N VAL F 239 -26.03 -10.21 2.27
CA VAL F 239 -26.39 -10.94 1.03
C VAL F 239 -27.60 -10.29 0.35
N LEU F 240 -27.67 -10.35 -0.97
CA LEU F 240 -28.84 -9.96 -1.71
C LEU F 240 -29.09 -10.87 -2.90
N VAL F 241 -30.38 -11.21 -3.12
CA VAL F 241 -30.86 -11.53 -4.47
C VAL F 241 -31.85 -10.44 -4.87
N PRO F 242 -31.56 -9.68 -5.94
CA PRO F 242 -32.32 -8.44 -6.22
C PRO F 242 -33.85 -8.56 -6.15
N GLY F 243 -34.47 -7.76 -5.27
CA GLY F 243 -35.93 -7.80 -5.10
C GLY F 243 -36.51 -8.98 -4.33
N ALA F 244 -35.66 -9.90 -3.95
CA ALA F 244 -36.09 -11.13 -3.26
C ALA F 244 -35.91 -11.02 -1.74
N LYS F 245 -36.69 -11.82 -1.03
CA LYS F 245 -36.60 -11.96 0.41
C LYS F 245 -35.24 -12.61 0.67
N ALA F 246 -34.52 -12.13 1.68
CA ALA F 246 -33.17 -12.67 1.98
C ALA F 246 -33.23 -14.14 2.40
N PRO F 247 -32.24 -14.96 2.00
CA PRO F 247 -32.18 -16.32 2.54
C PRO F 247 -31.67 -16.24 3.96
N LYS F 248 -32.10 -17.18 4.81
CA LYS F 248 -31.63 -17.33 6.19
C LYS F 248 -30.43 -18.26 6.16
N LEU F 249 -29.24 -17.71 6.35
CA LEU F 249 -27.99 -18.46 6.22
C LEU F 249 -27.43 -18.77 7.59
N VAL F 250 -27.86 -18.00 8.60
CA VAL F 250 -27.34 -18.16 9.94
C VAL F 250 -28.46 -18.57 10.88
N SER F 251 -28.50 -19.87 11.21
CA SER F 251 -29.53 -20.44 12.08
C SER F 251 -29.30 -20.07 13.55
N ASN F 252 -30.39 -20.04 14.32
CA ASN F 252 -30.34 -19.84 15.78
C ASN F 252 -29.51 -20.89 16.50
N SER F 253 -29.57 -22.14 16.06
CA SER F 253 -28.69 -23.15 16.66
C SER F 253 -27.21 -22.93 16.35
N LEU F 254 -26.88 -22.36 15.18
CA LEU F 254 -25.50 -21.88 14.94
C LEU F 254 -25.15 -20.74 15.93
N VAL F 255 -26.07 -19.83 16.14
CA VAL F 255 -25.81 -18.70 17.03
C VAL F 255 -25.50 -19.21 18.43
N ALA F 256 -26.16 -20.31 18.80
CA ALA F 256 -25.95 -20.95 20.09
C ALA F 256 -24.48 -21.39 20.34
N HIS F 257 -23.76 -21.67 19.26
CA HIS F 257 -22.38 -22.10 19.34
C HIS F 257 -21.36 -20.98 19.18
N MET F 258 -21.81 -19.74 19.09
CA MET F 258 -20.91 -18.59 18.89
C MET F 258 -20.29 -18.19 20.22
N LYS F 259 -19.31 -17.29 20.17
CA LYS F 259 -18.65 -16.78 21.36
C LYS F 259 -19.63 -15.91 22.11
N PRO F 260 -19.67 -16.03 23.45
CA PRO F 260 -20.43 -15.10 24.27
C PRO F 260 -20.06 -13.64 24.00
N GLY F 261 -21.05 -12.80 23.78
CA GLY F 261 -20.80 -11.39 23.48
C GLY F 261 -20.46 -11.02 22.04
N ALA F 262 -20.58 -11.99 21.14
CA ALA F 262 -20.45 -11.75 19.68
C ALA F 262 -21.56 -10.83 19.18
N VAL F 263 -21.26 -10.07 18.13
CA VAL F 263 -22.20 -9.08 17.58
C VAL F 263 -22.52 -9.48 16.13
N LEU F 264 -23.80 -9.48 15.78
CA LEU F 264 -24.23 -9.82 14.43
C LEU F 264 -25.04 -8.68 13.89
N VAL F 265 -24.53 -8.05 12.83
CA VAL F 265 -25.22 -6.93 12.19
C VAL F 265 -25.86 -7.43 10.91
N ASP F 266 -27.19 -7.37 10.82
CA ASP F 266 -27.86 -7.85 9.62
C ASP F 266 -28.22 -6.69 8.71
N ILE F 267 -27.35 -6.40 7.74
CA ILE F 267 -27.61 -5.26 6.84
C ILE F 267 -28.83 -5.63 5.96
N ALA F 268 -28.93 -6.92 5.64
CA ALA F 268 -30.01 -7.45 4.79
C ALA F 268 -31.37 -7.49 5.45
N ILE F 269 -31.48 -6.96 6.67
CA ILE F 269 -32.78 -6.86 7.36
C ILE F 269 -33.84 -6.14 6.50
N ASP F 270 -33.41 -5.23 5.63
CA ASP F 270 -34.40 -4.52 4.79
C ASP F 270 -35.14 -5.47 3.84
N GLN F 271 -34.52 -6.62 3.52
CA GLN F 271 -35.20 -7.62 2.69
C GLN F 271 -35.62 -8.85 3.52
N GLY F 272 -35.78 -8.71 4.84
CA GLY F 272 -36.20 -9.81 5.72
C GLY F 272 -35.16 -10.36 6.70
N GLY F 273 -33.86 -10.12 6.45
CA GLY F 273 -32.80 -10.58 7.35
C GLY F 273 -32.22 -11.88 6.83
N CYS F 274 -30.89 -12.02 6.81
CA CYS F 274 -30.26 -13.33 6.49
C CYS F 274 -29.88 -14.17 7.70
N PHE F 275 -30.19 -13.68 8.91
CA PHE F 275 -30.08 -14.52 10.11
C PHE F 275 -31.45 -15.04 10.52
N GLU F 276 -31.56 -16.30 10.90
CA GLU F 276 -32.86 -16.80 11.37
C GLU F 276 -33.50 -15.94 12.46
N GLY F 277 -32.72 -15.46 13.42
CA GLY F 277 -33.30 -14.71 14.55
C GLY F 277 -33.53 -13.22 14.30
N SER F 278 -33.26 -12.76 13.10
CA SER F 278 -33.33 -11.33 12.85
C SER F 278 -34.75 -10.81 12.82
N ARG F 279 -34.95 -9.61 13.34
CA ARG F 279 -36.20 -8.89 13.13
C ARG F 279 -35.93 -7.38 13.27
N PRO F 280 -36.74 -6.54 12.59
CA PRO F 280 -36.39 -5.14 12.43
C PRO F 280 -36.26 -4.47 13.77
N THR F 281 -35.09 -3.90 14.04
CA THR F 281 -34.92 -3.00 15.17
C THR F 281 -34.87 -1.56 14.67
N THR F 282 -34.59 -0.63 15.56
CA THR F 282 -34.83 0.79 15.35
C THR F 282 -33.61 1.55 15.89
N TYR F 283 -33.34 2.76 15.40
CA TYR F 283 -32.18 3.50 15.96
C TYR F 283 -32.33 3.83 17.48
N ASP F 284 -33.57 3.87 17.95
CA ASP F 284 -33.88 4.02 19.38
C ASP F 284 -33.52 2.77 20.15
N HIS F 285 -33.85 1.60 19.59
CA HIS F 285 -33.60 0.31 20.25
C HIS F 285 -33.02 -0.66 19.24
N PRO F 286 -31.72 -0.51 18.94
CA PRO F 286 -31.14 -1.23 17.81
C PRO F 286 -30.75 -2.71 18.05
N THR F 287 -30.51 -3.11 19.31
CA THR F 287 -30.04 -4.44 19.61
C THR F 287 -31.01 -5.26 20.44
N PHE F 288 -30.84 -6.58 20.35
CA PHE F 288 -31.51 -7.55 21.21
C PHE F 288 -30.70 -8.85 21.28
N ALA F 289 -30.91 -9.63 22.34
CA ALA F 289 -30.13 -10.85 22.55
C ALA F 289 -30.69 -12.05 21.76
N VAL F 290 -29.78 -12.81 21.14
CA VAL F 290 -30.11 -14.13 20.64
C VAL F 290 -29.07 -15.07 21.27
N HIS F 291 -29.53 -15.98 22.13
CA HIS F 291 -28.62 -16.78 22.98
C HIS F 291 -27.66 -15.83 23.67
N ASP F 292 -26.36 -16.07 23.58
CA ASP F 292 -25.40 -15.18 24.27
C ASP F 292 -24.78 -14.13 23.36
N THR F 293 -25.54 -13.70 22.38
CA THR F 293 -25.05 -12.93 21.24
C THR F 293 -25.91 -11.66 21.15
N LEU F 294 -25.41 -10.57 20.54
CA LEU F 294 -26.21 -9.35 20.30
C LEU F 294 -26.52 -9.13 18.81
N PHE F 295 -27.80 -9.01 18.48
CA PHE F 295 -28.24 -8.80 17.11
C PHE F 295 -28.47 -7.33 16.93
N TYR F 296 -28.05 -6.82 15.78
CA TYR F 296 -28.29 -5.44 15.36
C TYR F 296 -29.01 -5.52 14.00
N CYS F 297 -30.24 -4.97 13.93
CA CYS F 297 -31.10 -5.14 12.73
C CYS F 297 -31.85 -3.86 12.31
N VAL F 298 -31.11 -2.79 12.05
CA VAL F 298 -31.73 -1.53 11.63
C VAL F 298 -31.91 -1.55 10.11
N ALA F 299 -33.14 -1.36 9.66
CA ALA F 299 -33.48 -1.43 8.23
C ALA F 299 -33.41 -0.05 7.51
N ASN F 300 -33.03 0.99 8.24
CA ASN F 300 -32.72 2.27 7.62
C ASN F 300 -31.41 2.86 8.14
N MET F 301 -30.36 2.03 8.12
CA MET F 301 -29.04 2.44 8.63
C MET F 301 -28.55 3.82 8.13
N PRO F 302 -28.65 4.11 6.81
CA PRO F 302 -28.07 5.37 6.35
C PRO F 302 -28.75 6.64 6.88
N ALA F 303 -29.89 6.49 7.56
CA ALA F 303 -30.61 7.61 8.18
C ALA F 303 -29.76 8.39 9.20
N SER F 304 -28.77 7.74 9.82
CA SER F 304 -28.00 8.40 10.90
C SER F 304 -26.89 9.34 10.38
N VAL F 305 -26.56 9.22 9.10
CA VAL F 305 -25.53 10.03 8.51
C VAL F 305 -26.15 10.79 7.31
N PRO F 306 -27.20 11.61 7.58
CA PRO F 306 -27.98 12.26 6.48
C PRO F 306 -27.18 13.29 5.65
N LYS F 307 -26.20 13.95 6.25
CA LYS F 307 -25.32 14.87 5.50
C LYS F 307 -24.57 14.10 4.39
N THR F 308 -24.25 12.83 4.63
CA THR F 308 -23.63 12.00 3.63
C THR F 308 -24.71 11.35 2.72
N SER F 309 -25.71 10.71 3.34
CA SER F 309 -26.56 9.75 2.62
C SER F 309 -27.63 10.45 1.77
N THR F 310 -28.11 11.61 2.21
CA THR F 310 -29.07 12.38 1.40
C THR F 310 -28.46 12.75 0.05
N TYR F 311 -27.22 13.25 0.07
CA TYR F 311 -26.55 13.64 -1.17
C TYR F 311 -26.13 12.42 -2.00
N ALA F 312 -25.61 11.38 -1.35
CA ALA F 312 -25.28 10.17 -2.06
C ALA F 312 -26.49 9.64 -2.80
N LEU F 313 -27.65 9.63 -2.15
CA LEU F 313 -28.85 9.09 -2.76
C LEU F 313 -29.31 9.96 -3.93
N THR F 314 -29.48 11.25 -3.68
CA THR F 314 -30.09 12.12 -4.64
C THR F 314 -29.17 12.27 -5.84
N ASN F 315 -27.87 12.10 -5.63
CA ASN F 315 -26.94 12.12 -6.77
C ASN F 315 -27.28 11.04 -7.80
N ALA F 316 -27.68 9.85 -7.30
CA ALA F 316 -28.07 8.71 -8.11
C ALA F 316 -29.52 8.75 -8.61
N THR F 317 -30.47 9.14 -7.75
CA THR F 317 -31.88 9.10 -8.15
C THR F 317 -32.27 10.22 -9.12
N MET F 318 -31.60 11.36 -8.99
CA MET F 318 -32.14 12.55 -9.64
C MET F 318 -32.28 12.44 -11.17
N PRO F 319 -31.27 11.89 -11.88
CA PRO F 319 -31.54 11.68 -13.32
C PRO F 319 -32.83 10.92 -13.66
N TYR F 320 -33.22 9.90 -12.88
CA TYR F 320 -34.45 9.15 -13.10
C TYR F 320 -35.69 9.95 -12.72
N VAL F 321 -35.55 10.80 -11.69
CA VAL F 321 -36.64 11.67 -11.28
C VAL F 321 -37.00 12.61 -12.43
N LEU F 322 -36.00 13.25 -13.00
CA LEU F 322 -36.17 14.14 -14.14
C LEU F 322 -36.88 13.50 -15.30
N GLU F 323 -36.59 12.24 -15.61
CA GLU F 323 -37.26 11.54 -16.72
C GLU F 323 -38.70 11.20 -16.40
N LEU F 324 -38.97 10.82 -15.14
CA LEU F 324 -40.33 10.62 -14.67
C LEU F 324 -41.15 11.91 -14.70
N ALA F 325 -40.58 13.02 -14.24
CA ALA F 325 -41.29 14.29 -14.22
C ALA F 325 -41.61 14.70 -15.65
N ASP F 326 -40.58 14.70 -16.49
CA ASP F 326 -40.71 15.19 -17.85
C ASP F 326 -41.72 14.43 -18.70
N HIS F 327 -41.81 13.10 -18.52
CA HIS F 327 -42.48 12.21 -19.49
C HIS F 327 -43.54 11.25 -18.93
N GLY F 328 -43.69 11.18 -17.61
CA GLY F 328 -44.63 10.25 -17.01
C GLY F 328 -43.99 8.87 -16.93
N TRP F 329 -44.53 8.03 -16.06
CA TRP F 329 -43.88 6.76 -15.77
C TRP F 329 -43.84 5.87 -17.01
N ARG F 330 -44.85 5.95 -17.85
CA ARG F 330 -45.01 4.92 -18.86
C ARG F 330 -44.01 5.14 -19.99
N ALA F 331 -43.98 6.38 -20.50
CA ALA F 331 -42.98 6.81 -21.49
C ALA F 331 -41.53 6.67 -20.98
N ALA F 332 -41.29 7.04 -19.73
CA ALA F 332 -39.96 6.96 -19.13
C ALA F 332 -39.47 5.49 -19.02
N CYS F 333 -40.38 4.59 -18.64
CA CYS F 333 -40.02 3.18 -18.50
C CYS F 333 -39.81 2.56 -19.87
N ARG F 334 -40.65 2.95 -20.82
CA ARG F 334 -40.51 2.53 -22.20
C ARG F 334 -39.13 2.92 -22.77
N SER F 335 -38.69 4.14 -22.49
CA SER F 335 -37.40 4.62 -23.01
C SER F 335 -36.21 3.99 -22.29
N ASN F 336 -36.41 3.66 -21.02
CA ASN F 336 -35.34 3.21 -20.14
C ASN F 336 -35.62 1.85 -19.44
N PRO F 337 -35.12 0.75 -20.03
CA PRO F 337 -35.29 -0.57 -19.39
C PRO F 337 -34.83 -0.71 -17.93
N ALA F 338 -33.76 0.00 -17.54
CA ALA F 338 -33.31 0.01 -16.13
C ALA F 338 -34.39 0.52 -15.19
N LEU F 339 -34.98 1.68 -15.51
CA LEU F 339 -36.10 2.24 -14.76
C LEU F 339 -37.33 1.30 -14.79
N ALA F 340 -37.64 0.71 -15.94
CA ALA F 340 -38.71 -0.28 -16.03
C ALA F 340 -38.58 -1.47 -15.05
N LYS F 341 -37.34 -1.95 -14.83
CA LYS F 341 -37.09 -3.01 -13.87
C LYS F 341 -37.51 -2.66 -12.45
N GLY F 342 -37.58 -1.38 -12.13
CA GLY F 342 -38.08 -0.92 -10.84
C GLY F 342 -39.57 -1.01 -10.66
N LEU F 343 -40.33 -1.14 -11.76
CA LEU F 343 -41.80 -1.08 -11.73
C LEU F 343 -42.31 -2.13 -10.75
N SER F 344 -43.20 -1.76 -9.83
CA SER F 344 -43.58 -2.69 -8.76
C SER F 344 -45.07 -2.91 -8.74
N THR F 345 -45.84 -1.83 -8.71
CA THR F 345 -47.30 -1.93 -8.78
C THR F 345 -47.93 -0.96 -9.80
N HIS F 346 -49.08 -1.35 -10.33
CA HIS F 346 -49.87 -0.44 -11.11
C HIS F 346 -51.32 -0.89 -11.14
N GLU F 347 -52.20 -0.04 -10.62
CA GLU F 347 -53.63 -0.27 -10.67
C GLU F 347 -53.99 -1.68 -10.17
N GLY F 348 -53.37 -2.10 -9.07
CA GLY F 348 -53.69 -3.41 -8.47
C GLY F 348 -52.94 -4.61 -9.01
N ALA F 349 -52.06 -4.40 -9.98
CA ALA F 349 -51.18 -5.46 -10.48
C ALA F 349 -49.80 -5.34 -9.87
N LEU F 350 -49.26 -6.51 -9.52
CA LEU F 350 -47.93 -6.65 -8.98
C LEU F 350 -47.01 -6.98 -10.14
N LEU F 351 -46.04 -6.10 -10.38
CA LEU F 351 -45.24 -6.19 -11.60
C LEU F 351 -43.87 -6.79 -11.37
N SER F 352 -43.60 -7.19 -10.13
CA SER F 352 -42.31 -7.73 -9.80
C SER F 352 -42.41 -9.24 -9.58
N GLU F 353 -41.76 -9.97 -10.46
CA GLU F 353 -41.79 -11.41 -10.41
C GLU F 353 -41.29 -12.01 -9.10
N ARG F 354 -40.11 -11.63 -8.64
CA ARG F 354 -39.54 -12.11 -7.36
C ARG F 354 -40.43 -11.85 -6.17
N VAL F 355 -40.99 -10.66 -6.09
CA VAL F 355 -41.92 -10.31 -5.02
C VAL F 355 -43.16 -11.17 -5.11
N ALA F 356 -43.70 -11.32 -6.32
CA ALA F 356 -44.88 -12.14 -6.49
C ALA F 356 -44.58 -13.59 -6.07
N THR F 357 -43.45 -14.13 -6.51
CA THR F 357 -43.02 -15.47 -6.11
C THR F 357 -42.87 -15.56 -4.60
N ASP F 358 -42.12 -14.65 -4.00
CA ASP F 358 -41.90 -14.64 -2.54
C ASP F 358 -43.15 -14.41 -1.66
N LEU F 359 -44.11 -13.64 -2.12
CA LEU F 359 -45.32 -13.37 -1.32
C LEU F 359 -46.44 -14.37 -1.58
N GLY F 360 -46.28 -15.18 -2.64
CA GLY F 360 -47.32 -16.13 -3.05
C GLY F 360 -48.52 -15.43 -3.67
N VAL F 361 -48.25 -14.38 -4.44
CA VAL F 361 -49.24 -13.42 -4.99
C VAL F 361 -49.22 -13.38 -6.55
N PRO F 362 -50.38 -13.13 -7.22
CA PRO F 362 -50.31 -13.14 -8.70
C PRO F 362 -49.37 -12.09 -9.32
N PHE F 363 -48.59 -12.54 -10.31
CA PHE F 363 -47.63 -11.74 -11.04
C PHE F 363 -48.24 -11.31 -12.37
N THR F 364 -48.11 -10.01 -12.65
CA THR F 364 -48.50 -9.43 -13.94
C THR F 364 -47.22 -8.98 -14.62
N GLU F 365 -47.02 -9.47 -15.83
CA GLU F 365 -45.88 -9.11 -16.66
C GLU F 365 -45.81 -7.58 -16.90
N PRO F 366 -44.68 -6.92 -16.58
CA PRO F 366 -44.57 -5.45 -16.78
C PRO F 366 -44.70 -4.95 -18.23
N ALA F 367 -44.30 -5.77 -19.20
CA ALA F 367 -44.48 -5.44 -20.62
C ALA F 367 -45.96 -5.30 -21.00
N SER F 368 -46.86 -5.99 -20.29
CA SER F 368 -48.27 -5.84 -20.55
C SER F 368 -48.72 -4.42 -20.22
N VAL F 369 -48.20 -3.88 -19.13
CA VAL F 369 -48.52 -2.53 -18.69
C VAL F 369 -47.82 -1.44 -19.52
N LEU F 370 -46.78 -1.85 -20.26
CA LEU F 370 -46.02 -0.93 -21.10
C LEU F 370 -46.29 -1.08 -22.59
N ALA F 371 -47.15 -2.05 -22.95
CA ALA F 371 -47.51 -2.33 -24.35
C ALA F 371 -48.04 -1.11 -25.11
N HIS F 372 -47.73 -1.06 -26.40
CA HIS F 372 -48.24 -0.03 -27.30
C HIS F 372 -49.65 -0.38 -27.77
N HIS F 373 -50.41 0.66 -28.13
CA HIS F 373 -51.77 0.50 -28.64
C HIS F 373 -51.86 0.94 -30.11
#